data_5DIF
#
_entry.id   5DIF
#
_cell.length_a   105.993
_cell.length_b   105.993
_cell.length_c   304.063
_cell.angle_alpha   90.000
_cell.angle_beta   90.000
_cell.angle_gamma   90.000
#
_symmetry.space_group_name_H-M   'P 43 21 2'
#
loop_
_entity.id
_entity.type
_entity.pdbx_description
1 polymer 'GTP-binding nuclear protein Ran'
2 polymer 'Ran-specific GTPase-activating protein 1'
3 polymer Exportin-1
4 polymer 'Cytoplasmic polyadenylation element-binding protein 4'
5 non-polymer 'PHOSPHOAMINOPHOSPHONIC ACID-GUANYLATE ESTER'
6 non-polymer 'MAGNESIUM ION'
7 non-polymer GLYCEROL
8 non-polymer 'CHLORIDE ION'
9 water water
#
loop_
_entity_poly.entity_id
_entity_poly.type
_entity_poly.pdbx_seq_one_letter_code
_entity_poly.pdbx_strand_id
1 'polypeptide(L)'
;METGSSHHHHHHSSGLPRGSHMAAQGEPQVQFKLVLVGDGGTGKTTFVKRHLTGEFEKKYVATLGVEVHPLVFHTNRGPI
KFNVWDTAGQEKFGGLRDGYYIQAQCAIIMFDVTSRVTYKNVPNWHRDLVRVCENIPIVLCGNKVDIKDRKVKAKSIVFH
RKKNLQYYDISAKSNYNFEKPFLWLARKLIGDPNLEFVAMPALAPPEVVMDPALAAQYEHDLEVAQTTALPDEDDDL
;
A
2 'polypeptide(L)'
;GGSDIHFEPVVHLEKVDVKTMEEDEEVLYKVRAKLFRFDADAKEWKERGTGDCKFLKNKKTNKVRILMRRDKTLKICANH
IIAPEYTLKPNVGSDRSWVYACTADIAEGEAEAFTFAIRFGSKENADKFKEEFEKAQEINKKA
;
B
3 'polypeptide(L)'
;GGSMEGILDFSNDLDIALLDQVVSTFYQGSGVQQKQAQEILTKFQDNPDAWQKADQILQFSTNPQSKFIALSILDKLITR
KWKLLPNDHRIGIRNFVVGMIISMCQDDEVFKTQKNLINKSDLTLVQILKQEWPQNWPEFIPELIGSSSSSVNVCENNMI
VLKLLSEEVFDFSAEQMTQAKALHLKNSMSKEFEQIFKLCFQVLEQGSSSSLIVATLESLLRYLHWIPYRYIYETNILEL
LSTKFMTSPDTRAITLKCLTEVSNLKIPQDNDLIKRQTVLFFQNTLQQIATSVMPVTADLKATYANANGNDQSFLQDLAM
FLTTYLARNRALLESDESLRELLLNAHQYLIQLSKIEERELFKTTLDYWHNLVADLFYEPLKKHIYEEICSQLRLVIIEN
MVRPEEDLVVENDEGEIVREFVKESDTIQLYKSEREVLVYLTHLNVIDTEEIMISKLARQIDGSEWSWHNINTLSWAIGS
ISGTMSEDTEKRFVVTVIKDLLGLCEQKRGKDNKAVVASDIMYVVGQYPRFLKAHWNFLRTVILKLFEFMHETHEGVQDM
ACDTFIKIVQKCKYHFVIQQPRESEPFIQTIIRDIQKTTADLQPQQVHTFYKACGIIISEERSVAERNRLLSDLMQLPNM
AWDTIVEQSTANPTLLLDSETVKIIANIIKTNVAVCTSMGADFYPQLGHIYYNMLQLYRAVSSMISAQVAAEGLIATKTP
KVRGLRTIKKEILKLVETYISKARNLDDVVKVLVEPLLNAVLEDYMNNVPDARDAEVLNCMTTVVEKVGHMIPQGVILIL
QSVFECTLDMINKDFTEYPEHRVEFYKLLKVINEKSFAAFLELPPAAFKLFVDAICWAFKHNNRDVEVNGLQIALDLVKN
IERMGNVPFANEFHKNYFFIFVSETFFVLTDSDHKSGFSKQALLLMKLISLVYDNKISVPLYQEAEVPQGTSNQVYLSQY
LANMLSNAFPHLTSEQIASFLSALTKQCKDLVVFKGTLRDFLVQIKEVGGDPTDYLFAEDKENA
;
C
4 'polypeptide(L)' GGSYRTFDMHSLESSLIDI D
#
loop_
_chem_comp.id
_chem_comp.type
_chem_comp.name
_chem_comp.formula
CL non-polymer 'CHLORIDE ION' 'Cl -1'
GNP non-polymer 'PHOSPHOAMINOPHOSPHONIC ACID-GUANYLATE ESTER' 'C10 H17 N6 O13 P3'
GOL non-polymer GLYCEROL 'C3 H8 O3'
MG non-polymer 'MAGNESIUM ION' 'Mg 2'
#
# COMPACT_ATOMS: atom_id res chain seq x y z
N GLN A 29 -22.87 9.96 -26.17
CA GLN A 29 -22.52 9.60 -24.80
C GLN A 29 -21.05 9.88 -24.53
N VAL A 30 -20.78 10.54 -23.41
CA VAL A 30 -19.42 10.92 -23.04
C VAL A 30 -18.70 9.78 -22.34
N GLN A 31 -17.89 9.03 -23.09
CA GLN A 31 -17.17 7.90 -22.52
C GLN A 31 -15.66 7.98 -22.75
N PHE A 32 -14.91 7.42 -21.81
CA PHE A 32 -13.45 7.47 -21.83
C PHE A 32 -12.86 6.09 -21.57
N LYS A 33 -11.89 5.70 -22.39
CA LYS A 33 -11.20 4.43 -22.18
C LYS A 33 -10.17 4.57 -21.08
N LEU A 34 -10.33 3.74 -20.05
CA LEU A 34 -9.38 3.69 -18.93
C LEU A 34 -8.73 2.32 -18.90
N VAL A 35 -7.39 2.30 -18.87
CA VAL A 35 -6.65 1.06 -18.70
C VAL A 35 -6.09 0.98 -17.29
N LEU A 36 -6.25 -0.20 -16.69
CA LEU A 36 -5.83 -0.45 -15.32
C LEU A 36 -4.75 -1.51 -15.37
N VAL A 37 -3.56 -1.17 -14.88
CA VAL A 37 -2.40 -2.06 -14.96
C VAL A 37 -1.66 -2.16 -13.63
N GLY A 38 -0.86 -3.21 -13.49
CA GLY A 38 -0.09 -3.43 -12.29
C GLY A 38 0.12 -4.91 -12.04
N ASP A 39 1.00 -5.23 -11.10
CA ASP A 39 1.35 -6.62 -10.81
C ASP A 39 0.12 -7.45 -10.44
N GLY A 40 0.23 -8.76 -10.66
CA GLY A 40 -0.81 -9.68 -10.27
C GLY A 40 -1.00 -9.65 -8.76
N GLY A 41 -2.26 -9.59 -8.34
CA GLY A 41 -2.60 -9.71 -6.94
C GLY A 41 -2.66 -8.37 -6.21
N THR A 42 -2.52 -7.28 -6.95
CA THR A 42 -2.45 -5.95 -6.35
C THR A 42 -3.84 -5.40 -6.05
N GLY A 43 -4.87 -6.00 -6.63
CA GLY A 43 -6.25 -5.68 -6.30
C GLY A 43 -7.00 -4.92 -7.38
N LYS A 44 -6.48 -4.96 -8.60
CA LYS A 44 -7.08 -4.25 -9.72
C LYS A 44 -8.54 -4.67 -9.95
N THR A 45 -8.77 -5.97 -10.08
CA THR A 45 -10.10 -6.48 -10.38
C THR A 45 -11.05 -6.27 -9.20
N THR A 46 -10.54 -6.44 -7.98
CA THR A 46 -11.34 -6.25 -6.78
C THR A 46 -11.79 -4.79 -6.67
N PHE A 47 -10.87 -3.88 -7.00
CA PHE A 47 -11.14 -2.45 -6.99
C PHE A 47 -12.28 -2.11 -7.97
N VAL A 48 -12.17 -2.62 -9.19
CA VAL A 48 -13.19 -2.37 -10.20
C VAL A 48 -14.53 -2.98 -9.80
N LYS A 49 -14.50 -4.21 -9.27
CA LYS A 49 -15.74 -4.87 -8.85
C LYS A 49 -16.45 -4.09 -7.76
N ARG A 50 -15.68 -3.57 -6.81
CA ARG A 50 -16.22 -2.75 -5.73
C ARG A 50 -17.01 -1.59 -6.31
N HIS A 51 -16.46 -0.96 -7.34
CA HIS A 51 -17.12 0.17 -7.99
C HIS A 51 -18.31 -0.26 -8.84
N LEU A 52 -18.26 -1.47 -9.38
CA LEU A 52 -19.33 -1.94 -10.26
C LEU A 52 -20.57 -2.38 -9.48
N THR A 53 -20.38 -3.16 -8.43
CA THR A 53 -21.49 -3.80 -7.72
C THR A 53 -21.53 -3.47 -6.23
N GLY A 54 -20.43 -2.96 -5.69
CA GLY A 54 -20.35 -2.67 -4.27
C GLY A 54 -19.79 -3.83 -3.46
N GLU A 55 -19.55 -4.96 -4.11
CA GLU A 55 -19.09 -6.16 -3.43
C GLU A 55 -17.57 -6.13 -3.21
N PHE A 56 -17.11 -6.90 -2.22
CA PHE A 56 -15.68 -7.13 -2.03
C PHE A 56 -15.36 -8.60 -2.23
N GLU A 57 -14.63 -8.90 -3.31
CA GLU A 57 -14.26 -10.28 -3.62
C GLU A 57 -13.01 -10.68 -2.84
N LYS A 58 -13.17 -11.65 -1.94
CA LYS A 58 -12.06 -12.15 -1.14
C LYS A 58 -11.13 -13.05 -1.93
N LYS A 59 -11.68 -13.80 -2.89
CA LYS A 59 -10.91 -14.77 -3.64
C LYS A 59 -10.08 -14.11 -4.75
N TYR A 60 -8.89 -14.67 -4.99
CA TYR A 60 -8.03 -14.19 -6.07
C TYR A 60 -8.19 -15.10 -7.28
N VAL A 61 -9.00 -14.63 -8.24
CA VAL A 61 -9.11 -15.28 -9.54
C VAL A 61 -8.40 -14.41 -10.57
N ALA A 62 -7.28 -14.90 -11.09
CA ALA A 62 -6.43 -14.12 -11.97
C ALA A 62 -7.17 -13.72 -13.25
N THR A 63 -7.04 -12.45 -13.61
CA THR A 63 -7.61 -11.97 -14.85
C THR A 63 -6.85 -12.56 -16.03
N LEU A 64 -7.59 -12.97 -17.05
CA LEU A 64 -6.99 -13.56 -18.25
C LEU A 64 -7.03 -12.56 -19.39
N GLY A 65 -5.87 -11.97 -19.68
CA GLY A 65 -5.78 -10.96 -20.72
C GLY A 65 -6.36 -9.63 -20.25
N VAL A 66 -7.65 -9.44 -20.50
CA VAL A 66 -8.33 -8.22 -20.07
C VAL A 66 -9.83 -8.46 -19.86
N GLU A 67 -10.42 -7.68 -18.97
CA GLU A 67 -11.88 -7.63 -18.85
C GLU A 67 -12.35 -6.18 -18.92
N VAL A 68 -13.30 -5.94 -19.81
CA VAL A 68 -13.81 -4.59 -20.05
C VAL A 68 -15.15 -4.41 -19.36
N HIS A 69 -15.22 -3.40 -18.49
N HIS A 69 -15.24 -3.42 -18.47
CA HIS A 69 -16.42 -3.09 -17.72
CA HIS A 69 -16.49 -3.15 -17.76
C HIS A 69 -16.82 -1.62 -17.88
C HIS A 69 -16.87 -1.67 -17.79
N PRO A 70 -18.05 -1.35 -18.34
CA PRO A 70 -18.52 0.04 -18.30
C PRO A 70 -18.75 0.51 -16.87
N LEU A 71 -18.38 1.74 -16.58
CA LEU A 71 -18.53 2.30 -15.25
C LEU A 71 -18.94 3.76 -15.35
N VAL A 72 -20.11 4.08 -14.81
CA VAL A 72 -20.66 5.42 -14.92
C VAL A 72 -20.71 6.10 -13.55
N PHE A 73 -20.29 7.36 -13.53
CA PHE A 73 -20.42 8.21 -12.36
C PHE A 73 -21.30 9.40 -12.69
N HIS A 74 -22.16 9.78 -11.75
CA HIS A 74 -22.99 10.96 -11.92
C HIS A 74 -22.31 12.15 -11.29
N THR A 75 -22.16 13.22 -12.08
CA THR A 75 -21.44 14.41 -11.65
C THR A 75 -22.28 15.65 -11.91
N ASN A 76 -21.84 16.78 -11.37
CA ASN A 76 -22.52 18.06 -11.62
C ASN A 76 -22.35 18.54 -13.07
N ARG A 77 -21.56 17.80 -13.85
CA ARG A 77 -21.39 18.08 -15.27
C ARG A 77 -22.07 17.01 -16.12
N GLY A 78 -23.00 16.29 -15.52
CA GLY A 78 -23.67 15.19 -16.19
C GLY A 78 -22.96 13.88 -15.93
N PRO A 79 -23.46 12.78 -16.49
CA PRO A 79 -22.85 11.46 -16.29
C PRO A 79 -21.56 11.29 -17.09
N ILE A 80 -20.54 10.72 -16.45
CA ILE A 80 -19.31 10.38 -17.15
C ILE A 80 -19.15 8.87 -17.17
N LYS A 81 -18.79 8.34 -18.33
CA LYS A 81 -18.67 6.90 -18.53
C LYS A 81 -17.21 6.48 -18.70
N PHE A 82 -16.74 5.60 -17.83
CA PHE A 82 -15.44 4.98 -18.00
C PHE A 82 -15.59 3.56 -18.53
N ASN A 83 -15.00 3.31 -19.70
CA ASN A 83 -14.81 1.95 -20.18
C ASN A 83 -13.52 1.40 -19.62
N VAL A 84 -13.61 0.67 -18.51
CA VAL A 84 -12.43 0.22 -17.79
C VAL A 84 -11.88 -1.07 -18.37
N TRP A 85 -10.67 -0.99 -18.92
CA TRP A 85 -9.96 -2.18 -19.38
C TRP A 85 -9.09 -2.71 -18.24
N ASP A 86 -9.62 -3.70 -17.53
CA ASP A 86 -8.95 -4.30 -16.39
C ASP A 86 -8.02 -5.41 -16.87
N THR A 87 -6.73 -5.11 -16.97
CA THR A 87 -5.78 -6.03 -17.58
C THR A 87 -5.15 -7.00 -16.60
N ALA A 88 -4.56 -8.05 -17.15
CA ALA A 88 -3.91 -9.09 -16.35
C ALA A 88 -2.51 -8.66 -15.92
N GLY A 89 -2.19 -8.87 -14.64
CA GLY A 89 -0.90 -8.51 -14.08
C GLY A 89 0.11 -9.64 -14.11
N GLN A 90 -0.38 -10.87 -14.20
N GLN A 90 -0.38 -10.87 -14.21
CA GLN A 90 0.50 -12.03 -14.30
CA GLN A 90 0.50 -12.04 -14.30
C GLN A 90 1.01 -12.17 -15.73
C GLN A 90 1.01 -12.22 -15.72
N GLU A 91 2.31 -12.39 -15.87
CA GLU A 91 2.93 -12.49 -17.20
C GLU A 91 2.34 -13.62 -18.04
N LYS A 92 2.08 -14.77 -17.42
CA LYS A 92 1.57 -15.92 -18.17
C LYS A 92 0.11 -15.73 -18.61
N PHE A 93 -0.55 -14.72 -18.05
CA PHE A 93 -1.92 -14.38 -18.43
C PHE A 93 -2.00 -13.02 -19.10
N GLY A 94 -0.85 -12.52 -19.56
CA GLY A 94 -0.73 -11.16 -20.06
C GLY A 94 -1.56 -10.81 -21.28
N GLY A 95 -1.86 -11.82 -22.10
CA GLY A 95 -2.63 -11.60 -23.31
C GLY A 95 -1.94 -10.66 -24.29
N LEU A 96 -2.65 -9.64 -24.74
CA LEU A 96 -2.12 -8.70 -25.72
C LEU A 96 -1.16 -7.69 -25.10
N ARG A 97 -1.11 -7.65 -23.77
CA ARG A 97 -0.20 -6.76 -23.04
C ARG A 97 -0.42 -5.29 -23.45
N ASP A 98 0.61 -4.66 -24.01
CA ASP A 98 0.51 -3.23 -24.33
C ASP A 98 -0.47 -2.97 -25.47
N GLY A 99 -0.90 -4.03 -26.14
CA GLY A 99 -1.93 -3.93 -27.15
C GLY A 99 -3.23 -3.40 -26.56
N TYR A 100 -3.43 -3.65 -25.28
CA TYR A 100 -4.63 -3.19 -24.58
C TYR A 100 -4.64 -1.67 -24.39
N TYR A 101 -3.45 -1.07 -24.42
CA TYR A 101 -3.31 0.35 -24.07
C TYR A 101 -3.71 1.28 -25.21
N ILE A 102 -3.83 0.72 -26.42
CA ILE A 102 -4.09 1.53 -27.60
C ILE A 102 -5.34 2.39 -27.44
N GLN A 103 -5.16 3.69 -27.69
CA GLN A 103 -6.23 4.68 -27.62
C GLN A 103 -6.84 4.81 -26.23
N ALA A 104 -6.10 4.40 -25.21
CA ALA A 104 -6.49 4.70 -23.84
C ALA A 104 -6.45 6.22 -23.66
N GLN A 105 -7.40 6.75 -22.91
CA GLN A 105 -7.48 8.18 -22.65
C GLN A 105 -7.07 8.52 -21.21
N CYS A 106 -6.91 7.48 -20.40
CA CYS A 106 -6.47 7.63 -19.02
C CYS A 106 -6.05 6.28 -18.48
N ALA A 107 -5.45 6.26 -17.30
CA ALA A 107 -4.99 5.01 -16.73
C ALA A 107 -4.83 5.05 -15.22
N ILE A 108 -4.90 3.86 -14.62
CA ILE A 108 -4.55 3.65 -13.23
C ILE A 108 -3.43 2.63 -13.17
N ILE A 109 -2.34 2.97 -12.49
CA ILE A 109 -1.29 2.01 -12.19
C ILE A 109 -1.44 1.62 -10.72
N MET A 110 -1.55 0.31 -10.50
N MET A 110 -1.60 0.32 -10.46
CA MET A 110 -1.83 -0.24 -9.17
CA MET A 110 -1.85 -0.14 -9.10
C MET A 110 -0.61 -0.97 -8.62
C MET A 110 -0.71 -1.02 -8.58
N PHE A 111 -0.36 -0.81 -7.32
CA PHE A 111 0.58 -1.68 -6.62
C PHE A 111 0.04 -1.96 -5.23
N ASP A 112 0.75 -2.81 -4.50
CA ASP A 112 0.30 -3.32 -3.21
C ASP A 112 1.29 -2.88 -2.15
N VAL A 113 0.83 -2.07 -1.19
CA VAL A 113 1.75 -1.51 -0.19
C VAL A 113 2.26 -2.56 0.79
N THR A 114 1.75 -3.78 0.67
CA THR A 114 2.24 -4.90 1.49
C THR A 114 3.24 -5.75 0.72
N SER A 115 3.52 -5.36 -0.52
CA SER A 115 4.43 -6.11 -1.37
C SER A 115 5.38 -5.17 -2.11
N ARG A 116 6.63 -5.11 -1.64
CA ARG A 116 7.62 -4.19 -2.20
C ARG A 116 7.87 -4.42 -3.68
N VAL A 117 7.82 -5.68 -4.12
CA VAL A 117 8.11 -6.01 -5.50
C VAL A 117 7.09 -5.34 -6.43
N THR A 118 5.85 -5.19 -5.97
CA THR A 118 4.82 -4.60 -6.82
C THR A 118 5.10 -3.13 -7.05
N TYR A 119 5.73 -2.46 -6.07
CA TYR A 119 6.12 -1.08 -6.26
C TYR A 119 7.36 -0.98 -7.13
N LYS A 120 8.30 -1.89 -6.94
CA LYS A 120 9.50 -1.94 -7.76
C LYS A 120 9.17 -2.09 -9.25
N ASN A 121 8.04 -2.70 -9.54
CA ASN A 121 7.63 -2.93 -10.93
C ASN A 121 6.81 -1.80 -11.54
N VAL A 122 6.46 -0.80 -10.72
CA VAL A 122 5.66 0.33 -11.19
C VAL A 122 6.32 1.05 -12.36
N PRO A 123 7.65 1.29 -12.30
CA PRO A 123 8.30 1.94 -13.44
C PRO A 123 8.20 1.12 -14.73
N ASN A 124 8.16 -0.20 -14.61
CA ASN A 124 8.03 -1.07 -15.78
C ASN A 124 6.65 -0.94 -16.41
N TRP A 125 5.61 -0.97 -15.59
CA TRP A 125 4.25 -0.78 -16.08
C TRP A 125 4.10 0.61 -16.69
N HIS A 126 4.65 1.61 -16.02
CA HIS A 126 4.57 2.98 -16.50
C HIS A 126 5.27 3.12 -17.86
N ARG A 127 6.47 2.56 -17.95
CA ARG A 127 7.23 2.56 -19.20
C ARG A 127 6.41 2.01 -20.37
N ASP A 128 5.87 0.81 -20.21
CA ASP A 128 5.14 0.15 -21.28
C ASP A 128 3.87 0.93 -21.63
N LEU A 129 3.31 1.61 -20.64
CA LEU A 129 2.08 2.36 -20.83
C LEU A 129 2.29 3.64 -21.63
N VAL A 130 3.24 4.48 -21.22
CA VAL A 130 3.41 5.80 -21.84
C VAL A 130 4.07 5.71 -23.21
N ARG A 131 4.65 4.56 -23.54
CA ARG A 131 5.18 4.34 -24.87
C ARG A 131 4.04 4.25 -25.88
N VAL A 132 2.90 3.77 -25.43
CA VAL A 132 1.70 3.68 -26.27
C VAL A 132 0.81 4.91 -26.05
N CYS A 133 0.73 5.37 -24.81
CA CYS A 133 -0.12 6.50 -24.44
C CYS A 133 0.71 7.68 -23.96
N GLU A 134 1.13 8.52 -24.89
CA GLU A 134 2.18 9.50 -24.62
C GLU A 134 1.72 10.70 -23.80
N ASN A 135 0.42 10.98 -23.78
CA ASN A 135 -0.09 12.14 -23.07
C ASN A 135 -1.49 11.93 -22.49
N ILE A 136 -1.59 11.08 -21.47
CA ILE A 136 -2.85 10.85 -20.79
C ILE A 136 -2.70 11.07 -19.28
N PRO A 137 -3.79 11.48 -18.60
CA PRO A 137 -3.76 11.53 -17.14
C PRO A 137 -3.64 10.14 -16.53
N ILE A 138 -2.77 10.00 -15.54
CA ILE A 138 -2.50 8.71 -14.91
C ILE A 138 -2.52 8.82 -13.40
N VAL A 139 -3.20 7.89 -12.75
CA VAL A 139 -3.22 7.80 -11.30
C VAL A 139 -2.39 6.61 -10.85
N LEU A 140 -1.53 6.84 -9.87
CA LEU A 140 -0.81 5.76 -9.21
C LEU A 140 -1.51 5.45 -7.90
N CYS A 141 -1.83 4.17 -7.69
CA CYS A 141 -2.56 3.75 -6.51
C CYS A 141 -1.81 2.70 -5.72
N GLY A 142 -1.57 2.99 -4.44
CA GLY A 142 -1.03 2.02 -3.52
C GLY A 142 -2.16 1.40 -2.75
N ASN A 143 -2.51 0.16 -3.11
CA ASN A 143 -3.69 -0.50 -2.57
C ASN A 143 -3.38 -1.29 -1.30
N LYS A 144 -4.43 -1.65 -0.57
CA LYS A 144 -4.36 -2.52 0.61
C LYS A 144 -3.74 -1.82 1.83
N VAL A 145 -4.02 -0.53 1.99
CA VAL A 145 -3.52 0.20 3.15
C VAL A 145 -4.26 -0.19 4.42
N ASP A 146 -5.29 -1.02 4.28
CA ASP A 146 -6.04 -1.54 5.42
C ASP A 146 -5.22 -2.56 6.21
N ILE A 147 -4.25 -3.17 5.55
N ILE A 147 -4.24 -3.18 5.56
CA ILE A 147 -3.40 -4.17 6.19
CA ILE A 147 -3.42 -4.21 6.20
C ILE A 147 -2.45 -3.51 7.18
C ILE A 147 -2.39 -3.58 7.13
N LYS A 148 -2.33 -4.10 8.37
CA LYS A 148 -1.47 -3.55 9.41
C LYS A 148 0.00 -3.43 9.00
N ASP A 149 0.57 -4.54 8.54
CA ASP A 149 2.00 -4.61 8.28
C ASP A 149 2.35 -4.08 6.89
N ARG A 150 2.27 -2.77 6.73
CA ARG A 150 2.61 -2.10 5.49
C ARG A 150 4.11 -2.20 5.21
N LYS A 151 4.47 -2.52 3.97
CA LYS A 151 5.87 -2.74 3.60
C LYS A 151 6.44 -1.62 2.73
N VAL A 152 5.61 -1.02 1.89
CA VAL A 152 6.02 0.13 1.10
C VAL A 152 5.65 1.40 1.84
N LYS A 153 6.60 1.94 2.60
CA LYS A 153 6.34 3.11 3.43
C LYS A 153 6.04 4.33 2.58
N ALA A 154 5.18 5.20 3.11
CA ALA A 154 4.72 6.39 2.41
C ALA A 154 5.89 7.21 1.85
N LYS A 155 6.97 7.31 2.61
CA LYS A 155 8.09 8.15 2.21
C LYS A 155 8.92 7.51 1.09
N SER A 156 8.77 6.21 0.89
CA SER A 156 9.44 5.50 -0.20
C SER A 156 8.78 5.80 -1.54
N ILE A 157 7.51 6.19 -1.49
CA ILE A 157 6.71 6.35 -2.70
C ILE A 157 6.90 7.73 -3.30
N VAL A 158 7.75 7.82 -4.32
CA VAL A 158 8.07 9.09 -4.95
C VAL A 158 8.10 9.03 -6.48
N PHE A 159 7.85 7.86 -7.06
CA PHE A 159 7.98 7.68 -8.51
C PHE A 159 7.09 8.62 -9.30
N HIS A 160 5.90 8.90 -8.76
CA HIS A 160 4.91 9.72 -9.44
C HIS A 160 5.36 11.16 -9.68
N ARG A 161 6.33 11.62 -8.89
CA ARG A 161 6.72 13.03 -8.90
C ARG A 161 7.25 13.51 -10.24
N LYS A 162 8.34 12.89 -10.71
CA LYS A 162 8.94 13.28 -11.98
C LYS A 162 8.10 12.87 -13.18
N LYS A 163 7.15 11.96 -12.98
CA LYS A 163 6.32 11.47 -14.08
C LYS A 163 4.94 12.13 -14.10
N ASN A 164 4.70 13.04 -13.17
CA ASN A 164 3.46 13.80 -13.11
C ASN A 164 2.21 12.92 -12.93
N LEU A 165 2.37 11.82 -12.22
CA LEU A 165 1.22 10.98 -11.87
C LEU A 165 0.57 11.48 -10.59
N GLN A 166 -0.74 11.38 -10.51
CA GLN A 166 -1.43 11.60 -9.24
C GLN A 166 -1.27 10.34 -8.39
N TYR A 167 -1.01 10.51 -7.10
CA TYR A 167 -0.92 9.36 -6.21
C TYR A 167 -2.01 9.35 -5.13
N TYR A 168 -2.53 8.17 -4.85
CA TYR A 168 -3.42 7.94 -3.72
C TYR A 168 -3.13 6.63 -3.01
N ASP A 169 -3.04 6.68 -1.68
CA ASP A 169 -3.24 5.51 -0.85
C ASP A 169 -4.70 5.09 -1.00
N ILE A 170 -4.96 3.81 -1.32
CA ILE A 170 -6.33 3.32 -1.38
C ILE A 170 -6.50 1.96 -0.71
N SER A 171 -7.75 1.60 -0.46
CA SER A 171 -8.10 0.25 -0.02
C SER A 171 -9.46 -0.14 -0.58
N ALA A 172 -9.48 -1.15 -1.44
CA ALA A 172 -10.73 -1.67 -1.98
C ALA A 172 -11.54 -2.34 -0.88
N LYS A 173 -10.85 -2.78 0.17
CA LYS A 173 -11.50 -3.49 1.27
C LYS A 173 -12.21 -2.54 2.23
N SER A 174 -11.53 -1.48 2.63
CA SER A 174 -12.09 -0.50 3.56
C SER A 174 -12.66 0.72 2.84
N ASN A 175 -12.51 0.73 1.51
CA ASN A 175 -12.98 1.83 0.66
C ASN A 175 -12.27 3.16 0.93
N TYR A 176 -11.15 3.11 1.64
CA TYR A 176 -10.32 4.30 1.84
C TYR A 176 -9.91 4.90 0.49
N ASN A 177 -10.30 6.15 0.26
CA ASN A 177 -9.97 6.89 -0.97
C ASN A 177 -10.39 6.18 -2.26
N PHE A 178 -11.35 5.25 -2.17
CA PHE A 178 -11.64 4.39 -3.33
C PHE A 178 -12.26 5.19 -4.49
N GLU A 179 -12.82 6.36 -4.19
CA GLU A 179 -13.45 7.18 -5.22
C GLU A 179 -12.45 8.14 -5.88
N LYS A 180 -11.36 8.42 -5.18
CA LYS A 180 -10.43 9.49 -5.57
C LYS A 180 -9.85 9.35 -6.98
N PRO A 181 -9.40 8.13 -7.36
CA PRO A 181 -8.82 7.99 -8.69
C PRO A 181 -9.77 8.41 -9.83
N PHE A 182 -11.03 8.03 -9.73
CA PHE A 182 -12.00 8.34 -10.78
C PHE A 182 -12.40 9.81 -10.75
N LEU A 183 -12.48 10.38 -9.55
CA LEU A 183 -12.83 11.79 -9.42
C LEU A 183 -11.75 12.67 -10.03
N TRP A 184 -10.49 12.30 -9.79
CA TRP A 184 -9.37 13.06 -10.32
C TRP A 184 -9.32 12.95 -11.84
N LEU A 185 -9.43 11.73 -12.35
CA LEU A 185 -9.42 11.50 -13.79
C LEU A 185 -10.58 12.22 -14.48
N ALA A 186 -11.76 12.18 -13.86
CA ALA A 186 -12.94 12.84 -14.42
C ALA A 186 -12.68 14.34 -14.57
N ARG A 187 -12.06 14.93 -13.56
CA ARG A 187 -11.74 16.35 -13.58
C ARG A 187 -10.76 16.69 -14.70
N LYS A 188 -9.77 15.81 -14.91
CA LYS A 188 -8.80 16.01 -15.97
C LYS A 188 -9.42 15.82 -17.36
N LEU A 189 -10.26 14.79 -17.49
CA LEU A 189 -10.84 14.46 -18.79
C LEU A 189 -11.88 15.48 -19.22
N ILE A 190 -12.71 15.93 -18.28
CA ILE A 190 -13.74 16.92 -18.57
C ILE A 190 -13.13 18.32 -18.66
N GLY A 191 -12.01 18.52 -17.97
CA GLY A 191 -11.34 19.81 -17.96
C GLY A 191 -12.00 20.79 -17.01
N ASP A 192 -12.58 20.26 -15.94
CA ASP A 192 -13.26 21.06 -14.93
C ASP A 192 -12.77 20.67 -13.53
N PRO A 193 -11.94 21.52 -12.90
CA PRO A 193 -11.41 21.16 -11.58
C PRO A 193 -12.49 21.12 -10.49
N ASN A 194 -13.62 21.77 -10.74
CA ASN A 194 -14.69 21.84 -9.75
C ASN A 194 -15.76 20.78 -9.97
N LEU A 195 -15.48 19.80 -10.83
CA LEU A 195 -16.38 18.68 -11.02
C LEU A 195 -16.52 17.91 -9.72
N GLU A 196 -17.75 17.53 -9.39
CA GLU A 196 -18.05 16.76 -8.20
C GLU A 196 -18.97 15.60 -8.52
N PHE A 197 -18.85 14.50 -7.79
CA PHE A 197 -19.85 13.45 -7.85
C PHE A 197 -21.13 13.96 -7.20
N VAL A 198 -22.27 13.67 -7.81
CA VAL A 198 -23.55 14.04 -7.24
C VAL A 198 -24.45 12.81 -7.11
N ALA A 199 -25.51 12.96 -6.33
CA ALA A 199 -26.44 11.87 -6.09
C ALA A 199 -27.34 11.62 -7.29
N MET A 200 -27.22 10.44 -7.88
CA MET A 200 -28.08 10.05 -8.99
C MET A 200 -29.55 10.14 -8.57
N PRO A 201 -30.44 10.52 -9.51
CA PRO A 201 -31.86 10.66 -9.18
C PRO A 201 -32.47 9.35 -8.67
N ALA A 202 -33.30 9.45 -7.64
CA ALA A 202 -33.92 8.28 -7.01
C ALA A 202 -35.40 8.21 -7.35
N LEU A 203 -35.72 7.48 -8.41
CA LEU A 203 -37.10 7.28 -8.84
C LEU A 203 -37.95 6.68 -7.74
N ALA A 204 -39.23 7.00 -7.74
CA ALA A 204 -40.17 6.40 -6.81
C ALA A 204 -40.29 4.91 -7.11
N PRO A 205 -40.06 4.05 -6.10
CA PRO A 205 -40.15 2.61 -6.36
C PRO A 205 -41.59 2.15 -6.53
N PRO A 206 -41.81 1.08 -7.32
CA PRO A 206 -43.17 0.60 -7.59
C PRO A 206 -43.81 -0.10 -6.40
N GLU A 207 -45.13 -0.03 -6.33
CA GLU A 207 -45.87 -0.74 -5.29
C GLU A 207 -45.80 -2.24 -5.54
N VAL A 208 -45.76 -3.01 -4.46
CA VAL A 208 -45.52 -4.45 -4.54
C VAL A 208 -46.80 -5.24 -4.83
N VAL A 209 -46.66 -6.26 -5.68
CA VAL A 209 -47.73 -7.20 -5.95
C VAL A 209 -47.16 -8.62 -6.02
N MET A 210 -46.90 -9.20 -4.87
CA MET A 210 -46.25 -10.50 -4.79
C MET A 210 -47.11 -11.61 -5.39
N ASP A 211 -46.44 -12.60 -5.98
CA ASP A 211 -47.12 -13.71 -6.64
C ASP A 211 -47.29 -14.87 -5.67
N PRO A 212 -48.55 -15.30 -5.43
CA PRO A 212 -48.73 -16.44 -4.53
C PRO A 212 -48.19 -17.75 -5.10
N ALA A 213 -47.91 -17.76 -6.40
CA ALA A 213 -47.35 -18.94 -7.05
C ALA A 213 -45.89 -19.14 -6.67
N LEU A 214 -45.20 -18.05 -6.38
CA LEU A 214 -43.76 -18.09 -6.07
C LEU A 214 -43.52 -17.97 -4.57
N ALA A 215 -44.58 -18.11 -3.78
CA ALA A 215 -44.48 -17.95 -2.33
C ALA A 215 -43.60 -19.04 -1.71
N ALA A 216 -43.71 -20.25 -2.25
CA ALA A 216 -42.91 -21.37 -1.77
C ALA A 216 -41.46 -21.21 -2.23
N GLN A 217 -41.28 -20.66 -3.42
CA GLN A 217 -39.95 -20.41 -3.96
C GLN A 217 -39.18 -19.42 -3.10
N TYR A 218 -39.81 -18.27 -2.83
CA TYR A 218 -39.16 -17.22 -2.06
C TYR A 218 -38.88 -17.66 -0.63
N GLU A 219 -39.80 -18.44 -0.05
CA GLU A 219 -39.61 -18.93 1.30
C GLU A 219 -38.43 -19.90 1.36
N HIS A 220 -38.24 -20.66 0.29
CA HIS A 220 -37.11 -21.58 0.18
C HIS A 220 -35.79 -20.81 0.09
N ASP A 221 -35.78 -19.76 -0.73
CA ASP A 221 -34.58 -18.95 -0.91
C ASP A 221 -34.25 -18.20 0.37
N LEU A 222 -35.29 -17.83 1.12
CA LEU A 222 -35.13 -17.09 2.36
C LEU A 222 -34.52 -17.96 3.45
N GLU A 223 -34.89 -19.23 3.48
CA GLU A 223 -34.36 -20.17 4.48
C GLU A 223 -32.85 -20.32 4.32
N VAL A 224 -32.41 -20.52 3.08
CA VAL A 224 -30.98 -20.65 2.78
C VAL A 224 -30.23 -19.39 3.18
N ALA A 225 -30.84 -18.24 2.93
CA ALA A 225 -30.20 -16.96 3.20
C ALA A 225 -30.00 -16.72 4.70
N GLN A 226 -31.01 -17.08 5.48
CA GLN A 226 -30.96 -16.93 6.93
C GLN A 226 -29.87 -17.80 7.56
N THR A 227 -29.68 -18.99 6.99
CA THR A 227 -28.77 -19.98 7.56
C THR A 227 -27.36 -19.87 6.97
N THR A 228 -27.15 -18.87 6.13
CA THR A 228 -25.83 -18.56 5.60
C THR A 228 -25.32 -17.30 6.28
N ALA A 229 -24.31 -17.44 7.11
CA ALA A 229 -23.81 -16.34 7.92
C ALA A 229 -23.28 -15.20 7.07
N LEU A 230 -23.58 -13.97 7.48
CA LEU A 230 -23.01 -12.80 6.85
C LEU A 230 -21.50 -12.80 7.06
N PRO A 231 -20.72 -12.34 6.06
CA PRO A 231 -19.27 -12.33 6.23
C PRO A 231 -18.76 -11.16 7.06
N ASP A 232 -17.53 -11.27 7.54
CA ASP A 232 -16.85 -10.17 8.23
C ASP A 232 -17.68 -9.59 9.38
N GLU A 233 -18.17 -10.46 10.25
CA GLU A 233 -19.07 -10.06 11.34
C GLU A 233 -18.34 -9.19 12.36
N ASP A 234 -17.01 -9.14 12.30
CA ASP A 234 -16.22 -8.34 13.23
C ASP A 234 -16.02 -6.90 12.76
N ASP A 235 -16.40 -6.62 11.52
CA ASP A 235 -16.29 -5.26 10.98
C ASP A 235 -17.19 -4.30 11.74
N ASP A 236 -16.95 -3.00 11.54
CA ASP A 236 -17.74 -1.96 12.20
C ASP A 236 -19.18 -1.96 11.67
N LEU A 237 -19.36 -2.46 10.45
CA LEU A 237 -20.69 -2.61 9.86
C LEU A 237 -20.77 -3.89 9.04
N ILE B 5 -28.88 56.54 -7.68
CA ILE B 5 -28.52 55.95 -8.96
C ILE B 5 -28.42 54.43 -8.84
N HIS B 6 -29.09 53.73 -9.73
CA HIS B 6 -29.09 52.26 -9.73
C HIS B 6 -27.82 51.71 -10.36
N PHE B 7 -27.09 50.92 -9.59
CA PHE B 7 -25.93 50.19 -10.11
C PHE B 7 -26.30 48.73 -10.35
N GLU B 8 -26.34 48.34 -11.62
CA GLU B 8 -26.70 46.98 -11.99
C GLU B 8 -25.74 45.97 -11.35
N PRO B 9 -26.27 45.02 -10.56
CA PRO B 9 -25.38 44.06 -9.90
C PRO B 9 -24.76 43.07 -10.87
N VAL B 10 -23.69 42.41 -10.43
CA VAL B 10 -23.04 41.38 -11.23
C VAL B 10 -23.98 40.20 -11.44
N VAL B 11 -23.86 39.55 -12.60
CA VAL B 11 -24.73 38.43 -12.94
C VAL B 11 -24.42 37.22 -12.08
N THR B 20 -32.43 15.22 -7.23
CA THR B 20 -32.21 13.92 -6.59
C THR B 20 -33.52 13.14 -6.48
N MET B 21 -34.64 13.84 -6.65
CA MET B 21 -35.98 13.25 -6.55
C MET B 21 -36.25 12.77 -5.12
N GLU B 22 -35.75 13.52 -4.15
CA GLU B 22 -36.05 13.30 -2.74
C GLU B 22 -36.63 14.56 -2.11
N GLU B 23 -36.88 15.57 -2.94
CA GLU B 23 -37.32 16.87 -2.46
C GLU B 23 -38.71 16.80 -1.83
N ASP B 24 -39.58 15.97 -2.41
CA ASP B 24 -40.96 15.86 -1.95
C ASP B 24 -41.13 14.77 -0.90
N GLU B 25 -40.10 14.55 -0.09
CA GLU B 25 -40.11 13.48 0.90
C GLU B 25 -39.59 13.90 2.27
N GLU B 26 -40.15 13.30 3.31
CA GLU B 26 -39.75 13.53 4.69
C GLU B 26 -38.91 12.36 5.20
N VAL B 27 -37.81 12.66 5.89
CA VAL B 27 -36.97 11.63 6.48
C VAL B 27 -37.53 11.18 7.83
N LEU B 28 -38.13 10.00 7.86
CA LEU B 28 -38.70 9.46 9.09
C LEU B 28 -37.61 8.91 10.00
N TYR B 29 -36.59 8.33 9.39
CA TYR B 29 -35.55 7.62 10.12
C TYR B 29 -34.29 7.53 9.28
N LYS B 30 -33.14 7.64 9.94
CA LYS B 30 -31.85 7.54 9.26
C LYS B 30 -30.87 6.77 10.13
N VAL B 31 -30.13 5.85 9.52
CA VAL B 31 -29.15 5.05 10.25
C VAL B 31 -28.06 4.53 9.33
N ARG B 32 -26.84 4.48 9.86
CA ARG B 32 -25.71 3.91 9.15
C ARG B 32 -25.87 2.39 9.07
N ALA B 33 -25.56 1.82 7.91
CA ALA B 33 -25.75 0.39 7.71
C ALA B 33 -24.95 -0.15 6.54
N LYS B 34 -24.83 -1.47 6.50
CA LYS B 34 -24.21 -2.17 5.37
C LYS B 34 -25.23 -3.14 4.79
N LEU B 35 -25.46 -3.02 3.48
CA LEU B 35 -26.45 -3.83 2.80
C LEU B 35 -25.81 -4.97 2.03
N PHE B 36 -26.38 -6.17 2.17
N PHE B 36 -26.37 -6.17 2.18
CA PHE B 36 -25.93 -7.35 1.43
CA PHE B 36 -25.92 -7.35 1.44
C PHE B 36 -27.03 -7.85 0.52
C PHE B 36 -27.05 -7.86 0.55
N ARG B 37 -26.63 -8.55 -0.55
N ARG B 37 -26.68 -8.49 -0.56
CA ARG B 37 -27.58 -9.25 -1.42
CA ARG B 37 -27.63 -9.26 -1.35
C ARG B 37 -27.16 -10.72 -1.50
C ARG B 37 -27.16 -10.71 -1.37
N PHE B 38 -28.11 -11.63 -1.38
CA PHE B 38 -27.80 -13.06 -1.42
C PHE B 38 -27.66 -13.54 -2.85
N ASP B 39 -26.49 -14.06 -3.18
CA ASP B 39 -26.26 -14.72 -4.46
C ASP B 39 -26.57 -16.20 -4.28
N ALA B 40 -27.77 -16.60 -4.72
CA ALA B 40 -28.27 -17.95 -4.47
C ALA B 40 -27.48 -18.99 -5.26
N ASP B 41 -26.91 -18.58 -6.39
CA ASP B 41 -26.13 -19.49 -7.21
C ASP B 41 -24.78 -19.78 -6.58
N ALA B 42 -24.13 -18.72 -6.09
CA ALA B 42 -22.85 -18.85 -5.39
C ALA B 42 -23.09 -19.26 -3.94
N LYS B 43 -24.33 -19.13 -3.49
CA LYS B 43 -24.71 -19.47 -2.12
C LYS B 43 -23.89 -18.68 -1.10
N GLU B 44 -23.65 -17.40 -1.40
CA GLU B 44 -22.95 -16.52 -0.48
C GLU B 44 -23.53 -15.10 -0.51
N TRP B 45 -23.31 -14.37 0.57
CA TRP B 45 -23.73 -12.97 0.65
C TRP B 45 -22.71 -12.08 -0.03
N LYS B 46 -23.21 -11.07 -0.74
CA LYS B 46 -22.35 -10.08 -1.38
C LYS B 46 -22.76 -8.68 -0.96
N GLU B 47 -21.78 -7.88 -0.54
CA GLU B 47 -22.04 -6.49 -0.18
C GLU B 47 -22.58 -5.73 -1.39
N ARG B 48 -23.59 -4.91 -1.15
CA ARG B 48 -24.16 -4.08 -2.20
C ARG B 48 -23.85 -2.61 -1.94
N GLY B 49 -23.62 -2.27 -0.68
CA GLY B 49 -23.32 -0.89 -0.33
C GLY B 49 -23.28 -0.61 1.16
N THR B 50 -22.53 0.43 1.51
CA THR B 50 -22.43 0.92 2.88
C THR B 50 -22.72 2.42 2.87
N GLY B 51 -23.52 2.88 3.82
CA GLY B 51 -23.89 4.28 3.90
C GLY B 51 -25.12 4.51 4.73
N ASP B 52 -25.74 5.68 4.55
CA ASP B 52 -26.94 6.03 5.31
C ASP B 52 -28.20 5.41 4.70
N CYS B 53 -28.87 4.59 5.49
CA CYS B 53 -30.17 4.06 5.12
C CYS B 53 -31.27 4.97 5.64
N LYS B 54 -32.13 5.45 4.75
CA LYS B 54 -33.17 6.40 5.11
C LYS B 54 -34.57 5.87 4.82
N PHE B 55 -35.49 6.13 5.73
CA PHE B 55 -36.91 5.88 5.50
C PHE B 55 -37.57 7.18 5.03
N LEU B 56 -38.01 7.21 3.78
CA LEU B 56 -38.54 8.42 3.18
C LEU B 56 -40.05 8.34 2.95
N LYS B 57 -40.77 9.28 3.56
CA LYS B 57 -42.22 9.35 3.42
C LYS B 57 -42.59 10.43 2.39
N ASN B 58 -43.23 10.00 1.31
CA ASN B 58 -43.69 10.92 0.27
C ASN B 58 -44.81 11.82 0.79
N LYS B 59 -44.70 13.11 0.53
CA LYS B 59 -45.66 14.08 1.05
C LYS B 59 -47.02 13.94 0.36
N LYS B 60 -47.01 13.57 -0.91
CA LYS B 60 -48.24 13.46 -1.69
C LYS B 60 -48.99 12.15 -1.45
N THR B 61 -48.24 11.04 -1.39
CA THR B 61 -48.84 9.70 -1.31
C THR B 61 -48.74 9.09 0.08
N ASN B 62 -47.98 9.73 0.97
CA ASN B 62 -47.80 9.26 2.35
C ASN B 62 -47.18 7.87 2.46
N LYS B 63 -46.71 7.31 1.35
CA LYS B 63 -46.12 5.97 1.38
C LYS B 63 -44.62 6.06 1.65
N VAL B 64 -44.11 5.12 2.44
CA VAL B 64 -42.73 5.17 2.91
C VAL B 64 -41.84 4.17 2.17
N ARG B 65 -40.67 4.65 1.73
CA ARG B 65 -39.69 3.79 1.07
C ARG B 65 -38.37 3.77 1.82
N ILE B 66 -37.59 2.73 1.57
CA ILE B 66 -36.18 2.70 1.96
C ILE B 66 -35.36 3.29 0.82
N LEU B 67 -34.52 4.27 1.13
CA LEU B 67 -33.55 4.77 0.17
C LEU B 67 -32.17 4.78 0.81
N MET B 68 -31.26 4.00 0.24
CA MET B 68 -29.91 3.88 0.76
C MET B 68 -28.88 4.20 -0.33
N ARG B 69 -27.90 5.03 0.01
CA ARG B 69 -26.86 5.43 -0.94
C ARG B 69 -25.48 5.06 -0.41
N ARG B 70 -24.56 4.77 -1.33
CA ARG B 70 -23.18 4.49 -0.99
C ARG B 70 -22.44 5.77 -0.62
N ASP B 71 -21.57 5.69 0.37
CA ASP B 71 -20.69 6.82 0.70
C ASP B 71 -19.90 7.27 -0.51
N LYS B 72 -19.61 8.57 -0.57
CA LYS B 72 -18.74 9.17 -1.58
C LYS B 72 -19.34 9.18 -2.99
N THR B 73 -19.63 8.00 -3.55
CA THR B 73 -20.18 7.93 -4.89
C THR B 73 -21.66 8.30 -4.90
N LEU B 74 -22.30 8.17 -3.74
CA LEU B 74 -23.72 8.51 -3.57
C LEU B 74 -24.61 7.70 -4.50
N LYS B 75 -24.10 6.58 -4.99
CA LYS B 75 -24.87 5.69 -5.84
C LYS B 75 -25.89 4.91 -5.01
N ILE B 76 -27.06 4.69 -5.58
CA ILE B 76 -28.14 4.00 -4.88
C ILE B 76 -27.89 2.50 -4.81
N CYS B 77 -28.00 1.93 -3.61
CA CYS B 77 -27.87 0.48 -3.43
C CYS B 77 -29.17 -0.13 -2.89
N ALA B 78 -30.16 0.72 -2.62
CA ALA B 78 -31.48 0.22 -2.26
C ALA B 78 -32.54 1.28 -2.49
N ASN B 79 -33.63 0.88 -3.13
CA ASN B 79 -34.75 1.78 -3.43
C ASN B 79 -36.02 0.98 -3.65
N HIS B 80 -36.78 0.81 -2.57
CA HIS B 80 -38.04 0.05 -2.64
C HIS B 80 -39.00 0.46 -1.53
N ILE B 81 -40.28 0.17 -1.77
CA ILE B 81 -41.32 0.41 -0.76
C ILE B 81 -41.13 -0.55 0.40
N ILE B 82 -41.31 -0.05 1.62
CA ILE B 82 -41.34 -0.91 2.79
C ILE B 82 -42.71 -1.58 2.84
N ALA B 83 -42.88 -2.60 2.01
CA ALA B 83 -44.17 -3.26 1.86
C ALA B 83 -44.61 -3.91 3.18
N PRO B 84 -45.90 -3.82 3.51
CA PRO B 84 -46.37 -4.38 4.78
C PRO B 84 -46.31 -5.92 4.82
N GLU B 85 -46.05 -6.54 3.67
CA GLU B 85 -45.97 -7.99 3.59
C GLU B 85 -44.58 -8.52 3.95
N TYR B 86 -43.58 -7.65 3.89
CA TYR B 86 -42.21 -8.04 4.22
C TYR B 86 -42.06 -8.39 5.69
N THR B 87 -41.12 -9.28 5.99
CA THR B 87 -40.85 -9.69 7.36
C THR B 87 -39.34 -9.76 7.63
N LEU B 88 -38.89 -9.01 8.61
CA LEU B 88 -37.48 -9.04 9.02
C LEU B 88 -37.19 -10.29 9.83
N LYS B 89 -36.20 -11.06 9.37
CA LYS B 89 -35.79 -12.29 10.04
C LYS B 89 -34.33 -12.20 10.46
N PRO B 90 -33.95 -12.89 11.54
CA PRO B 90 -32.56 -12.85 11.98
C PRO B 90 -31.64 -13.67 11.07
N ASN B 91 -30.37 -13.28 11.00
CA ASN B 91 -29.36 -14.10 10.35
C ASN B 91 -28.65 -14.95 11.41
N VAL B 92 -28.24 -16.15 11.03
CA VAL B 92 -27.67 -17.10 11.99
C VAL B 92 -26.37 -16.58 12.62
N GLY B 93 -25.65 -15.75 11.88
CA GLY B 93 -24.31 -15.32 12.29
C GLY B 93 -24.24 -13.96 12.95
N SER B 94 -25.38 -13.30 13.15
CA SER B 94 -25.40 -11.91 13.60
C SER B 94 -26.57 -11.60 14.53
N ASP B 95 -26.32 -10.73 15.51
CA ASP B 95 -27.36 -10.23 16.40
C ASP B 95 -27.63 -8.75 16.14
N ARG B 96 -27.16 -8.27 14.99
CA ARG B 96 -27.29 -6.86 14.63
C ARG B 96 -27.63 -6.74 13.14
N SER B 97 -28.37 -7.73 12.64
CA SER B 97 -28.73 -7.77 11.23
C SER B 97 -30.15 -8.28 11.03
N TRP B 98 -30.74 -7.92 9.90
CA TRP B 98 -32.04 -8.45 9.49
C TRP B 98 -31.96 -8.95 8.06
N VAL B 99 -32.66 -10.05 7.80
CA VAL B 99 -32.79 -10.62 6.47
C VAL B 99 -34.25 -10.54 6.06
N TYR B 100 -34.51 -10.14 4.81
CA TYR B 100 -35.87 -10.15 4.31
C TYR B 100 -35.91 -10.18 2.79
N ALA B 101 -37.03 -10.67 2.26
CA ALA B 101 -37.23 -10.76 0.83
C ALA B 101 -37.84 -9.46 0.30
N CYS B 102 -37.25 -8.94 -0.77
CA CYS B 102 -37.76 -7.78 -1.46
C CYS B 102 -38.06 -8.18 -2.89
N THR B 103 -39.26 -7.85 -3.37
CA THR B 103 -39.70 -8.31 -4.69
C THR B 103 -39.63 -7.21 -5.76
N ALA B 104 -39.37 -5.97 -5.33
CA ALA B 104 -39.34 -4.85 -6.27
C ALA B 104 -38.38 -3.74 -5.84
N ASP B 105 -37.09 -3.96 -6.08
CA ASP B 105 -36.05 -2.96 -5.82
C ASP B 105 -35.49 -2.42 -7.13
N ILE B 106 -35.42 -1.10 -7.24
CA ILE B 106 -35.03 -0.45 -8.48
C ILE B 106 -33.74 0.36 -8.36
N ALA B 107 -32.84 -0.09 -7.48
CA ALA B 107 -31.58 0.61 -7.26
C ALA B 107 -30.72 0.63 -8.51
N GLU B 108 -30.76 -0.47 -9.28
CA GLU B 108 -29.95 -0.60 -10.49
C GLU B 108 -30.82 -0.72 -11.74
N GLY B 109 -31.87 0.09 -11.80
CA GLY B 109 -32.72 0.16 -12.99
C GLY B 109 -34.04 -0.56 -12.82
N GLU B 110 -34.27 -1.55 -13.68
CA GLU B 110 -35.54 -2.27 -13.70
C GLU B 110 -35.82 -2.97 -12.38
N ALA B 111 -37.08 -2.99 -11.97
CA ALA B 111 -37.49 -3.63 -10.73
C ALA B 111 -37.08 -5.09 -10.73
N GLU B 112 -36.56 -5.54 -9.59
CA GLU B 112 -36.01 -6.88 -9.48
C GLU B 112 -36.14 -7.37 -8.05
N ALA B 113 -36.31 -8.68 -7.87
CA ALA B 113 -36.45 -9.26 -6.55
C ALA B 113 -35.09 -9.60 -5.95
N PHE B 114 -34.93 -9.36 -4.65
CA PHE B 114 -33.70 -9.69 -3.95
C PHE B 114 -34.00 -10.27 -2.57
N THR B 115 -33.07 -11.09 -2.08
CA THR B 115 -33.04 -11.47 -0.67
C THR B 115 -31.97 -10.62 0.01
N PHE B 116 -32.40 -9.56 0.68
CA PHE B 116 -31.48 -8.62 1.30
C PHE B 116 -31.08 -9.03 2.71
N ALA B 117 -29.91 -8.58 3.12
CA ALA B 117 -29.53 -8.55 4.53
C ALA B 117 -28.94 -7.18 4.83
N ILE B 118 -29.34 -6.60 5.95
CA ILE B 118 -28.84 -5.29 6.33
C ILE B 118 -28.26 -5.36 7.75
N ARG B 119 -27.03 -4.88 7.89
CA ARG B 119 -26.31 -4.96 9.16
C ARG B 119 -26.05 -3.56 9.70
N PHE B 120 -26.03 -3.44 11.02
CA PHE B 120 -25.91 -2.15 11.69
C PHE B 120 -24.75 -2.17 12.68
N GLY B 121 -24.38 -0.99 13.17
CA GLY B 121 -23.22 -0.86 14.04
C GLY B 121 -23.42 -1.51 15.40
N SER B 122 -24.68 -1.71 15.79
CA SER B 122 -24.99 -2.30 17.09
C SER B 122 -26.35 -2.99 17.08
N LYS B 123 -26.59 -3.80 18.10
CA LYS B 123 -27.87 -4.51 18.23
C LYS B 123 -29.02 -3.54 18.43
N GLU B 124 -28.79 -2.48 19.19
CA GLU B 124 -29.86 -1.53 19.49
C GLU B 124 -30.23 -0.73 18.25
N ASN B 125 -29.25 -0.43 17.41
CA ASN B 125 -29.52 0.22 16.14
C ASN B 125 -30.34 -0.70 15.25
N ALA B 126 -29.99 -1.99 15.27
CA ALA B 126 -30.74 -2.99 14.51
C ALA B 126 -32.17 -3.11 15.05
N ASP B 127 -32.31 -3.08 16.37
CA ASP B 127 -33.63 -3.20 16.99
C ASP B 127 -34.48 -1.94 16.77
N LYS B 128 -33.83 -0.79 16.69
CA LYS B 128 -34.55 0.44 16.43
C LYS B 128 -35.02 0.44 14.98
N PHE B 129 -34.14 0.01 14.08
CA PHE B 129 -34.47 -0.16 12.67
C PHE B 129 -35.71 -1.05 12.55
N LYS B 130 -35.71 -2.15 13.28
CA LYS B 130 -36.84 -3.08 13.31
C LYS B 130 -38.12 -2.35 13.70
N GLU B 131 -38.04 -1.54 14.75
CA GLU B 131 -39.21 -0.78 15.22
C GLU B 131 -39.70 0.18 14.14
N GLU B 132 -38.79 0.98 13.60
CA GLU B 132 -39.12 1.96 12.57
C GLU B 132 -39.67 1.27 11.31
N PHE B 133 -39.05 0.15 10.94
CA PHE B 133 -39.45 -0.63 9.78
C PHE B 133 -40.93 -1.04 9.88
N GLU B 134 -41.31 -1.53 11.05
CA GLU B 134 -42.69 -1.98 11.29
C GLU B 134 -43.66 -0.79 11.35
N LYS B 135 -43.22 0.30 11.95
CA LYS B 135 -44.03 1.52 11.98
C LYS B 135 -44.29 1.99 10.55
N ALA B 136 -43.24 1.99 9.73
CA ALA B 136 -43.35 2.40 8.33
C ALA B 136 -44.32 1.50 7.57
N GLN B 137 -44.31 0.21 7.89
CA GLN B 137 -45.23 -0.73 7.27
C GLN B 137 -46.67 -0.37 7.58
N GLU B 138 -46.91 0.12 8.79
CA GLU B 138 -48.25 0.53 9.20
C GLU B 138 -48.70 1.78 8.44
N ILE B 139 -47.75 2.67 8.16
CA ILE B 139 -48.02 3.85 7.35
C ILE B 139 -48.53 3.42 5.97
N ASN B 140 -47.82 2.46 5.38
CA ASN B 140 -48.10 2.03 4.02
C ASN B 140 -49.38 1.21 3.89
N LYS B 141 -49.80 0.57 4.97
CA LYS B 141 -51.04 -0.21 4.97
C LYS B 141 -52.26 0.71 4.79
N LYS B 142 -52.22 1.87 5.45
CA LYS B 142 -53.31 2.83 5.37
C LYS B 142 -53.38 3.44 3.97
N GLY C 2 -17.53 -19.64 -33.67
CA GLY C 2 -17.92 -18.45 -34.47
C GLY C 2 -17.09 -18.29 -35.73
N SER C 3 -17.51 -17.39 -36.60
CA SER C 3 -16.82 -17.13 -37.86
C SER C 3 -15.47 -16.45 -37.61
N MET C 4 -15.44 -15.58 -36.60
CA MET C 4 -14.22 -14.85 -36.26
C MET C 4 -13.03 -15.78 -35.99
N GLU C 5 -13.34 -17.00 -35.55
CA GLU C 5 -12.29 -17.96 -35.18
C GLU C 5 -11.56 -18.55 -36.38
N GLY C 6 -11.86 -18.06 -37.58
CA GLY C 6 -11.23 -18.56 -38.79
C GLY C 6 -9.75 -18.23 -38.88
N ILE C 7 -9.33 -17.14 -38.25
CA ILE C 7 -7.93 -16.71 -38.33
C ILE C 7 -7.02 -17.64 -37.52
N LEU C 8 -7.62 -18.52 -36.72
CA LEU C 8 -6.86 -19.45 -35.90
C LEU C 8 -6.46 -20.72 -36.67
N ASP C 9 -6.91 -20.82 -37.91
CA ASP C 9 -6.56 -21.96 -38.75
C ASP C 9 -5.42 -21.60 -39.70
N PHE C 10 -4.23 -22.10 -39.38
CA PHE C 10 -3.02 -21.72 -40.11
C PHE C 10 -2.76 -22.58 -41.34
N SER C 11 -3.53 -23.64 -41.51
CA SER C 11 -3.42 -24.46 -42.71
C SER C 11 -3.86 -23.64 -43.91
N ASN C 12 -4.96 -22.92 -43.75
CA ASN C 12 -5.42 -21.98 -44.76
C ASN C 12 -4.63 -20.68 -44.69
N ASP C 13 -4.59 -19.95 -45.79
CA ASP C 13 -3.94 -18.65 -45.82
C ASP C 13 -4.71 -17.68 -44.92
N LEU C 14 -3.98 -16.80 -44.25
CA LEU C 14 -4.61 -15.82 -43.36
C LEU C 14 -5.43 -14.81 -44.17
N ASP C 15 -6.71 -14.71 -43.85
CA ASP C 15 -7.57 -13.69 -44.44
C ASP C 15 -7.40 -12.38 -43.67
N ILE C 16 -6.69 -11.44 -44.27
CA ILE C 16 -6.37 -10.17 -43.63
C ILE C 16 -7.64 -9.39 -43.30
N ALA C 17 -8.63 -9.47 -44.18
CA ALA C 17 -9.90 -8.79 -43.96
C ALA C 17 -10.59 -9.32 -42.71
N LEU C 18 -10.43 -10.63 -42.47
CA LEU C 18 -11.04 -11.25 -41.31
C LEU C 18 -10.29 -10.84 -40.04
N LEU C 19 -8.98 -10.74 -40.13
CA LEU C 19 -8.16 -10.29 -39.01
C LEU C 19 -8.60 -8.88 -38.58
N ASP C 20 -8.73 -7.99 -39.55
CA ASP C 20 -9.10 -6.61 -39.28
C ASP C 20 -10.49 -6.52 -38.65
N GLN C 21 -11.36 -7.46 -38.98
CA GLN C 21 -12.71 -7.48 -38.41
C GLN C 21 -12.66 -7.87 -36.93
N VAL C 22 -11.92 -8.92 -36.62
CA VAL C 22 -11.75 -9.37 -35.25
C VAL C 22 -11.13 -8.26 -34.41
N VAL C 23 -10.09 -7.64 -34.95
CA VAL C 23 -9.40 -6.55 -34.26
C VAL C 23 -10.35 -5.38 -34.02
N SER C 24 -11.07 -4.98 -35.06
CA SER C 24 -12.03 -3.89 -34.95
C SER C 24 -13.10 -4.22 -33.91
N THR C 25 -13.61 -5.44 -33.95
CA THR C 25 -14.60 -5.91 -32.99
C THR C 25 -14.07 -5.80 -31.56
N PHE C 26 -12.78 -6.11 -31.38
CA PHE C 26 -12.18 -6.05 -30.06
C PHE C 26 -12.04 -4.61 -29.55
N TYR C 27 -11.45 -3.74 -30.37
CA TYR C 27 -11.11 -2.40 -29.91
C TYR C 27 -12.29 -1.43 -29.91
N GLN C 28 -13.15 -1.52 -30.94
CA GLN C 28 -14.27 -0.58 -31.06
C GLN C 28 -15.63 -1.21 -30.72
N GLY C 29 -15.67 -2.54 -30.64
CA GLY C 29 -16.90 -3.22 -30.30
C GLY C 29 -17.15 -3.21 -28.80
N SER C 30 -18.04 -4.07 -28.34
CA SER C 30 -18.39 -4.12 -26.92
C SER C 30 -19.04 -5.44 -26.53
N GLY C 31 -19.17 -5.66 -25.23
CA GLY C 31 -19.91 -6.79 -24.71
C GLY C 31 -19.36 -8.16 -25.09
N VAL C 32 -20.27 -9.08 -25.39
CA VAL C 32 -19.92 -10.46 -25.71
C VAL C 32 -19.06 -10.55 -26.96
N GLN C 33 -19.41 -9.77 -27.98
CA GLN C 33 -18.64 -9.73 -29.22
C GLN C 33 -17.19 -9.38 -28.96
N GLN C 34 -16.99 -8.29 -28.22
CA GLN C 34 -15.65 -7.83 -27.86
C GLN C 34 -14.89 -8.91 -27.09
N LYS C 35 -15.57 -9.59 -26.18
CA LYS C 35 -14.94 -10.60 -25.34
C LYS C 35 -14.47 -11.79 -26.17
N GLN C 36 -15.33 -12.26 -27.07
CA GLN C 36 -14.98 -13.38 -27.94
C GLN C 36 -13.78 -13.03 -28.81
N ALA C 37 -13.82 -11.85 -29.41
CA ALA C 37 -12.74 -11.37 -30.26
C ALA C 37 -11.43 -11.28 -29.48
N GLN C 38 -11.51 -10.83 -28.24
CA GLN C 38 -10.34 -10.70 -27.37
C GLN C 38 -9.67 -12.06 -27.20
N GLU C 39 -10.46 -13.10 -26.97
CA GLU C 39 -9.95 -14.43 -26.73
C GLU C 39 -9.38 -15.04 -28.00
N ILE C 40 -9.96 -14.68 -29.14
CA ILE C 40 -9.45 -15.13 -30.43
C ILE C 40 -8.08 -14.49 -30.71
N LEU C 41 -7.98 -13.19 -30.50
CA LEU C 41 -6.75 -12.46 -30.79
C LEU C 41 -5.58 -12.98 -29.93
N THR C 42 -5.86 -13.28 -28.67
N THR C 42 -5.86 -13.28 -28.68
CA THR C 42 -4.84 -13.79 -27.77
CA THR C 42 -4.84 -13.79 -27.77
C THR C 42 -4.34 -15.16 -28.22
C THR C 42 -4.33 -15.15 -28.26
N LYS C 43 -5.25 -16.01 -28.67
CA LYS C 43 -4.89 -17.33 -29.19
C LYS C 43 -4.05 -17.19 -30.44
N PHE C 44 -4.44 -16.25 -31.30
CA PHE C 44 -3.71 -15.97 -32.54
C PHE C 44 -2.29 -15.52 -32.21
N GLN C 45 -2.19 -14.54 -31.32
CA GLN C 45 -0.90 -13.96 -30.95
C GLN C 45 0.04 -14.99 -30.33
N ASP C 46 -0.53 -15.91 -29.55
CA ASP C 46 0.26 -16.88 -28.80
C ASP C 46 0.60 -18.12 -29.62
N ASN C 47 0.07 -18.20 -30.85
CA ASN C 47 0.48 -19.25 -31.77
C ASN C 47 1.95 -19.08 -32.11
N PRO C 48 2.78 -20.10 -31.82
CA PRO C 48 4.23 -19.93 -31.99
C PRO C 48 4.67 -19.74 -33.45
N ASP C 49 3.74 -19.89 -34.39
CA ASP C 49 4.04 -19.68 -35.81
C ASP C 49 3.39 -18.42 -36.36
N ALA C 50 2.75 -17.66 -35.48
CA ALA C 50 2.05 -16.43 -35.90
C ALA C 50 3.01 -15.40 -36.49
N TRP C 51 4.26 -15.44 -36.04
CA TRP C 51 5.25 -14.45 -36.46
C TRP C 51 5.53 -14.54 -37.96
N GLN C 52 5.38 -15.73 -38.53
CA GLN C 52 5.62 -15.94 -39.94
C GLN C 52 4.61 -15.18 -40.81
N LYS C 53 3.47 -14.86 -40.20
CA LYS C 53 2.40 -14.15 -40.91
C LYS C 53 2.44 -12.66 -40.62
N ALA C 54 3.50 -12.21 -39.93
CA ALA C 54 3.62 -10.81 -39.55
C ALA C 54 3.88 -9.91 -40.75
N ASP C 55 4.69 -10.37 -41.69
CA ASP C 55 4.99 -9.57 -42.88
C ASP C 55 3.75 -9.37 -43.74
N GLN C 56 2.93 -10.40 -43.84
CA GLN C 56 1.67 -10.31 -44.58
C GLN C 56 0.80 -9.20 -44.00
N ILE C 57 0.65 -9.22 -42.68
CA ILE C 57 -0.19 -8.25 -41.98
C ILE C 57 0.37 -6.83 -42.16
N LEU C 58 1.66 -6.66 -41.89
CA LEU C 58 2.27 -5.33 -41.96
C LEU C 58 2.24 -4.76 -43.39
N GLN C 59 2.15 -5.63 -44.38
CA GLN C 59 2.08 -5.21 -45.77
C GLN C 59 0.66 -4.96 -46.24
N PHE C 60 -0.23 -5.91 -45.96
CA PHE C 60 -1.54 -5.96 -46.62
C PHE C 60 -2.70 -5.49 -45.74
N SER C 61 -2.47 -5.31 -44.44
CA SER C 61 -3.51 -4.82 -43.55
C SER C 61 -3.71 -3.33 -43.73
N THR C 62 -4.93 -2.86 -43.48
CA THR C 62 -5.26 -1.44 -43.50
C THR C 62 -5.72 -0.98 -42.12
N ASN C 63 -5.49 -1.84 -41.12
CA ASN C 63 -5.84 -1.54 -39.74
C ASN C 63 -4.56 -1.36 -38.92
N PRO C 64 -4.33 -0.15 -38.38
CA PRO C 64 -3.07 0.06 -37.66
C PRO C 64 -2.96 -0.78 -36.39
N GLN C 65 -4.10 -1.16 -35.80
CA GLN C 65 -4.08 -2.00 -34.61
C GLN C 65 -3.66 -3.42 -34.95
N SER C 66 -4.03 -3.90 -36.14
CA SER C 66 -3.63 -5.22 -36.60
C SER C 66 -2.11 -5.27 -36.76
N LYS C 67 -1.55 -4.19 -37.29
CA LYS C 67 -0.11 -4.07 -37.48
C LYS C 67 0.63 -3.99 -36.14
N PHE C 68 0.03 -3.28 -35.19
CA PHE C 68 0.57 -3.19 -33.84
C PHE C 68 0.72 -4.59 -33.25
N ILE C 69 -0.33 -5.39 -33.36
CA ILE C 69 -0.34 -6.74 -32.83
C ILE C 69 0.67 -7.61 -33.58
N ALA C 70 0.84 -7.37 -34.87
CA ALA C 70 1.83 -8.10 -35.65
C ALA C 70 3.23 -7.81 -35.11
N LEU C 71 3.46 -6.58 -34.71
CA LEU C 71 4.76 -6.19 -34.16
C LEU C 71 4.95 -6.76 -32.75
N SER C 72 3.88 -6.85 -31.97
CA SER C 72 3.95 -7.52 -30.67
C SER C 72 4.36 -8.98 -30.85
N ILE C 73 3.77 -9.64 -31.83
CA ILE C 73 4.11 -11.02 -32.15
C ILE C 73 5.59 -11.14 -32.52
N LEU C 74 6.08 -10.18 -33.30
CA LEU C 74 7.49 -10.17 -33.69
C LEU C 74 8.39 -9.90 -32.49
N ASP C 75 7.94 -9.01 -31.61
N ASP C 75 7.95 -9.03 -31.60
CA ASP C 75 8.69 -8.67 -30.40
CA ASP C 75 8.73 -8.69 -30.40
C ASP C 75 8.97 -9.93 -29.57
C ASP C 75 8.96 -9.92 -29.55
N LYS C 76 7.92 -10.74 -29.39
CA LYS C 76 8.03 -12.00 -28.66
C LYS C 76 9.11 -12.89 -29.26
N LEU C 77 9.09 -13.00 -30.58
CA LEU C 77 10.05 -13.81 -31.32
C LEU C 77 11.48 -13.30 -31.12
N ILE C 78 11.67 -12.00 -31.35
CA ILE C 78 13.00 -11.39 -31.26
C ILE C 78 13.54 -11.49 -29.84
N THR C 79 12.66 -11.33 -28.85
CA THR C 79 13.07 -11.29 -27.46
C THR C 79 13.49 -12.67 -26.94
N ARG C 80 12.84 -13.72 -27.43
CA ARG C 80 12.95 -15.04 -26.81
C ARG C 80 13.55 -16.13 -27.71
N LYS C 81 13.36 -16.02 -29.02
CA LYS C 81 13.76 -17.09 -29.95
C LYS C 81 14.58 -16.62 -31.14
N TRP C 82 15.12 -15.41 -31.06
CA TRP C 82 15.88 -14.80 -32.16
C TRP C 82 17.02 -15.69 -32.66
N LYS C 83 17.82 -16.21 -31.74
CA LYS C 83 19.01 -16.98 -32.10
C LYS C 83 18.67 -18.40 -32.55
N LEU C 84 17.40 -18.76 -32.44
CA LEU C 84 16.92 -20.07 -32.88
C LEU C 84 16.58 -20.04 -34.37
N LEU C 85 16.26 -18.85 -34.87
CA LEU C 85 15.86 -18.69 -36.27
C LEU C 85 17.01 -19.03 -37.22
N PRO C 86 16.68 -19.50 -38.43
CA PRO C 86 17.71 -19.56 -39.48
C PRO C 86 18.23 -18.16 -39.76
N ASN C 87 19.50 -18.05 -40.14
CA ASN C 87 20.12 -16.74 -40.33
C ASN C 87 19.39 -15.88 -41.35
N ASP C 88 18.82 -16.52 -42.36
CA ASP C 88 18.10 -15.82 -43.41
C ASP C 88 16.85 -15.12 -42.89
N HIS C 89 16.20 -15.72 -41.88
CA HIS C 89 15.00 -15.11 -41.31
C HIS C 89 15.38 -13.89 -40.47
N ARG C 90 16.49 -13.98 -39.76
CA ARG C 90 16.98 -12.86 -38.97
C ARG C 90 17.26 -11.65 -39.87
N ILE C 91 17.96 -11.88 -40.98
CA ILE C 91 18.22 -10.82 -41.95
C ILE C 91 16.91 -10.31 -42.53
N GLY C 92 16.02 -11.24 -42.89
CA GLY C 92 14.74 -10.90 -43.48
C GLY C 92 13.88 -10.04 -42.59
N ILE C 93 13.84 -10.35 -41.30
CA ILE C 93 13.03 -9.60 -40.35
C ILE C 93 13.62 -8.20 -40.16
N ARG C 94 14.94 -8.10 -40.07
CA ARG C 94 15.59 -6.79 -39.94
C ARG C 94 15.24 -5.91 -41.13
N ASN C 95 15.46 -6.41 -42.35
CA ASN C 95 15.20 -5.63 -43.55
C ASN C 95 13.75 -5.20 -43.64
N PHE C 96 12.84 -6.08 -43.23
CA PHE C 96 11.42 -5.78 -43.28
C PHE C 96 11.05 -4.64 -42.33
N VAL C 97 11.53 -4.73 -41.10
CA VAL C 97 11.23 -3.72 -40.09
C VAL C 97 11.85 -2.37 -40.48
N VAL C 98 13.11 -2.38 -40.90
CA VAL C 98 13.78 -1.17 -41.35
C VAL C 98 13.01 -0.54 -42.51
N GLY C 99 12.69 -1.36 -43.51
CA GLY C 99 11.99 -0.88 -44.69
C GLY C 99 10.62 -0.33 -44.35
N MET C 100 9.98 -0.92 -43.35
CA MET C 100 8.65 -0.48 -42.93
C MET C 100 8.71 0.89 -42.27
N ILE C 101 9.75 1.12 -41.49
CA ILE C 101 9.92 2.39 -40.79
C ILE C 101 10.24 3.51 -41.79
N ILE C 102 11.13 3.21 -42.73
CA ILE C 102 11.51 4.18 -43.76
C ILE C 102 10.28 4.68 -44.53
N SER C 103 9.45 3.75 -44.99
CA SER C 103 8.30 4.10 -45.81
C SER C 103 7.27 4.91 -45.03
N MET C 104 7.10 4.60 -43.74
CA MET C 104 6.17 5.34 -42.91
C MET C 104 6.63 6.77 -42.67
N CYS C 105 7.95 6.96 -42.61
N CYS C 105 7.95 6.96 -42.63
CA CYS C 105 8.52 8.29 -42.42
CA CYS C 105 8.51 8.29 -42.41
C CYS C 105 8.41 9.13 -43.69
C CYS C 105 8.49 9.13 -43.68
N GLN C 106 8.53 8.47 -44.84
CA GLN C 106 8.51 9.16 -46.12
C GLN C 106 7.10 9.65 -46.49
N ASP C 107 6.09 9.01 -45.91
CA ASP C 107 4.71 9.42 -46.10
C ASP C 107 4.29 10.39 -45.00
N ASP C 108 4.18 11.67 -45.34
CA ASP C 108 3.85 12.70 -44.35
C ASP C 108 2.48 12.47 -43.72
N GLU C 109 1.57 11.87 -44.47
CA GLU C 109 0.23 11.60 -43.97
C GLU C 109 0.28 10.49 -42.92
N VAL C 110 0.99 9.42 -43.24
CA VAL C 110 1.15 8.29 -42.32
C VAL C 110 1.96 8.70 -41.10
N PHE C 111 3.04 9.46 -41.34
CA PHE C 111 3.93 9.88 -40.27
C PHE C 111 3.20 10.66 -39.19
N LYS C 112 2.19 11.42 -39.60
CA LYS C 112 1.48 12.31 -38.68
C LYS C 112 0.27 11.66 -38.02
N THR C 113 -0.32 10.67 -38.68
CA THR C 113 -1.58 10.08 -38.21
C THR C 113 -1.42 8.71 -37.53
N GLN C 114 -0.26 8.07 -37.72
CA GLN C 114 -0.02 6.74 -37.16
C GLN C 114 1.20 6.71 -36.25
N LYS C 115 1.24 7.63 -35.29
CA LYS C 115 2.36 7.72 -34.36
C LYS C 115 2.50 6.47 -33.50
N ASN C 116 1.38 5.84 -33.15
N ASN C 116 1.38 5.85 -33.16
CA ASN C 116 1.40 4.66 -32.30
CA ASN C 116 1.38 4.68 -32.31
C ASN C 116 2.11 3.50 -32.98
C ASN C 116 2.07 3.49 -32.97
N LEU C 117 1.82 3.31 -34.27
CA LEU C 117 2.41 2.21 -35.02
C LEU C 117 3.90 2.44 -35.26
N ILE C 118 4.28 3.69 -35.53
CA ILE C 118 5.67 4.03 -35.77
C ILE C 118 6.51 3.84 -34.50
N ASN C 119 6.00 4.32 -33.37
CA ASN C 119 6.66 4.15 -32.09
C ASN C 119 6.87 2.67 -31.78
N LYS C 120 5.85 1.86 -32.06
CA LYS C 120 5.91 0.43 -31.84
C LYS C 120 6.94 -0.20 -32.77
N SER C 121 6.99 0.27 -34.01
CA SER C 121 7.96 -0.23 -34.98
C SER C 121 9.37 0.14 -34.56
N ASP C 122 9.54 1.35 -34.04
CA ASP C 122 10.83 1.80 -33.54
C ASP C 122 11.29 0.95 -32.37
N LEU C 123 10.38 0.65 -31.46
CA LEU C 123 10.71 -0.19 -30.32
C LEU C 123 11.14 -1.59 -30.80
N THR C 124 10.45 -2.09 -31.82
CA THR C 124 10.76 -3.40 -32.39
C THR C 124 12.16 -3.40 -33.00
N LEU C 125 12.50 -2.31 -33.67
CA LEU C 125 13.85 -2.15 -34.21
C LEU C 125 14.89 -2.22 -33.11
N VAL C 126 14.59 -1.56 -31.99
CA VAL C 126 15.52 -1.55 -30.84
C VAL C 126 15.71 -2.95 -30.29
N GLN C 127 14.66 -3.76 -30.32
CA GLN C 127 14.77 -5.14 -29.85
C GLN C 127 15.74 -5.91 -30.73
N ILE C 128 15.74 -5.59 -32.02
CA ILE C 128 16.68 -6.22 -32.95
C ILE C 128 18.09 -5.72 -32.69
N LEU C 129 18.23 -4.42 -32.44
CA LEU C 129 19.53 -3.83 -32.13
C LEU C 129 20.17 -4.48 -30.92
N LYS C 130 19.37 -4.74 -29.89
CA LYS C 130 19.86 -5.36 -28.66
C LYS C 130 20.43 -6.75 -28.96
N GLN C 131 19.93 -7.37 -30.02
CA GLN C 131 20.42 -8.68 -30.44
C GLN C 131 21.61 -8.58 -31.40
N GLU C 132 21.57 -7.60 -32.28
CA GLU C 132 22.43 -7.58 -33.47
C GLU C 132 23.50 -6.50 -33.47
N TRP C 133 23.32 -5.47 -32.64
CA TRP C 133 24.17 -4.30 -32.71
C TRP C 133 25.13 -4.24 -31.52
N PRO C 134 26.39 -3.81 -31.75
CA PRO C 134 27.00 -3.41 -33.03
C PRO C 134 27.73 -4.53 -33.77
N GLN C 135 27.92 -5.67 -33.12
CA GLN C 135 28.75 -6.75 -33.68
C GLN C 135 28.34 -7.20 -35.08
N ASN C 136 27.03 -7.17 -35.37
CA ASN C 136 26.53 -7.57 -36.68
C ASN C 136 25.77 -6.43 -37.38
N TRP C 137 26.07 -5.20 -36.99
CA TRP C 137 25.42 -4.04 -37.56
C TRP C 137 26.24 -2.79 -37.24
N PRO C 138 27.54 -2.82 -37.56
CA PRO C 138 28.47 -1.76 -37.17
C PRO C 138 28.13 -0.40 -37.76
N GLU C 139 27.44 -0.40 -38.89
CA GLU C 139 27.19 0.84 -39.63
C GLU C 139 25.88 1.53 -39.23
N PHE C 140 25.19 0.98 -38.24
CA PHE C 140 23.87 1.49 -37.88
C PHE C 140 23.87 2.97 -37.52
N ILE C 141 24.73 3.34 -36.57
CA ILE C 141 24.76 4.73 -36.10
C ILE C 141 25.28 5.68 -37.18
N PRO C 142 26.38 5.32 -37.87
CA PRO C 142 26.82 6.16 -38.99
C PRO C 142 25.74 6.39 -40.04
N GLU C 143 24.99 5.34 -40.37
CA GLU C 143 23.95 5.45 -41.39
C GLU C 143 22.72 6.19 -40.86
N LEU C 144 22.43 6.01 -39.58
CA LEU C 144 21.35 6.75 -38.93
C LEU C 144 21.60 8.25 -39.05
N ILE C 145 22.81 8.66 -38.71
CA ILE C 145 23.19 10.07 -38.77
C ILE C 145 23.14 10.59 -40.20
N GLY C 146 23.53 9.75 -41.15
CA GLY C 146 23.50 10.11 -42.55
C GLY C 146 22.09 10.35 -43.06
N SER C 147 21.17 9.45 -42.70
CA SER C 147 19.80 9.52 -43.17
C SER C 147 19.02 10.66 -42.50
N SER C 148 19.51 11.11 -41.35
CA SER C 148 18.85 12.18 -40.62
C SER C 148 18.82 13.49 -41.42
N SER C 149 19.83 13.72 -42.23
CA SER C 149 19.95 14.98 -42.96
C SER C 149 19.06 15.02 -44.20
N SER C 150 18.57 13.86 -44.63
N SER C 150 18.58 13.85 -44.63
CA SER C 150 17.81 13.75 -45.87
CA SER C 150 17.80 13.74 -45.86
C SER C 150 16.32 14.03 -45.66
C SER C 150 16.32 14.09 -45.66
N SER C 151 15.87 14.07 -44.41
CA SER C 151 14.46 14.29 -44.12
C SER C 151 14.20 14.64 -42.66
N VAL C 152 13.35 15.63 -42.43
CA VAL C 152 12.98 16.06 -41.09
C VAL C 152 12.21 14.95 -40.37
N ASN C 153 11.35 14.25 -41.10
CA ASN C 153 10.58 13.16 -40.54
C ASN C 153 11.48 12.01 -40.07
N VAL C 154 12.44 11.65 -40.90
CA VAL C 154 13.37 10.58 -40.57
C VAL C 154 14.26 11.01 -39.40
N CYS C 155 14.71 12.27 -39.43
CA CYS C 155 15.53 12.79 -38.36
C CYS C 155 14.79 12.70 -37.04
N GLU C 156 13.54 13.14 -37.05
CA GLU C 156 12.70 13.09 -35.85
C GLU C 156 12.54 11.65 -35.36
N ASN C 157 12.23 10.74 -36.27
CA ASN C 157 12.00 9.36 -35.89
C ASN C 157 13.29 8.71 -35.37
N ASN C 158 14.42 9.13 -35.92
CA ASN C 158 15.71 8.63 -35.45
C ASN C 158 15.96 9.03 -34.00
N MET C 159 15.47 10.20 -33.61
CA MET C 159 15.60 10.66 -32.22
C MET C 159 14.77 9.77 -31.29
N ILE C 160 13.65 9.27 -31.81
CA ILE C 160 12.80 8.37 -31.04
C ILE C 160 13.49 7.03 -30.88
N VAL C 161 14.06 6.51 -31.96
CA VAL C 161 14.81 5.27 -31.94
C VAL C 161 15.96 5.36 -30.94
N LEU C 162 16.70 6.46 -30.99
CA LEU C 162 17.85 6.65 -30.10
C LEU C 162 17.41 6.78 -28.65
N LYS C 163 16.29 7.45 -28.43
CA LYS C 163 15.72 7.58 -27.09
C LYS C 163 15.42 6.20 -26.49
N LEU C 164 14.68 5.39 -27.26
CA LEU C 164 14.29 4.06 -26.82
C LEU C 164 15.52 3.18 -26.60
N LEU C 165 16.50 3.30 -27.48
CA LEU C 165 17.74 2.53 -27.36
C LEU C 165 18.44 2.86 -26.05
N SER C 166 18.57 4.15 -25.76
CA SER C 166 19.19 4.60 -24.52
C SER C 166 18.43 4.05 -23.31
N GLU C 167 17.11 4.09 -23.37
CA GLU C 167 16.27 3.57 -22.30
C GLU C 167 16.50 2.09 -22.07
N GLU C 168 16.49 1.30 -23.14
CA GLU C 168 16.61 -0.14 -23.04
C GLU C 168 18.00 -0.58 -22.59
N VAL C 169 19.01 0.24 -22.89
CA VAL C 169 20.39 -0.09 -22.55
C VAL C 169 20.78 0.39 -21.15
N PHE C 170 20.40 1.62 -20.78
CA PHE C 170 20.85 2.21 -19.52
C PHE C 170 19.78 2.24 -18.42
N ASP C 171 18.52 2.38 -18.78
CA ASP C 171 17.46 2.57 -17.78
C ASP C 171 16.76 1.25 -17.38
N PHE C 172 16.64 0.33 -18.32
CA PHE C 172 15.84 -0.88 -18.10
C PHE C 172 16.57 -2.17 -18.46
N SER C 173 17.90 -2.15 -18.41
CA SER C 173 18.69 -3.34 -18.75
C SER C 173 18.94 -4.25 -17.55
N ALA C 174 18.88 -3.68 -16.35
CA ALA C 174 19.27 -4.36 -15.12
C ALA C 174 18.65 -5.75 -14.95
N GLU C 175 17.35 -5.86 -15.21
CA GLU C 175 16.61 -7.10 -14.99
C GLU C 175 16.23 -7.81 -16.28
N GLN C 176 16.69 -7.29 -17.42
CA GLN C 176 16.32 -7.81 -18.72
C GLN C 176 17.50 -8.37 -19.51
N MET C 177 18.71 -8.06 -19.08
CA MET C 177 19.92 -8.60 -19.70
C MET C 177 20.88 -9.15 -18.67
N THR C 178 21.76 -10.05 -19.09
CA THR C 178 22.86 -10.47 -18.25
C THR C 178 23.78 -9.29 -18.01
N GLN C 179 24.57 -9.36 -16.94
CA GLN C 179 25.52 -8.29 -16.64
C GLN C 179 26.45 -8.03 -17.81
N ALA C 180 26.89 -9.11 -18.45
CA ALA C 180 27.84 -9.03 -19.55
C ALA C 180 27.24 -8.36 -20.78
N LYS C 181 26.01 -8.70 -21.11
CA LYS C 181 25.37 -8.13 -22.30
C LYS C 181 25.05 -6.66 -22.09
N ALA C 182 24.58 -6.33 -20.89
CA ALA C 182 24.30 -4.94 -20.54
C ALA C 182 25.56 -4.10 -20.69
N LEU C 183 26.67 -4.58 -20.14
CA LEU C 183 27.94 -3.86 -20.22
C LEU C 183 28.38 -3.72 -21.67
N HIS C 184 28.18 -4.77 -22.46
CA HIS C 184 28.53 -4.74 -23.87
C HIS C 184 27.78 -3.62 -24.59
N LEU C 185 26.48 -3.53 -24.35
CA LEU C 185 25.66 -2.52 -25.03
C LEU C 185 25.95 -1.11 -24.50
N LYS C 186 26.19 -0.99 -23.20
CA LYS C 186 26.52 0.31 -22.62
C LYS C 186 27.82 0.85 -23.22
N ASN C 187 28.85 0.01 -23.23
CA ASN C 187 30.12 0.37 -23.85
C ASN C 187 29.95 0.73 -25.33
N SER C 188 29.08 0.00 -26.01
CA SER C 188 28.86 0.23 -27.44
C SER C 188 28.27 1.62 -27.70
N MET C 189 27.25 1.98 -26.93
N MET C 189 27.27 2.01 -26.92
CA MET C 189 26.63 3.30 -27.06
CA MET C 189 26.65 3.32 -27.10
C MET C 189 27.60 4.39 -26.67
C MET C 189 27.60 4.43 -26.65
N SER C 190 28.36 4.16 -25.60
N SER C 190 28.38 4.14 -25.62
CA SER C 190 29.36 5.11 -25.15
CA SER C 190 29.38 5.09 -25.13
C SER C 190 30.39 5.38 -26.24
C SER C 190 30.43 5.36 -26.21
N LYS C 191 30.81 4.31 -26.92
CA LYS C 191 31.82 4.42 -27.98
C LYS C 191 31.38 5.35 -29.10
N GLU C 192 30.09 5.36 -29.42
CA GLU C 192 29.59 6.10 -30.57
C GLU C 192 28.73 7.31 -30.20
N PHE C 193 28.73 7.70 -28.93
CA PHE C 193 27.88 8.80 -28.51
C PHE C 193 28.36 10.15 -29.03
N GLU C 194 29.68 10.28 -29.23
CA GLU C 194 30.25 11.51 -29.74
C GLU C 194 29.54 11.93 -31.03
N GLN C 195 29.35 10.97 -31.92
N GLN C 195 29.32 10.96 -31.92
CA GLN C 195 28.65 11.19 -33.18
CA GLN C 195 28.66 11.23 -33.19
C GLN C 195 27.19 11.56 -32.91
C GLN C 195 27.16 11.47 -32.99
N ILE C 196 26.57 10.80 -32.01
CA ILE C 196 25.16 11.00 -31.68
C ILE C 196 24.94 12.39 -31.13
N PHE C 197 25.81 12.82 -30.23
CA PHE C 197 25.67 14.13 -29.61
C PHE C 197 25.81 15.25 -30.64
N LYS C 198 26.73 15.06 -31.58
CA LYS C 198 26.96 16.06 -32.63
C LYS C 198 25.68 16.31 -33.40
N LEU C 199 24.99 15.23 -33.77
CA LEU C 199 23.70 15.32 -34.45
C LEU C 199 22.67 16.05 -33.60
N CYS C 200 22.51 15.58 -32.36
CA CYS C 200 21.57 16.16 -31.42
CA CYS C 200 21.53 16.16 -31.45
C CYS C 200 21.76 17.66 -31.27
N PHE C 201 23.01 18.06 -31.04
CA PHE C 201 23.33 19.47 -30.85
C PHE C 201 23.07 20.29 -32.11
N GLN C 202 23.36 19.73 -33.27
CA GLN C 202 23.13 20.42 -34.54
C GLN C 202 21.65 20.73 -34.72
N VAL C 203 20.81 19.73 -34.45
CA VAL C 203 19.36 19.89 -34.54
C VAL C 203 18.88 21.00 -33.61
N LEU C 204 19.32 20.97 -32.37
CA LEU C 204 18.90 21.95 -31.37
C LEU C 204 19.37 23.36 -31.72
N GLU C 205 20.56 23.46 -32.28
CA GLU C 205 21.16 24.76 -32.59
C GLU C 205 20.54 25.36 -33.85
N GLN C 206 20.16 24.50 -34.79
CA GLN C 206 19.73 24.94 -36.11
C GLN C 206 18.24 24.73 -36.37
N GLY C 207 17.74 23.54 -35.99
CA GLY C 207 16.39 23.13 -36.31
C GLY C 207 15.32 24.13 -35.93
N SER C 208 14.22 24.12 -36.69
CA SER C 208 13.08 25.01 -36.44
C SER C 208 11.79 24.23 -36.27
N SER C 209 11.77 22.98 -36.75
CA SER C 209 10.62 22.11 -36.57
C SER C 209 10.43 21.79 -35.09
N SER C 210 9.32 22.24 -34.53
N SER C 210 9.32 22.24 -34.53
CA SER C 210 9.04 22.03 -33.11
CA SER C 210 9.06 22.07 -33.11
C SER C 210 8.96 20.54 -32.77
C SER C 210 8.99 20.59 -32.74
N SER C 211 8.30 19.78 -33.63
N SER C 211 8.31 19.79 -33.55
CA SER C 211 8.13 18.34 -33.41
CA SER C 211 8.17 18.37 -33.28
C SER C 211 9.48 17.63 -33.40
C SER C 211 9.54 17.69 -33.29
N LEU C 212 10.43 18.16 -34.16
CA LEU C 212 11.78 17.63 -34.24
C LEU C 212 12.58 17.99 -32.99
N ILE C 213 12.51 19.26 -32.59
CA ILE C 213 13.23 19.73 -31.42
C ILE C 213 12.76 19.02 -30.16
N VAL C 214 11.44 18.87 -30.02
CA VAL C 214 10.89 18.20 -28.85
C VAL C 214 11.40 16.76 -28.75
N ALA C 215 11.33 16.01 -29.86
CA ALA C 215 11.80 14.63 -29.88
C ALA C 215 13.30 14.57 -29.53
N THR C 216 14.05 15.55 -30.03
CA THR C 216 15.48 15.61 -29.77
C THR C 216 15.75 15.86 -28.29
N LEU C 217 14.96 16.73 -27.68
CA LEU C 217 15.12 17.03 -26.27
C LEU C 217 14.69 15.85 -25.42
N GLU C 218 13.67 15.13 -25.87
N GLU C 218 13.68 15.12 -25.89
CA GLU C 218 13.21 13.93 -25.18
CA GLU C 218 13.20 13.94 -25.19
C GLU C 218 14.34 12.91 -25.12
C GLU C 218 14.25 12.83 -25.18
N SER C 219 15.10 12.80 -26.20
CA SER C 219 16.20 11.84 -26.26
C SER C 219 17.35 12.33 -25.38
N LEU C 220 17.58 13.64 -25.35
CA LEU C 220 18.62 14.22 -24.52
C LEU C 220 18.36 13.95 -23.05
N LEU C 221 17.08 13.98 -22.66
CA LEU C 221 16.72 13.69 -21.28
C LEU C 221 17.25 12.33 -20.87
N ARG C 222 17.10 11.36 -21.75
CA ARG C 222 17.60 10.00 -21.50
C ARG C 222 19.12 9.96 -21.42
N TYR C 223 19.79 10.64 -22.34
CA TYR C 223 21.25 10.66 -22.36
C TYR C 223 21.81 11.19 -21.06
N LEU C 224 21.18 12.22 -20.52
CA LEU C 224 21.66 12.88 -19.31
C LEU C 224 21.74 11.93 -18.13
N HIS C 225 21.09 10.78 -18.25
CA HIS C 225 21.15 9.75 -17.20
C HIS C 225 22.54 9.13 -17.08
N TRP C 226 23.34 9.18 -18.16
CA TRP C 226 24.60 8.43 -18.17
C TRP C 226 25.81 9.08 -18.85
N ILE C 227 25.62 10.10 -19.67
CA ILE C 227 26.74 10.60 -20.47
C ILE C 227 27.74 11.39 -19.63
N PRO C 228 29.00 11.46 -20.10
CA PRO C 228 30.04 12.27 -19.45
C PRO C 228 29.62 13.73 -19.31
N TYR C 229 30.07 14.37 -18.24
N TYR C 229 30.04 14.39 -18.23
CA TYR C 229 29.70 15.75 -17.94
CA TYR C 229 29.63 15.77 -17.98
C TYR C 229 30.20 16.73 -19.00
C TYR C 229 30.19 16.73 -19.02
N ARG C 230 31.27 16.34 -19.70
N ARG C 230 31.26 16.34 -19.69
CA ARG C 230 31.91 17.25 -20.65
CA ARG C 230 31.91 17.22 -20.66
C ARG C 230 30.99 17.58 -21.83
C ARG C 230 30.99 17.58 -21.82
N TYR C 231 30.09 16.66 -22.17
CA TYR C 231 29.15 16.90 -23.27
C TYR C 231 28.17 18.03 -22.92
N ILE C 232 27.96 18.25 -21.63
CA ILE C 232 27.02 19.26 -21.17
C ILE C 232 27.71 20.58 -20.86
N TYR C 233 28.91 20.51 -20.28
CA TYR C 233 29.58 21.71 -19.79
C TYR C 233 30.62 22.31 -20.74
N GLU C 234 31.20 21.48 -21.61
CA GLU C 234 32.20 21.97 -22.56
C GLU C 234 31.59 22.34 -23.91
N THR C 235 30.27 22.17 -24.02
CA THR C 235 29.53 22.60 -25.20
C THR C 235 28.67 23.80 -24.82
N ASN C 236 27.91 24.31 -25.78
CA ASN C 236 27.09 25.49 -25.56
C ASN C 236 25.65 25.11 -25.18
N ILE C 237 25.41 23.82 -24.94
CA ILE C 237 24.05 23.31 -24.86
C ILE C 237 23.27 23.83 -23.65
N LEU C 238 23.95 24.15 -22.56
CA LEU C 238 23.25 24.67 -21.37
C LEU C 238 22.66 26.05 -21.66
N GLU C 239 23.36 26.85 -22.46
CA GLU C 239 22.86 28.15 -22.86
C GLU C 239 21.56 27.99 -23.64
N LEU C 240 21.53 27.03 -24.55
CA LEU C 240 20.37 26.77 -25.38
C LEU C 240 19.19 26.27 -24.55
N LEU C 241 19.46 25.33 -23.64
CA LEU C 241 18.42 24.78 -22.79
C LEU C 241 17.80 25.88 -21.92
N SER C 242 18.64 26.70 -21.29
CA SER C 242 18.16 27.63 -20.27
C SER C 242 17.62 28.95 -20.82
N THR C 243 17.84 29.21 -22.11
CA THR C 243 17.31 30.41 -22.76
C THR C 243 16.31 30.07 -23.84
N LYS C 244 16.82 29.71 -25.01
CA LYS C 244 16.02 29.41 -26.20
C LYS C 244 14.78 28.55 -25.93
N PHE C 245 15.00 27.39 -25.33
CA PHE C 245 13.96 26.37 -25.23
C PHE C 245 13.03 26.55 -24.01
N MET C 246 13.32 27.52 -23.16
CA MET C 246 12.44 27.85 -22.05
C MET C 246 11.36 28.85 -22.48
N THR C 247 11.57 29.53 -23.60
CA THR C 247 10.64 30.55 -24.07
C THR C 247 9.40 29.95 -24.75
N SER C 248 9.60 28.93 -25.57
CA SER C 248 8.48 28.27 -26.25
C SER C 248 7.86 27.21 -25.34
N PRO C 249 6.54 27.27 -25.12
CA PRO C 249 5.91 26.29 -24.21
C PRO C 249 6.06 24.84 -24.70
N ASP C 250 6.18 24.65 -26.01
CA ASP C 250 6.29 23.31 -26.58
C ASP C 250 7.51 22.57 -26.05
N THR C 251 8.64 23.27 -25.97
CA THR C 251 9.90 22.68 -25.52
C THR C 251 10.16 22.91 -24.03
N ARG C 252 9.37 23.79 -23.42
CA ARG C 252 9.60 24.21 -22.04
C ARG C 252 9.55 23.05 -21.05
N ALA C 253 8.55 22.19 -21.20
CA ALA C 253 8.34 21.09 -20.27
C ALA C 253 9.51 20.10 -20.29
N ILE C 254 9.95 19.71 -21.48
CA ILE C 254 11.02 18.72 -21.60
C ILE C 254 12.36 19.34 -21.23
N THR C 255 12.55 20.60 -21.57
CA THR C 255 13.78 21.31 -21.28
C THR C 255 14.00 21.42 -19.77
N LEU C 256 12.92 21.71 -19.06
CA LEU C 256 12.96 21.83 -17.62
C LEU C 256 13.36 20.49 -16.99
N LYS C 257 12.81 19.41 -17.53
CA LYS C 257 13.15 18.06 -17.07
C LYS C 257 14.63 17.77 -17.35
N CYS C 258 15.12 18.23 -18.50
CA CYS C 258 16.53 18.06 -18.82
C CYS C 258 17.42 18.81 -17.83
N LEU C 259 17.04 20.05 -17.52
CA LEU C 259 17.84 20.88 -16.63
C LEU C 259 17.81 20.34 -15.20
N THR C 260 16.73 19.68 -14.82
CA THR C 260 16.64 19.01 -13.54
C THR C 260 17.69 17.89 -13.44
N GLU C 261 17.85 17.14 -14.52
CA GLU C 261 18.84 16.07 -14.55
C GLU C 261 20.26 16.61 -14.57
N VAL C 262 20.48 17.72 -15.29
CA VAL C 262 21.79 18.38 -15.26
C VAL C 262 22.14 18.78 -13.83
N SER C 263 21.12 19.21 -13.09
N SER C 263 21.13 19.12 -13.04
CA SER C 263 21.30 19.77 -11.76
CA SER C 263 21.35 19.41 -11.63
C SER C 263 21.68 18.70 -10.74
C SER C 263 21.73 18.14 -10.85
N ASN C 264 21.17 17.49 -10.94
N ASN C 264 21.83 17.00 -11.54
CA ASN C 264 21.42 16.38 -10.02
CA ASN C 264 22.24 15.74 -10.92
C ASN C 264 22.90 16.10 -9.82
C ASN C 264 23.47 15.12 -11.60
N LEU C 265 23.68 16.31 -10.87
N LEU C 265 24.05 15.83 -12.56
CA LEU C 265 25.10 15.95 -10.89
CA LEU C 265 25.23 15.36 -13.26
C LEU C 265 25.90 16.66 -9.81
C LEU C 265 26.44 15.29 -12.32
N LYS C 266 26.78 15.90 -9.13
N LYS C 266 27.33 14.32 -12.56
CA LYS C 266 27.66 16.46 -8.12
CA LYS C 266 28.56 14.24 -11.79
C LYS C 266 28.73 17.34 -8.76
C LYS C 266 29.53 15.31 -12.26
N ILE C 267 29.19 16.90 -9.94
N ILE C 267 29.91 16.20 -11.36
CA ILE C 267 30.33 17.47 -10.70
CA ILE C 267 30.79 17.32 -11.70
C ILE C 267 31.57 17.81 -9.86
C ILE C 267 31.69 17.68 -10.52
N PRO C 268 32.71 18.04 -10.53
N PRO C 268 32.97 17.97 -10.80
CA PRO C 268 33.91 18.47 -9.80
CA PRO C 268 33.88 18.35 -9.69
C PRO C 268 33.68 19.80 -9.10
C PRO C 268 33.53 19.70 -9.08
N GLN C 269 33.78 19.82 -7.77
CA GLN C 269 33.45 21.03 -7.01
C GLN C 269 34.68 21.84 -6.66
N ASP C 270 35.72 21.73 -7.49
CA ASP C 270 36.92 22.53 -7.35
C ASP C 270 37.15 23.40 -8.58
N ASN C 271 36.46 23.07 -9.67
CA ASN C 271 36.56 23.83 -10.91
C ASN C 271 35.66 25.06 -10.89
N ASP C 272 36.26 26.23 -10.91
CA ASP C 272 35.52 27.48 -10.80
C ASP C 272 34.76 27.82 -12.08
N LEU C 273 35.25 27.34 -13.20
CA LEU C 273 34.59 27.57 -14.49
C LEU C 273 33.28 26.79 -14.55
N ILE C 274 33.32 25.53 -14.10
CA ILE C 274 32.12 24.70 -14.03
C ILE C 274 31.08 25.33 -13.12
N LYS C 275 31.54 25.87 -12.00
CA LYS C 275 30.64 26.47 -11.01
C LYS C 275 29.92 27.68 -11.59
N ARG C 276 30.62 28.46 -12.40
CA ARG C 276 30.01 29.63 -13.05
C ARG C 276 28.95 29.21 -14.05
N GLN C 277 29.19 28.10 -14.74
CA GLN C 277 28.23 27.58 -15.71
C GLN C 277 26.98 27.06 -15.01
N THR C 278 27.16 26.45 -13.86
CA THR C 278 26.05 25.92 -13.07
C THR C 278 25.20 27.07 -12.54
N VAL C 279 25.86 28.17 -12.15
CA VAL C 279 25.15 29.36 -11.74
C VAL C 279 24.42 29.98 -12.93
N LEU C 280 25.10 30.01 -14.07
CA LEU C 280 24.60 30.71 -15.24
C LEU C 280 23.29 30.11 -15.77
N PHE C 281 23.21 28.79 -15.90
CA PHE C 281 22.02 28.20 -16.51
C PHE C 281 20.83 28.31 -15.56
N PHE C 282 21.10 28.40 -14.26
CA PHE C 282 20.06 28.62 -13.27
C PHE C 282 19.53 30.05 -13.41
N GLN C 283 20.45 31.01 -13.48
CA GLN C 283 20.12 32.41 -13.68
C GLN C 283 19.26 32.61 -14.93
N ASN C 284 19.70 32.02 -16.06
CA ASN C 284 18.96 32.10 -17.30
C ASN C 284 17.55 31.52 -17.15
N THR C 285 17.45 30.34 -16.54
CA THR C 285 16.19 29.65 -16.41
C THR C 285 15.19 30.46 -15.58
N LEU C 286 15.65 30.95 -14.43
CA LEU C 286 14.81 31.78 -13.57
C LEU C 286 14.41 33.08 -14.25
N GLN C 287 15.30 33.60 -15.08
CA GLN C 287 15.00 34.81 -15.84
C GLN C 287 13.89 34.54 -16.86
N GLN C 288 13.95 33.39 -17.53
CA GLN C 288 12.94 33.04 -18.52
C GLN C 288 11.58 32.85 -17.89
N ILE C 289 11.56 32.26 -16.69
CA ILE C 289 10.29 32.01 -16.00
C ILE C 289 9.63 33.33 -15.63
N ALA C 290 10.41 34.26 -15.08
CA ALA C 290 9.89 35.55 -14.65
C ALA C 290 9.39 36.40 -15.82
N THR C 291 9.98 36.20 -17.00
CA THR C 291 9.65 37.03 -18.15
C THR C 291 8.63 36.38 -19.09
N SER C 292 8.66 35.06 -19.22
CA SER C 292 7.83 34.37 -20.20
C SER C 292 6.65 33.60 -19.59
N VAL C 293 6.72 33.28 -18.30
CA VAL C 293 5.71 32.44 -17.67
C VAL C 293 4.92 33.18 -16.59
N MET C 294 5.56 33.51 -15.48
CA MET C 294 4.90 34.31 -14.45
C MET C 294 5.91 34.95 -13.49
N PRO C 295 5.61 36.16 -13.00
CA PRO C 295 6.51 36.81 -12.05
C PRO C 295 6.50 36.10 -10.69
N VAL C 296 7.48 36.41 -9.86
CA VAL C 296 7.63 35.75 -8.57
C VAL C 296 6.46 36.04 -7.63
N THR C 297 5.72 37.11 -7.91
CA THR C 297 4.57 37.49 -7.08
C THR C 297 3.28 36.74 -7.42
N ALA C 298 3.28 36.01 -8.52
CA ALA C 298 2.06 35.36 -9.02
C ALA C 298 1.47 34.37 -8.00
N ASP C 299 0.15 34.28 -8.00
CA ASP C 299 -0.57 33.37 -7.12
C ASP C 299 -0.60 31.96 -7.74
N LEU C 300 0.39 31.15 -7.41
CA LEU C 300 0.53 29.82 -8.02
C LEU C 300 -0.54 28.87 -7.48
N LYS C 301 -0.97 29.09 -6.25
CA LYS C 301 -2.07 28.32 -5.67
C LYS C 301 -3.30 28.43 -6.56
N ALA C 302 -3.65 29.66 -6.96
CA ALA C 302 -4.81 29.88 -7.81
C ALA C 302 -4.60 29.32 -9.21
N THR C 303 -3.41 29.54 -9.77
CA THR C 303 -3.08 29.03 -11.09
C THR C 303 -3.24 27.51 -11.15
N TYR C 304 -2.63 26.83 -10.18
CA TYR C 304 -2.68 25.38 -10.11
C TYR C 304 -4.12 24.88 -10.01
N ALA C 305 -4.91 25.55 -9.18
CA ALA C 305 -6.30 25.17 -8.96
C ALA C 305 -7.14 25.33 -10.23
N ASN C 306 -6.83 26.34 -11.03
CA ASN C 306 -7.55 26.57 -12.28
C ASN C 306 -7.29 25.44 -13.27
N ALA C 307 -6.08 24.88 -13.22
CA ALA C 307 -5.73 23.70 -13.98
C ALA C 307 -5.88 23.90 -15.49
N ASN C 308 -5.46 25.06 -15.99
CA ASN C 308 -5.46 25.31 -17.42
C ASN C 308 -4.32 24.58 -18.12
N GLY C 309 -4.61 24.04 -19.29
CA GLY C 309 -3.61 23.37 -20.11
C GLY C 309 -2.71 22.41 -19.34
N ASN C 310 -1.42 22.68 -19.39
CA ASN C 310 -0.42 21.86 -18.71
C ASN C 310 0.21 22.60 -17.53
N ASP C 311 -0.52 23.57 -16.99
CA ASP C 311 -0.03 24.39 -15.88
C ASP C 311 0.36 23.56 -14.66
N GLN C 312 -0.45 22.55 -14.33
CA GLN C 312 -0.18 21.75 -13.14
C GLN C 312 1.12 20.96 -13.28
N SER C 313 1.30 20.32 -14.43
N SER C 313 1.31 20.33 -14.44
CA SER C 313 2.53 19.57 -14.69
CA SER C 313 2.53 19.57 -14.71
C SER C 313 3.74 20.51 -14.70
C SER C 313 3.75 20.49 -14.72
N PHE C 314 3.58 21.70 -15.26
CA PHE C 314 4.67 22.66 -15.32
C PHE C 314 5.08 23.12 -13.91
N LEU C 315 4.09 23.41 -13.08
CA LEU C 315 4.38 23.84 -11.71
C LEU C 315 4.99 22.70 -10.91
N GLN C 316 4.53 21.48 -11.15
CA GLN C 316 5.13 20.30 -10.57
C GLN C 316 6.61 20.21 -10.99
N ASP C 317 6.86 20.38 -12.28
CA ASP C 317 8.21 20.27 -12.82
C ASP C 317 9.11 21.39 -12.32
N LEU C 318 8.55 22.59 -12.16
CA LEU C 318 9.32 23.71 -11.65
C LEU C 318 9.75 23.45 -10.21
N ALA C 319 8.84 22.87 -9.42
CA ALA C 319 9.15 22.52 -8.04
C ALA C 319 10.31 21.52 -8.00
N MET C 320 10.26 20.51 -8.86
CA MET C 320 11.30 19.51 -8.92
C MET C 320 12.64 20.11 -9.34
N PHE C 321 12.59 21.04 -10.30
CA PHE C 321 13.80 21.70 -10.78
C PHE C 321 14.45 22.54 -9.68
N LEU C 322 13.65 23.43 -9.07
CA LEU C 322 14.17 24.32 -8.04
C LEU C 322 14.71 23.57 -6.84
N THR C 323 13.94 22.60 -6.33
CA THR C 323 14.35 21.87 -5.15
C THR C 323 15.59 21.02 -5.44
N THR C 324 15.63 20.41 -6.63
CA THR C 324 16.77 19.59 -7.01
C THR C 324 18.04 20.44 -7.11
N TYR C 325 17.95 21.54 -7.85
CA TYR C 325 19.11 22.40 -8.06
C TYR C 325 19.59 23.02 -6.75
N LEU C 326 18.66 23.53 -5.96
CA LEU C 326 19.02 24.27 -4.76
C LEU C 326 19.57 23.37 -3.67
N ALA C 327 19.06 22.15 -3.57
CA ALA C 327 19.54 21.20 -2.56
C ALA C 327 21.01 20.88 -2.81
N ARG C 328 21.42 20.93 -4.08
N ARG C 328 21.43 20.95 -4.07
CA ARG C 328 22.79 20.60 -4.45
CA ARG C 328 22.80 20.59 -4.44
C ARG C 328 23.68 21.84 -4.54
C ARG C 328 23.70 21.81 -4.63
N ASN C 329 23.13 22.93 -5.10
CA ASN C 329 23.95 24.09 -5.49
C ASN C 329 23.68 25.46 -4.84
N ARG C 330 22.80 25.56 -3.84
CA ARG C 330 22.47 26.88 -3.32
C ARG C 330 23.69 27.58 -2.67
N ALA C 331 24.66 26.80 -2.20
CA ALA C 331 25.88 27.38 -1.65
C ALA C 331 26.61 28.24 -2.69
N LEU C 332 26.44 27.90 -3.96
CA LEU C 332 27.04 28.68 -5.04
C LEU C 332 26.47 30.09 -5.11
N LEU C 333 25.25 30.26 -4.58
CA LEU C 333 24.53 31.52 -4.69
C LEU C 333 24.58 32.35 -3.41
N GLU C 334 25.16 31.79 -2.36
CA GLU C 334 25.01 32.35 -1.01
C GLU C 334 26.08 33.38 -0.63
N SER C 335 27.23 33.36 -1.30
CA SER C 335 28.33 34.24 -0.94
C SER C 335 28.36 35.50 -1.80
N ASP C 336 28.29 35.31 -3.11
CA ASP C 336 28.30 36.42 -4.06
C ASP C 336 27.06 37.30 -3.88
N GLU C 337 27.28 38.57 -3.55
CA GLU C 337 26.16 39.49 -3.30
C GLU C 337 25.35 39.75 -4.58
N SER C 338 25.99 39.64 -5.73
CA SER C 338 25.30 39.84 -7.01
C SER C 338 24.38 38.66 -7.33
N LEU C 339 24.50 37.59 -6.55
CA LEU C 339 23.68 36.38 -6.76
C LEU C 339 22.58 36.26 -5.70
N ARG C 340 22.51 37.23 -4.79
CA ARG C 340 21.57 37.14 -3.67
C ARG C 340 20.12 37.22 -4.14
N GLU C 341 19.84 38.14 -5.06
CA GLU C 341 18.48 38.31 -5.56
C GLU C 341 18.02 37.03 -6.26
N LEU C 342 18.91 36.41 -7.02
CA LEU C 342 18.62 35.15 -7.69
C LEU C 342 18.26 34.06 -6.67
N LEU C 343 19.09 33.94 -5.63
CA LEU C 343 18.88 32.97 -4.58
C LEU C 343 17.51 33.12 -3.93
N LEU C 344 17.16 34.34 -3.57
CA LEU C 344 15.93 34.60 -2.85
C LEU C 344 14.71 34.52 -3.76
N ASN C 345 14.84 34.97 -5.00
CA ASN C 345 13.76 34.83 -5.98
C ASN C 345 13.41 33.37 -6.21
N ALA C 346 14.43 32.52 -6.29
CA ALA C 346 14.22 31.09 -6.48
C ALA C 346 13.44 30.52 -5.31
N HIS C 347 13.80 30.94 -4.11
CA HIS C 347 13.15 30.45 -2.90
C HIS C 347 11.76 31.05 -2.73
N GLN C 348 11.56 32.26 -3.27
CA GLN C 348 10.25 32.89 -3.22
C GLN C 348 9.27 32.13 -4.12
N TYR C 349 9.76 31.68 -5.27
CA TYR C 349 8.95 30.81 -6.13
C TYR C 349 8.52 29.57 -5.37
N LEU C 350 9.46 29.01 -4.61
CA LEU C 350 9.18 27.80 -3.82
C LEU C 350 8.15 28.08 -2.72
N ILE C 351 8.26 29.23 -2.07
CA ILE C 351 7.25 29.66 -1.11
C ILE C 351 5.88 29.66 -1.78
N GLN C 352 5.80 30.24 -2.97
CA GLN C 352 4.53 30.31 -3.69
C GLN C 352 4.03 28.92 -4.09
N LEU C 353 4.95 28.06 -4.53
CA LEU C 353 4.60 26.69 -4.88
C LEU C 353 4.10 25.91 -3.66
N SER C 354 4.58 26.28 -2.48
CA SER C 354 4.24 25.57 -1.25
C SER C 354 2.82 25.87 -0.77
N LYS C 355 2.19 26.89 -1.36
CA LYS C 355 0.83 27.28 -1.00
C LYS C 355 -0.21 26.52 -1.82
N ILE C 356 0.25 25.87 -2.89
CA ILE C 356 -0.62 25.06 -3.74
C ILE C 356 -1.31 23.97 -2.93
N GLU C 357 -2.60 23.79 -3.18
CA GLU C 357 -3.36 22.71 -2.55
C GLU C 357 -3.22 21.44 -3.38
N GLU C 358 -2.22 20.65 -3.02
CA GLU C 358 -1.88 19.41 -3.71
C GLU C 358 -0.93 18.67 -2.77
N ARG C 359 -1.42 17.61 -2.14
N ARG C 359 -1.46 17.64 -2.12
CA ARG C 359 -0.68 16.97 -1.05
CA ARG C 359 -0.74 16.89 -1.10
C ARG C 359 0.69 16.43 -1.48
C ARG C 359 0.67 16.48 -1.51
N GLU C 360 0.76 15.79 -2.64
CA GLU C 360 2.01 15.19 -3.08
C GLU C 360 3.04 16.25 -3.49
N LEU C 361 2.57 17.35 -4.07
CA LEU C 361 3.47 18.45 -4.41
C LEU C 361 3.99 19.11 -3.15
N PHE C 362 3.13 19.25 -2.15
CA PHE C 362 3.51 19.86 -0.87
C PHE C 362 4.60 19.05 -0.18
N LYS C 363 4.48 17.73 -0.27
CA LYS C 363 5.47 16.83 0.31
C LYS C 363 6.83 17.00 -0.39
N THR C 364 6.79 17.26 -1.69
CA THR C 364 8.01 17.49 -2.45
C THR C 364 8.71 18.76 -1.99
N THR C 365 7.94 19.84 -1.86
CA THR C 365 8.52 21.12 -1.41
C THR C 365 8.94 21.02 0.05
N LEU C 366 8.15 20.31 0.86
CA LEU C 366 8.44 20.18 2.29
C LEU C 366 9.76 19.45 2.49
N ASP C 367 10.02 18.43 1.66
N ASP C 367 10.00 18.44 1.65
CA ASP C 367 11.28 17.71 1.72
CA ASP C 367 11.26 17.70 1.68
C ASP C 367 12.43 18.68 1.52
C ASP C 367 12.43 18.64 1.48
N TYR C 368 12.29 19.59 0.57
CA TYR C 368 13.32 20.57 0.34
C TYR C 368 13.47 21.53 1.53
N TRP C 369 12.34 21.99 2.06
CA TRP C 369 12.40 22.92 3.18
C TRP C 369 13.14 22.30 4.35
N HIS C 370 12.91 21.00 4.57
CA HIS C 370 13.60 20.27 5.61
C HIS C 370 15.11 20.32 5.38
N ASN C 371 15.50 20.04 4.13
CA ASN C 371 16.89 20.12 3.73
C ASN C 371 17.48 21.50 4.03
N LEU C 372 16.73 22.55 3.72
CA LEU C 372 17.19 23.92 3.95
C LEU C 372 17.38 24.22 5.44
N VAL C 373 16.31 24.09 6.22
CA VAL C 373 16.32 24.57 7.60
C VAL C 373 17.25 23.73 8.48
N ALA C 374 17.43 22.47 8.13
CA ALA C 374 18.41 21.63 8.81
C ALA C 374 19.81 22.19 8.60
N ASP C 375 20.07 22.69 7.39
CA ASP C 375 21.37 23.27 7.08
C ASP C 375 21.57 24.59 7.83
N LEU C 376 20.53 25.41 7.88
CA LEU C 376 20.59 26.70 8.56
C LEU C 376 20.75 26.51 10.06
N PHE C 377 20.27 25.38 10.57
CA PHE C 377 20.34 25.07 11.99
C PHE C 377 21.78 24.76 12.42
N TYR C 378 22.57 24.21 11.50
CA TYR C 378 23.93 23.79 11.80
C TYR C 378 25.01 24.67 11.20
N GLU C 379 24.83 25.09 9.94
CA GLU C 379 25.88 25.79 9.21
C GLU C 379 26.04 27.25 9.66
N PRO C 380 27.25 27.65 10.07
CA PRO C 380 27.47 29.04 10.51
C PRO C 380 27.12 30.10 9.46
N LEU C 381 26.57 31.22 9.92
CA LEU C 381 26.41 32.42 9.11
C LEU C 381 25.48 32.28 7.90
N LYS C 382 24.57 31.30 7.93
CA LYS C 382 23.67 31.08 6.81
C LYS C 382 22.23 31.56 7.06
N LYS C 383 21.75 31.44 8.29
CA LYS C 383 20.33 31.63 8.56
C LYS C 383 19.85 33.06 8.31
N HIS C 384 20.72 34.05 8.51
CA HIS C 384 20.32 35.45 8.35
C HIS C 384 19.93 35.75 6.90
N ILE C 385 20.50 35.00 5.96
CA ILE C 385 20.20 35.17 4.55
C ILE C 385 18.73 34.87 4.24
N TYR C 386 18.19 33.86 4.92
CA TYR C 386 16.89 33.31 4.61
C TYR C 386 15.80 33.74 5.59
N GLU C 387 16.03 34.81 6.32
CA GLU C 387 15.12 35.23 7.39
C GLU C 387 13.71 35.49 6.89
N GLU C 388 13.59 36.19 5.77
CA GLU C 388 12.29 36.54 5.22
C GLU C 388 11.61 35.30 4.62
N ILE C 389 12.41 34.44 4.01
CA ILE C 389 11.91 33.18 3.48
C ILE C 389 11.36 32.31 4.60
N CYS C 390 12.12 32.20 5.69
CA CYS C 390 11.73 31.35 6.81
C CYS C 390 10.49 31.87 7.51
N SER C 391 10.36 33.19 7.59
CA SER C 391 9.21 33.80 8.24
C SER C 391 7.94 33.45 7.47
N GLN C 392 8.02 33.50 6.14
CA GLN C 392 6.90 33.11 5.30
C GLN C 392 6.62 31.62 5.45
N LEU C 393 7.67 30.82 5.54
CA LEU C 393 7.52 29.38 5.63
C LEU C 393 6.80 28.99 6.92
N ARG C 394 7.08 29.70 8.01
CA ARG C 394 6.41 29.45 9.28
C ARG C 394 4.90 29.52 9.11
N LEU C 395 4.43 30.54 8.40
CA LEU C 395 3.00 30.72 8.20
C LEU C 395 2.42 29.62 7.32
N VAL C 396 3.15 29.26 6.26
CA VAL C 396 2.69 28.21 5.34
C VAL C 396 2.51 26.88 6.05
N ILE C 397 3.52 26.48 6.81
N ILE C 397 3.50 26.47 6.83
CA ILE C 397 3.49 25.21 7.53
CA ILE C 397 3.44 25.17 7.50
C ILE C 397 2.36 25.20 8.55
C ILE C 397 2.37 25.18 8.59
N ILE C 398 2.31 26.25 9.36
CA ILE C 398 1.30 26.37 10.40
C ILE C 398 -0.11 26.30 9.81
N GLU C 399 -0.31 26.97 8.67
CA GLU C 399 -1.63 27.02 8.05
C GLU C 399 -2.00 25.71 7.34
N ASN C 400 -1.02 24.85 7.07
CA ASN C 400 -1.27 23.58 6.40
C ASN C 400 -1.00 22.37 7.30
N MET C 401 -0.91 22.61 8.60
N MET C 401 -0.91 22.61 8.60
CA MET C 401 -0.69 21.53 9.56
CA MET C 401 -0.68 21.53 9.56
C MET C 401 -1.81 20.50 9.47
C MET C 401 -1.80 20.49 9.49
N VAL C 402 -1.43 19.22 9.34
CA VAL C 402 -2.42 18.15 9.24
C VAL C 402 -2.57 17.44 10.58
N ARG C 403 -3.57 16.57 10.66
CA ARG C 403 -3.90 15.89 11.91
C ARG C 403 -2.79 14.93 12.34
N PRO C 404 -2.34 15.04 13.60
CA PRO C 404 -1.24 14.20 14.09
C PRO C 404 -1.64 12.74 14.31
N GLU C 405 -2.80 12.51 14.90
CA GLU C 405 -3.24 11.16 15.25
C GLU C 405 -2.19 10.43 16.10
N THR C 427 -1.50 10.30 6.51
CA THR C 427 -1.30 11.71 6.85
C THR C 427 -0.38 11.81 8.08
N ILE C 428 -0.19 10.70 8.77
CA ILE C 428 0.70 10.66 9.94
C ILE C 428 2.12 11.06 9.54
N GLN C 429 2.58 10.55 8.41
CA GLN C 429 3.93 10.81 7.94
C GLN C 429 4.11 12.30 7.61
N LEU C 430 3.07 12.89 7.03
CA LEU C 430 3.10 14.29 6.66
C LEU C 430 3.21 15.17 7.90
N TYR C 431 2.44 14.84 8.93
CA TYR C 431 2.50 15.59 10.18
C TYR C 431 3.91 15.59 10.76
N LYS C 432 4.52 14.40 10.84
CA LYS C 432 5.86 14.27 11.38
C LYS C 432 6.87 15.11 10.60
N SER C 433 6.73 15.13 9.27
CA SER C 433 7.60 15.94 8.42
C SER C 433 7.36 17.43 8.67
N GLU C 434 6.10 17.82 8.84
CA GLU C 434 5.77 19.22 9.11
C GLU C 434 6.31 19.64 10.47
N ARG C 435 6.12 18.78 11.46
CA ARG C 435 6.63 19.00 12.81
C ARG C 435 8.13 19.25 12.79
N GLU C 436 8.85 18.37 12.10
CA GLU C 436 10.30 18.43 12.03
C GLU C 436 10.78 19.77 11.46
N VAL C 437 10.17 20.22 10.37
CA VAL C 437 10.55 21.48 9.75
C VAL C 437 10.19 22.65 10.69
N LEU C 438 9.00 22.60 11.28
CA LEU C 438 8.54 23.69 12.13
C LEU C 438 9.36 23.77 13.42
N VAL C 439 9.86 22.63 13.87
CA VAL C 439 10.74 22.59 15.04
C VAL C 439 12.05 23.31 14.72
N TYR C 440 12.62 23.03 13.55
CA TYR C 440 13.82 23.74 13.10
C TYR C 440 13.54 25.23 12.99
N LEU C 441 12.43 25.59 12.36
CA LEU C 441 12.08 26.99 12.17
C LEU C 441 11.89 27.71 13.50
N THR C 442 11.46 26.96 14.51
CA THR C 442 11.28 27.53 15.85
C THR C 442 12.65 27.81 16.49
N HIS C 443 13.60 26.87 16.32
CA HIS C 443 14.95 27.10 16.81
C HIS C 443 15.60 28.29 16.11
N LEU C 444 15.37 28.39 14.81
CA LEU C 444 15.98 29.45 14.01
C LEU C 444 15.52 30.84 14.43
N ASN C 445 14.25 30.99 14.77
CA ASN C 445 13.74 32.24 15.32
C ASN C 445 12.51 31.99 16.19
N VAL C 446 12.74 31.84 17.49
N VAL C 446 12.75 31.79 17.49
CA VAL C 446 11.68 31.47 18.42
CA VAL C 446 11.68 31.48 18.44
C VAL C 446 10.68 32.62 18.62
C VAL C 446 10.66 32.62 18.52
N ILE C 447 11.16 33.85 18.52
CA ILE C 447 10.30 35.02 18.69
C ILE C 447 9.29 35.15 17.54
N ASP C 448 9.76 34.95 16.30
CA ASP C 448 8.87 35.05 15.15
C ASP C 448 7.80 33.95 15.18
N THR C 449 8.20 32.74 15.57
CA THR C 449 7.26 31.62 15.63
C THR C 449 6.14 31.90 16.62
N GLU C 450 6.51 32.31 17.82
CA GLU C 450 5.54 32.67 18.85
C GLU C 450 4.56 33.72 18.34
N GLU C 451 5.09 34.79 17.77
CA GLU C 451 4.29 35.91 17.31
C GLU C 451 3.26 35.46 16.28
N ILE C 452 3.69 34.64 15.33
CA ILE C 452 2.80 34.14 14.29
C ILE C 452 1.66 33.33 14.91
N MET C 453 1.99 32.47 15.86
CA MET C 453 0.99 31.61 16.49
C MET C 453 0.00 32.38 17.37
N ILE C 454 0.51 33.30 18.18
CA ILE C 454 -0.36 34.13 19.02
C ILE C 454 -1.29 34.97 18.14
N SER C 455 -0.73 35.55 17.09
CA SER C 455 -1.53 36.35 16.16
C SER C 455 -2.58 35.48 15.47
N LYS C 456 -2.17 34.30 15.05
CA LYS C 456 -3.09 33.33 14.46
C LYS C 456 -4.25 33.06 15.41
N LEU C 457 -3.91 32.92 16.69
CA LEU C 457 -4.89 32.62 17.71
C LEU C 457 -5.80 33.83 17.96
N ALA C 458 -5.24 35.02 17.85
CA ALA C 458 -6.01 36.25 18.04
C ALA C 458 -7.10 36.39 16.98
N ARG C 459 -6.83 35.85 15.79
CA ARG C 459 -7.77 35.94 14.68
C ARG C 459 -8.85 34.86 14.76
N GLN C 460 -8.61 33.85 15.59
CA GLN C 460 -9.66 32.88 15.93
C GLN C 460 -10.64 33.55 16.88
N ILE C 461 -10.11 34.36 17.79
CA ILE C 461 -10.88 34.97 18.84
C ILE C 461 -11.76 36.10 18.32
N ASP C 462 -11.27 36.87 17.34
CA ASP C 462 -12.06 37.96 16.77
C ASP C 462 -12.97 37.45 15.65
N GLY C 463 -12.87 36.17 15.33
CA GLY C 463 -13.78 35.54 14.37
C GLY C 463 -13.37 35.65 12.92
N SER C 464 -12.33 36.42 12.64
CA SER C 464 -11.91 36.67 11.26
C SER C 464 -11.53 35.40 10.52
N GLU C 465 -11.02 34.42 11.25
CA GLU C 465 -10.59 33.15 10.66
C GLU C 465 -11.11 31.96 11.46
N TRP C 466 -12.18 32.17 12.22
CA TRP C 466 -12.72 31.12 13.07
C TRP C 466 -13.41 30.01 12.28
N SER C 467 -13.03 28.78 12.59
CA SER C 467 -13.71 27.59 12.09
C SER C 467 -13.21 26.39 12.87
N TRP C 468 -13.98 25.31 12.87
CA TRP C 468 -13.57 24.10 13.58
C TRP C 468 -12.26 23.58 13.01
N HIS C 469 -12.16 23.58 11.68
CA HIS C 469 -10.95 23.16 11.00
C HIS C 469 -9.77 24.04 11.39
N ASN C 470 -9.97 25.35 11.36
CA ASN C 470 -8.87 26.29 11.57
C ASN C 470 -8.33 26.27 13.00
N ILE C 471 -9.20 26.15 13.99
CA ILE C 471 -8.73 26.10 15.38
C ILE C 471 -8.03 24.77 15.64
N ASN C 472 -8.48 23.71 14.98
CA ASN C 472 -7.83 22.42 15.10
C ASN C 472 -6.42 22.45 14.53
N THR C 473 -6.28 22.98 13.31
N THR C 473 -6.32 22.97 13.31
CA THR C 473 -4.98 23.01 12.65
CA THR C 473 -5.06 23.10 12.60
C THR C 473 -3.99 23.88 13.42
C THR C 473 -4.04 23.86 13.44
N LEU C 474 -4.47 24.99 13.98
CA LEU C 474 -3.60 25.85 14.77
C LEU C 474 -3.16 25.16 16.06
N SER C 475 -4.05 24.35 16.63
CA SER C 475 -3.76 23.66 17.87
C SER C 475 -2.73 22.55 17.65
N TRP C 476 -2.81 21.90 16.50
CA TRP C 476 -1.84 20.89 16.13
C TRP C 476 -0.47 21.53 15.90
N ALA C 477 -0.48 22.70 15.28
CA ALA C 477 0.75 23.43 15.01
C ALA C 477 1.43 23.84 16.32
N ILE C 478 0.66 24.44 17.22
CA ILE C 478 1.18 24.86 18.51
C ILE C 478 1.70 23.66 19.31
N GLY C 479 0.98 22.55 19.23
CA GLY C 479 1.38 21.35 19.94
C GLY C 479 2.66 20.74 19.40
N SER C 480 2.93 20.96 18.12
CA SER C 480 4.02 20.27 17.43
C SER C 480 5.42 20.79 17.82
N ILE C 481 5.50 21.98 18.40
CA ILE C 481 6.80 22.59 18.69
C ILE C 481 7.19 22.49 20.16
N SER C 482 6.50 21.66 20.93
CA SER C 482 6.85 21.45 22.33
C SER C 482 8.24 20.82 22.42
N GLY C 483 9.03 21.29 23.39
CA GLY C 483 10.37 20.78 23.59
C GLY C 483 11.43 21.56 22.83
N THR C 484 11.02 22.55 22.05
CA THR C 484 11.94 23.34 21.25
C THR C 484 12.52 24.51 22.04
N MET C 485 11.63 25.20 22.76
CA MET C 485 12.04 26.32 23.59
C MET C 485 12.68 25.80 24.87
N SER C 486 13.59 26.58 25.44
CA SER C 486 14.12 26.26 26.76
C SER C 486 12.97 26.35 27.76
N GLU C 487 13.10 25.68 28.90
CA GLU C 487 11.96 25.45 29.79
C GLU C 487 11.22 26.73 30.20
N ASP C 488 11.96 27.78 30.57
CA ASP C 488 11.33 29.00 31.05
C ASP C 488 10.63 29.72 29.91
N THR C 489 11.28 29.76 28.75
CA THR C 489 10.68 30.30 27.54
C THR C 489 9.38 29.57 27.21
N GLU C 490 9.45 28.24 27.21
CA GLU C 490 8.29 27.39 26.94
C GLU C 490 7.13 27.67 27.90
N LYS C 491 7.48 27.88 29.17
CA LYS C 491 6.49 28.10 30.21
C LYS C 491 5.60 29.32 29.93
N ARG C 492 6.23 30.42 29.55
CA ARG C 492 5.50 31.66 29.31
C ARG C 492 4.57 31.53 28.10
N PHE C 493 5.07 30.88 27.05
CA PHE C 493 4.30 30.66 25.82
C PHE C 493 2.99 29.91 26.09
N VAL C 494 3.07 28.77 26.77
CA VAL C 494 1.90 27.90 26.93
C VAL C 494 0.82 28.53 27.81
N VAL C 495 1.22 29.29 28.82
CA VAL C 495 0.25 30.00 29.66
C VAL C 495 -0.58 30.94 28.80
N THR C 496 0.11 31.66 27.92
CA THR C 496 -0.54 32.59 27.01
C THR C 496 -1.55 31.88 26.11
N VAL C 497 -1.11 30.81 25.45
CA VAL C 497 -1.96 30.07 24.52
C VAL C 497 -3.19 29.51 25.22
N ILE C 498 -2.99 28.86 26.37
CA ILE C 498 -4.08 28.18 27.05
C ILE C 498 -5.10 29.19 27.58
N LYS C 499 -4.61 30.29 28.16
CA LYS C 499 -5.51 31.33 28.65
C LYS C 499 -6.29 31.91 27.48
N ASP C 500 -5.62 32.09 26.35
CA ASP C 500 -6.28 32.55 25.12
C ASP C 500 -7.31 31.53 24.64
N LEU C 501 -6.94 30.25 24.68
CA LEU C 501 -7.87 29.18 24.30
C LEU C 501 -9.02 29.09 25.29
N LEU C 502 -8.71 29.31 26.57
CA LEU C 502 -9.73 29.29 27.62
C LEU C 502 -10.74 30.42 27.41
N GLY C 503 -10.25 31.57 26.97
CA GLY C 503 -11.11 32.69 26.66
C GLY C 503 -11.99 32.38 25.46
N LEU C 504 -11.37 31.82 24.43
CA LEU C 504 -12.08 31.43 23.21
C LEU C 504 -13.23 30.48 23.53
N CYS C 505 -13.02 29.61 24.52
CA CYS C 505 -14.04 28.63 24.90
C CYS C 505 -15.27 29.31 25.48
N GLU C 506 -15.07 30.27 26.38
CA GLU C 506 -16.16 31.04 26.96
C GLU C 506 -17.00 31.72 25.88
N GLN C 507 -16.31 32.39 24.97
CA GLN C 507 -16.93 33.17 23.90
C GLN C 507 -17.98 32.40 23.12
N LYS C 508 -17.66 31.15 22.80
CA LYS C 508 -18.52 30.34 21.94
C LYS C 508 -19.73 29.79 22.68
N ARG C 509 -20.85 29.69 21.96
CA ARG C 509 -22.09 29.17 22.52
C ARG C 509 -22.49 27.88 21.78
N GLY C 510 -23.23 27.02 22.47
CA GLY C 510 -23.60 25.73 21.91
C GLY C 510 -22.53 24.70 22.20
N LYS C 511 -22.96 23.49 22.54
CA LYS C 511 -22.03 22.43 22.91
C LYS C 511 -21.11 22.05 21.76
N ASP C 512 -21.62 22.15 20.54
CA ASP C 512 -20.83 21.81 19.35
C ASP C 512 -19.53 22.61 19.30
N ASN C 513 -19.64 23.93 19.49
CA ASN C 513 -18.48 24.81 19.40
C ASN C 513 -17.56 24.68 20.61
N LYS C 514 -18.13 24.57 21.80
CA LYS C 514 -17.34 24.50 23.02
C LYS C 514 -16.61 23.16 23.14
N ALA C 515 -17.21 22.11 22.59
CA ALA C 515 -16.58 20.80 22.58
C ALA C 515 -15.29 20.84 21.76
N VAL C 516 -15.34 21.53 20.64
CA VAL C 516 -14.20 21.65 19.74
C VAL C 516 -13.04 22.36 20.44
N VAL C 517 -13.32 23.50 21.04
CA VAL C 517 -12.28 24.30 21.68
C VAL C 517 -11.73 23.58 22.89
N ALA C 518 -12.62 22.98 23.68
CA ALA C 518 -12.21 22.23 24.87
C ALA C 518 -11.29 21.06 24.50
N SER C 519 -11.58 20.41 23.38
CA SER C 519 -10.77 19.29 22.92
C SER C 519 -9.37 19.77 22.52
N ASP C 520 -9.30 20.97 21.95
CA ASP C 520 -8.03 21.54 21.52
C ASP C 520 -7.23 22.01 22.73
N ILE C 521 -7.92 22.49 23.75
CA ILE C 521 -7.26 22.85 25.01
C ILE C 521 -6.55 21.63 25.55
N MET C 522 -7.27 20.52 25.63
CA MET C 522 -6.72 19.29 26.17
C MET C 522 -5.61 18.74 25.28
N TYR C 523 -5.71 18.97 23.98
CA TYR C 523 -4.66 18.49 23.09
C TYR C 523 -3.34 19.23 23.32
N VAL C 524 -3.42 20.55 23.41
CA VAL C 524 -2.21 21.36 23.59
C VAL C 524 -1.53 21.02 24.91
N VAL C 525 -2.30 20.95 25.98
N VAL C 525 -2.32 20.96 25.98
CA VAL C 525 -1.73 20.67 27.30
CA VAL C 525 -1.82 20.65 27.30
C VAL C 525 -1.14 19.26 27.35
C VAL C 525 -1.13 19.29 27.31
N GLY C 526 -1.71 18.33 26.58
CA GLY C 526 -1.16 17.00 26.51
C GLY C 526 0.13 16.94 25.72
N GLN C 527 0.40 17.98 24.94
CA GLN C 527 1.63 18.06 24.15
C GLN C 527 2.77 18.73 24.90
N TYR C 528 2.47 19.30 26.06
CA TYR C 528 3.48 19.99 26.87
C TYR C 528 3.59 19.39 28.27
N PRO C 529 4.08 18.15 28.35
CA PRO C 529 4.23 17.45 29.63
C PRO C 529 5.25 18.10 30.56
N ARG C 530 6.30 18.71 30.00
CA ARG C 530 7.32 19.36 30.81
C ARG C 530 6.68 20.46 31.65
N PHE C 531 5.71 21.15 31.06
CA PHE C 531 4.96 22.18 31.77
C PHE C 531 4.09 21.56 32.86
N LEU C 532 3.47 20.43 32.55
CA LEU C 532 2.60 19.74 33.50
C LEU C 532 3.39 19.22 34.69
N LYS C 533 4.58 18.68 34.43
CA LYS C 533 5.40 18.13 35.48
C LYS C 533 5.87 19.20 36.46
N ALA C 534 6.04 20.43 35.96
CA ALA C 534 6.54 21.52 36.80
C ALA C 534 5.44 22.19 37.61
N HIS C 535 4.18 21.89 37.29
CA HIS C 535 3.04 22.55 37.94
C HIS C 535 1.97 21.52 38.32
N TRP C 536 2.14 20.90 39.49
CA TRP C 536 1.25 19.83 39.93
C TRP C 536 -0.20 20.27 40.05
N ASN C 537 -0.44 21.45 40.61
CA ASN C 537 -1.81 21.93 40.82
C ASN C 537 -2.56 22.01 39.50
N PHE C 538 -1.89 22.48 38.46
CA PHE C 538 -2.51 22.58 37.14
C PHE C 538 -2.73 21.19 36.54
N LEU C 539 -1.75 20.31 36.71
CA LEU C 539 -1.86 18.94 36.21
C LEU C 539 -3.06 18.26 36.86
N ARG C 540 -3.21 18.45 38.18
CA ARG C 540 -4.33 17.88 38.91
C ARG C 540 -5.66 18.38 38.35
N THR C 541 -5.75 19.68 38.13
CA THR C 541 -6.97 20.31 37.64
C THR C 541 -7.35 19.80 36.25
N VAL C 542 -6.34 19.61 35.39
CA VAL C 542 -6.57 19.08 34.06
C VAL C 542 -7.17 17.67 34.15
N ILE C 543 -6.59 16.83 35.00
CA ILE C 543 -7.03 15.44 35.12
C ILE C 543 -8.46 15.36 35.65
N LEU C 544 -8.77 16.13 36.69
CA LEU C 544 -10.10 16.13 37.25
C LEU C 544 -11.13 16.64 36.23
N LYS C 545 -10.69 17.54 35.36
CA LYS C 545 -11.55 18.03 34.29
C LYS C 545 -11.76 16.94 33.23
N LEU C 546 -10.72 16.15 32.97
CA LEU C 546 -10.84 15.03 32.04
C LEU C 546 -11.85 14.01 32.57
N PHE C 547 -11.85 13.81 33.89
CA PHE C 547 -12.78 12.88 34.52
C PHE C 547 -14.22 13.35 34.38
N GLU C 548 -14.43 14.66 34.38
CA GLU C 548 -15.77 15.21 34.14
C GLU C 548 -16.21 14.90 32.71
N PHE C 549 -15.29 15.03 31.77
CA PHE C 549 -15.59 14.77 30.36
C PHE C 549 -15.97 13.32 30.10
N MET C 550 -15.59 12.42 31.01
CA MET C 550 -15.88 11.01 30.84
C MET C 550 -17.36 10.72 31.09
N HIS C 551 -18.09 11.73 31.55
CA HIS C 551 -19.54 11.62 31.74
C HIS C 551 -20.30 12.29 30.61
N GLU C 552 -19.58 13.01 29.75
CA GLU C 552 -20.21 13.75 28.65
C GLU C 552 -20.44 12.85 27.44
N THR C 553 -21.70 12.66 27.09
CA THR C 553 -22.06 11.77 25.98
C THR C 553 -21.91 12.42 24.62
N HIS C 554 -21.54 13.70 24.59
CA HIS C 554 -21.33 14.40 23.33
C HIS C 554 -20.30 13.65 22.50
N GLU C 555 -20.67 13.40 21.24
CA GLU C 555 -19.90 12.52 20.36
C GLU C 555 -18.42 12.87 20.28
N GLY C 556 -17.58 11.96 20.77
CA GLY C 556 -16.14 12.10 20.69
C GLY C 556 -15.48 12.53 21.98
N VAL C 557 -16.25 13.14 22.88
CA VAL C 557 -15.69 13.75 24.08
C VAL C 557 -15.10 12.71 25.04
N GLN C 558 -15.76 11.56 25.16
CA GLN C 558 -15.30 10.53 26.08
C GLN C 558 -14.02 9.87 25.59
N ASP C 559 -13.95 9.60 24.29
CA ASP C 559 -12.73 9.08 23.69
C ASP C 559 -11.59 10.08 23.87
N MET C 560 -11.87 11.35 23.62
CA MET C 560 -10.88 12.40 23.76
C MET C 560 -10.35 12.47 25.20
N ALA C 561 -11.26 12.37 26.16
CA ALA C 561 -10.88 12.40 27.58
C ALA C 561 -9.96 11.24 27.95
N CYS C 562 -10.33 10.05 27.51
CA CYS C 562 -9.55 8.85 27.81
C CYS C 562 -8.19 8.87 27.10
N ASP C 563 -8.18 9.27 25.84
CA ASP C 563 -6.93 9.37 25.07
C ASP C 563 -5.96 10.34 25.73
N THR C 564 -6.47 11.50 26.13
CA THR C 564 -5.64 12.53 26.75
C THR C 564 -5.12 12.07 28.11
N PHE C 565 -5.99 11.39 28.85
CA PHE C 565 -5.63 10.90 30.18
C PHE C 565 -4.41 9.98 30.15
N ILE C 566 -4.44 8.96 29.28
CA ILE C 566 -3.35 7.99 29.23
C ILE C 566 -2.12 8.61 28.58
N LYS C 567 -2.34 9.54 27.64
CA LYS C 567 -1.24 10.26 27.01
C LYS C 567 -0.47 11.10 28.05
N ILE C 568 -1.19 11.80 28.91
CA ILE C 568 -0.56 12.59 29.97
C ILE C 568 0.12 11.68 30.99
N VAL C 569 -0.54 10.58 31.34
CA VAL C 569 0.01 9.65 32.32
C VAL C 569 1.32 9.04 31.83
N GLN C 570 1.37 8.65 30.55
CA GLN C 570 2.57 8.05 29.98
C GLN C 570 3.79 8.97 30.14
N LYS C 571 3.54 10.27 30.13
CA LYS C 571 4.61 11.27 30.19
C LYS C 571 4.87 11.78 31.60
N CYS C 572 3.84 11.78 32.45
CA CYS C 572 3.93 12.42 33.77
C CYS C 572 3.69 11.46 34.92
N LYS C 573 3.69 10.16 34.64
CA LYS C 573 3.36 9.13 35.62
C LYS C 573 4.04 9.29 36.98
N TYR C 574 5.28 9.76 37.00
CA TYR C 574 6.03 9.90 38.23
C TYR C 574 5.33 10.83 39.23
N HIS C 575 4.60 11.81 38.71
CA HIS C 575 3.94 12.79 39.56
C HIS C 575 2.61 12.29 40.12
N PHE C 576 2.18 11.11 39.66
CA PHE C 576 1.00 10.46 40.20
C PHE C 576 1.35 9.47 41.30
N VAL C 577 2.58 8.96 41.28
CA VAL C 577 2.97 7.87 42.15
C VAL C 577 3.59 8.37 43.46
N ILE C 578 4.18 9.57 43.41
CA ILE C 578 4.74 10.17 44.61
C ILE C 578 3.69 10.99 45.34
N GLN C 579 3.93 11.27 46.62
CA GLN C 579 3.09 12.19 47.37
C GLN C 579 3.60 13.61 47.15
N GLN C 580 2.75 14.45 46.58
CA GLN C 580 3.13 15.83 46.28
C GLN C 580 2.99 16.71 47.52
N PRO C 581 3.60 17.90 47.50
CA PRO C 581 3.44 18.83 48.61
C PRO C 581 1.98 19.23 48.81
N ARG C 582 1.58 19.38 50.07
CA ARG C 582 0.21 19.76 50.42
C ARG C 582 -0.81 18.75 49.89
N GLU C 583 -0.38 17.50 49.77
CA GLU C 583 -1.25 16.38 49.43
C GLU C 583 -1.12 15.30 50.49
N SER C 584 -2.23 14.69 50.87
CA SER C 584 -2.23 13.68 51.92
C SER C 584 -1.75 12.33 51.40
N GLU C 585 -1.79 12.15 50.08
CA GLU C 585 -1.42 10.88 49.48
C GLU C 585 -1.10 11.00 47.99
N PRO C 586 -0.38 10.02 47.43
CA PRO C 586 -0.15 9.98 45.98
C PRO C 586 -1.46 10.00 45.22
N PHE C 587 -1.52 10.73 44.12
CA PHE C 587 -2.78 10.94 43.40
C PHE C 587 -3.34 9.64 42.82
N ILE C 588 -2.48 8.65 42.60
CA ILE C 588 -2.94 7.37 42.06
C ILE C 588 -3.94 6.71 43.01
N GLN C 589 -3.75 6.91 44.31
CA GLN C 589 -4.71 6.39 45.29
C GLN C 589 -6.06 7.05 45.08
N THR C 590 -6.05 8.36 44.86
CA THR C 590 -7.27 9.13 44.72
C THR C 590 -8.05 8.72 43.48
N ILE C 591 -7.34 8.38 42.40
CA ILE C 591 -7.99 7.94 41.17
C ILE C 591 -8.66 6.59 41.40
N ILE C 592 -7.96 5.70 42.10
CA ILE C 592 -8.45 4.35 42.35
C ILE C 592 -9.66 4.37 43.29
N ARG C 593 -9.61 5.22 44.29
CA ARG C 593 -10.68 5.31 45.29
C ARG C 593 -12.05 5.54 44.66
N ASP C 594 -12.08 6.35 43.60
CA ASP C 594 -13.33 6.78 42.99
C ASP C 594 -13.49 6.26 41.57
N ILE C 595 -12.76 5.20 41.25
CA ILE C 595 -12.70 4.71 39.87
C ILE C 595 -14.06 4.25 39.34
N GLN C 596 -14.90 3.73 40.23
CA GLN C 596 -16.21 3.22 39.82
C GLN C 596 -17.06 4.35 39.26
N LYS C 597 -17.11 5.46 39.98
CA LYS C 597 -17.87 6.63 39.54
C LYS C 597 -17.28 7.22 38.27
N THR C 598 -15.97 7.40 38.26
CA THR C 598 -15.28 8.04 37.13
C THR C 598 -15.57 7.32 35.82
N THR C 599 -15.49 5.99 35.85
CA THR C 599 -15.62 5.18 34.64
C THR C 599 -17.03 4.65 34.41
N ALA C 600 -18.00 5.13 35.18
CA ALA C 600 -19.35 4.58 35.16
C ALA C 600 -20.05 4.74 33.81
N ASP C 601 -19.75 5.83 33.09
CA ASP C 601 -20.44 6.14 31.84
C ASP C 601 -19.62 5.76 30.62
N LEU C 602 -18.47 5.13 30.84
CA LEU C 602 -17.58 4.76 29.74
C LEU C 602 -17.96 3.42 29.14
N GLN C 603 -17.78 3.30 27.82
CA GLN C 603 -17.91 2.01 27.15
C GLN C 603 -16.76 1.13 27.61
N PRO C 604 -16.91 -0.20 27.52
CA PRO C 604 -15.88 -1.14 27.99
C PRO C 604 -14.46 -0.82 27.48
N GLN C 605 -14.31 -0.59 26.19
CA GLN C 605 -13.00 -0.31 25.61
C GLN C 605 -12.36 0.93 26.24
N GLN C 606 -13.19 1.91 26.57
CA GLN C 606 -12.69 3.13 27.20
C GLN C 606 -12.28 2.88 28.66
N VAL C 607 -13.01 1.99 29.33
CA VAL C 607 -12.68 1.62 30.71
C VAL C 607 -11.33 0.92 30.76
N HIS C 608 -11.05 0.10 29.76
CA HIS C 608 -9.80 -0.64 29.70
C HIS C 608 -8.61 0.31 29.53
N THR C 609 -8.78 1.30 28.67
CA THR C 609 -7.79 2.35 28.49
C THR C 609 -7.52 3.03 29.83
N PHE C 610 -8.58 3.29 30.58
CA PHE C 610 -8.47 3.94 31.88
C PHE C 610 -7.66 3.07 32.86
N TYR C 611 -8.01 1.79 32.94
CA TYR C 611 -7.28 0.87 33.80
C TYR C 611 -5.83 0.71 33.36
N LYS C 612 -5.61 0.66 32.05
CA LYS C 612 -4.26 0.55 31.52
C LYS C 612 -3.40 1.73 31.96
N ALA C 613 -4.00 2.93 31.96
CA ALA C 613 -3.29 4.13 32.39
C ALA C 613 -2.89 4.02 33.86
N CYS C 614 -3.81 3.49 34.67
CA CYS C 614 -3.54 3.29 36.09
C CYS C 614 -2.37 2.33 36.28
N GLY C 615 -2.33 1.29 35.47
CA GLY C 615 -1.24 0.33 35.50
C GLY C 615 0.11 0.95 35.21
N ILE C 616 0.13 1.90 34.27
CA ILE C 616 1.38 2.61 33.94
C ILE C 616 1.93 3.31 35.17
N ILE C 617 1.04 3.96 35.92
CA ILE C 617 1.42 4.67 37.13
C ILE C 617 1.92 3.71 38.21
N ILE C 618 1.18 2.63 38.42
CA ILE C 618 1.47 1.70 39.50
C ILE C 618 2.85 1.07 39.33
N SER C 619 3.26 0.84 38.09
CA SER C 619 4.54 0.20 37.82
C SER C 619 5.73 1.09 38.20
N GLU C 620 5.48 2.38 38.38
CA GLU C 620 6.54 3.30 38.78
C GLU C 620 6.74 3.30 40.30
N GLU C 621 5.86 2.61 41.01
CA GLU C 621 6.02 2.41 42.45
C GLU C 621 6.98 1.25 42.69
N ARG C 622 8.19 1.57 43.15
CA ARG C 622 9.24 0.55 43.25
C ARG C 622 9.26 -0.16 44.60
N SER C 623 8.46 0.30 45.55
CA SER C 623 8.18 -0.49 46.73
C SER C 623 7.21 -1.60 46.34
N VAL C 624 7.66 -2.85 46.45
CA VAL C 624 6.88 -3.98 45.97
C VAL C 624 5.59 -4.15 46.75
N ALA C 625 5.64 -3.97 48.06
CA ALA C 625 4.46 -4.14 48.90
C ALA C 625 3.40 -3.08 48.55
N GLU C 626 3.85 -1.85 48.34
CA GLU C 626 2.94 -0.77 47.99
C GLU C 626 2.38 -0.95 46.58
N ARG C 627 3.21 -1.44 45.67
CA ARG C 627 2.79 -1.64 44.29
C ARG C 627 1.69 -2.69 44.20
N ASN C 628 1.85 -3.78 44.94
CA ASN C 628 0.87 -4.85 44.95
C ASN C 628 -0.44 -4.40 45.59
N ARG C 629 -0.35 -3.55 46.61
CA ARG C 629 -1.54 -3.03 47.27
C ARG C 629 -2.34 -2.18 46.28
N LEU C 630 -1.63 -1.33 45.53
CA LEU C 630 -2.26 -0.52 44.50
C LEU C 630 -2.89 -1.40 43.42
N LEU C 631 -2.19 -2.46 43.05
CA LEU C 631 -2.67 -3.39 42.02
C LEU C 631 -3.96 -4.08 42.47
N SER C 632 -3.96 -4.57 43.71
N SER C 632 -3.97 -4.56 43.71
CA SER C 632 -5.14 -5.24 44.26
CA SER C 632 -5.15 -5.24 44.25
C SER C 632 -6.33 -4.28 44.32
C SER C 632 -6.34 -4.28 44.34
N ASP C 633 -6.06 -3.04 44.70
CA ASP C 633 -7.11 -2.02 44.82
C ASP C 633 -7.64 -1.62 43.44
N LEU C 634 -6.74 -1.49 42.47
CA LEU C 634 -7.14 -1.16 41.11
C LEU C 634 -8.09 -2.23 40.56
N MET C 635 -7.75 -3.48 40.81
CA MET C 635 -8.48 -4.61 40.23
C MET C 635 -9.67 -5.06 41.09
N GLN C 636 -10.07 -4.23 42.04
CA GLN C 636 -11.12 -4.62 42.98
C GLN C 636 -12.45 -4.91 42.28
N LEU C 637 -12.89 -4.00 41.42
CA LEU C 637 -14.17 -4.18 40.74
C LEU C 637 -14.17 -5.42 39.83
N PRO C 638 -13.18 -5.53 38.94
CA PRO C 638 -13.16 -6.75 38.11
C PRO C 638 -12.95 -8.04 38.91
N ASN C 639 -12.16 -8.00 39.98
CA ASN C 639 -11.93 -9.21 40.79
C ASN C 639 -13.21 -9.66 41.51
N MET C 640 -14.02 -8.71 41.96
CA MET C 640 -15.26 -9.04 42.64
C MET C 640 -16.28 -9.59 41.65
N ALA C 641 -16.38 -8.95 40.49
CA ALA C 641 -17.24 -9.45 39.41
C ALA C 641 -16.80 -10.85 39.02
N TRP C 642 -15.49 -11.03 38.93
CA TRP C 642 -14.90 -12.32 38.58
C TRP C 642 -15.27 -13.40 39.59
N ASP C 643 -15.08 -13.12 40.87
CA ASP C 643 -15.34 -14.09 41.92
C ASP C 643 -16.79 -14.56 41.87
N THR C 644 -17.71 -13.61 41.71
CA THR C 644 -19.14 -13.92 41.65
C THR C 644 -19.47 -14.87 40.50
N ILE C 645 -19.09 -14.50 39.28
CA ILE C 645 -19.44 -15.30 38.10
C ILE C 645 -18.70 -16.62 38.04
N VAL C 646 -17.53 -16.71 38.68
CA VAL C 646 -16.83 -17.98 38.78
C VAL C 646 -17.62 -18.92 39.69
N GLU C 647 -18.25 -18.34 40.72
CA GLU C 647 -19.05 -19.12 41.67
C GLU C 647 -20.40 -19.52 41.06
N GLN C 648 -20.97 -18.63 40.27
CA GLN C 648 -22.27 -18.88 39.65
C GLN C 648 -22.15 -19.82 38.45
N SER C 649 -21.24 -19.48 37.54
CA SER C 649 -21.11 -20.23 36.29
C SER C 649 -20.60 -21.65 36.51
N THR C 650 -19.98 -21.90 37.66
CA THR C 650 -19.52 -23.24 37.99
C THR C 650 -20.67 -24.04 38.61
N ALA C 651 -21.54 -23.34 39.34
CA ALA C 651 -22.72 -23.96 39.91
C ALA C 651 -23.70 -24.34 38.80
N ASN C 652 -23.87 -23.42 37.85
CA ASN C 652 -24.75 -23.65 36.70
C ASN C 652 -24.04 -23.30 35.41
N PRO C 653 -23.34 -24.28 34.80
CA PRO C 653 -22.67 -24.09 33.51
C PRO C 653 -23.60 -23.57 32.42
N THR C 654 -24.91 -23.71 32.62
CA THR C 654 -25.89 -23.19 31.69
C THR C 654 -25.94 -21.66 31.75
N LEU C 655 -25.66 -21.11 32.93
CA LEU C 655 -25.61 -19.67 33.12
C LEU C 655 -24.57 -19.07 32.18
N LEU C 656 -23.59 -19.88 31.82
CA LEU C 656 -22.51 -19.46 30.94
C LEU C 656 -22.99 -19.32 29.49
N LEU C 657 -24.20 -19.82 29.20
CA LEU C 657 -24.80 -19.64 27.87
C LEU C 657 -25.47 -18.28 27.75
N ASP C 658 -25.61 -17.58 28.88
CA ASP C 658 -26.20 -16.25 28.88
C ASP C 658 -25.25 -15.26 28.22
N SER C 659 -25.72 -14.64 27.13
CA SER C 659 -24.92 -13.71 26.36
C SER C 659 -24.40 -12.55 27.22
N GLU C 660 -25.17 -12.17 28.23
CA GLU C 660 -24.78 -11.07 29.10
C GLU C 660 -23.58 -11.47 29.97
N THR C 661 -23.63 -12.68 30.50
CA THR C 661 -22.55 -13.19 31.35
C THR C 661 -21.28 -13.37 30.54
N VAL C 662 -21.42 -13.89 29.33
CA VAL C 662 -20.29 -14.08 28.43
C VAL C 662 -19.61 -12.75 28.14
N LYS C 663 -20.42 -11.71 27.95
CA LYS C 663 -19.89 -10.37 27.69
C LYS C 663 -19.17 -9.81 28.92
N ILE C 664 -19.78 -10.01 30.09
CA ILE C 664 -19.18 -9.58 31.35
C ILE C 664 -17.83 -10.27 31.57
N ILE C 665 -17.78 -11.57 31.30
CA ILE C 665 -16.56 -12.35 31.49
C ILE C 665 -15.44 -11.84 30.58
N ALA C 666 -15.77 -11.63 29.31
CA ALA C 666 -14.78 -11.16 28.34
C ALA C 666 -14.20 -9.81 28.76
N ASN C 667 -15.06 -8.91 29.22
CA ASN C 667 -14.64 -7.57 29.60
C ASN C 667 -13.76 -7.58 30.87
N ILE C 668 -13.98 -8.54 31.75
CA ILE C 668 -13.13 -8.70 32.93
C ILE C 668 -11.73 -9.13 32.50
N ILE C 669 -11.65 -10.11 31.61
CA ILE C 669 -10.37 -10.60 31.12
CA ILE C 669 -10.37 -10.60 31.13
C ILE C 669 -9.66 -9.49 30.34
N LYS C 670 -10.42 -8.78 29.52
CA LYS C 670 -9.86 -7.65 28.76
C LYS C 670 -9.28 -6.58 29.67
N THR C 671 -9.91 -6.37 30.83
CA THR C 671 -9.40 -5.41 31.79
C THR C 671 -8.06 -5.88 32.33
N ASN C 672 -7.96 -7.17 32.65
CA ASN C 672 -6.70 -7.76 33.07
C ASN C 672 -5.63 -7.65 31.98
N VAL C 673 -6.02 -7.87 30.74
CA VAL C 673 -5.07 -7.74 29.62
C VAL C 673 -4.54 -6.31 29.57
N ALA C 674 -5.43 -5.35 29.73
CA ALA C 674 -5.06 -3.94 29.67
C ALA C 674 -4.03 -3.57 30.75
N VAL C 675 -4.26 -4.03 31.97
CA VAL C 675 -3.35 -3.73 33.07
C VAL C 675 -2.04 -4.50 32.92
N CYS C 676 -2.13 -5.75 32.48
CA CYS C 676 -0.94 -6.57 32.27
C CYS C 676 -0.03 -5.96 31.20
N THR C 677 -0.65 -5.31 30.22
CA THR C 677 0.10 -4.72 29.12
C THR C 677 1.01 -3.60 29.60
N SER C 678 0.53 -2.80 30.54
CA SER C 678 1.31 -1.68 31.05
C SER C 678 2.19 -2.06 32.24
N MET C 679 1.86 -3.15 32.92
CA MET C 679 2.60 -3.55 34.12
C MET C 679 3.59 -4.68 33.88
N GLY C 680 3.33 -5.52 32.89
CA GLY C 680 4.24 -6.61 32.55
C GLY C 680 4.54 -7.54 33.71
N ALA C 681 5.82 -7.65 34.04
CA ALA C 681 6.27 -8.53 35.12
C ALA C 681 5.57 -8.24 36.44
N ASP C 682 5.30 -6.97 36.70
CA ASP C 682 4.66 -6.55 37.94
C ASP C 682 3.21 -7.03 38.08
N PHE C 683 2.64 -7.57 37.00
CA PHE C 683 1.26 -8.00 37.01
C PHE C 683 1.06 -9.36 37.70
N TYR C 684 2.17 -10.06 37.95
CA TYR C 684 2.13 -11.44 38.38
C TYR C 684 1.22 -11.73 39.59
N PRO C 685 1.22 -10.84 40.60
CA PRO C 685 0.33 -11.09 41.73
C PRO C 685 -1.15 -11.15 41.34
N GLN C 686 -1.58 -10.29 40.42
CA GLN C 686 -2.95 -10.31 39.96
C GLN C 686 -3.23 -11.54 39.10
N LEU C 687 -2.24 -11.94 38.30
CA LEU C 687 -2.38 -13.16 37.51
C LEU C 687 -2.60 -14.35 38.44
N GLY C 688 -1.85 -14.37 39.54
CA GLY C 688 -1.98 -15.44 40.51
C GLY C 688 -3.36 -15.52 41.12
N HIS C 689 -4.01 -14.37 41.29
CA HIS C 689 -5.34 -14.32 41.87
C HIS C 689 -6.38 -15.06 41.04
N ILE C 690 -6.21 -15.03 39.71
CA ILE C 690 -7.25 -15.53 38.80
C ILE C 690 -6.84 -16.76 38.01
N TYR C 691 -5.54 -17.10 38.02
CA TYR C 691 -4.99 -18.04 37.04
C TYR C 691 -5.69 -19.39 36.99
N TYR C 692 -5.77 -20.07 38.13
CA TYR C 692 -6.32 -21.42 38.17
C TYR C 692 -7.79 -21.45 37.79
N ASN C 693 -8.58 -20.51 38.33
CA ASN C 693 -9.99 -20.43 37.97
C ASN C 693 -10.18 -20.01 36.50
N MET C 694 -9.23 -19.24 35.98
CA MET C 694 -9.30 -18.78 34.60
C MET C 694 -9.13 -19.95 33.65
N LEU C 695 -8.17 -20.82 33.94
CA LEU C 695 -7.92 -21.98 33.10
C LEU C 695 -9.06 -22.99 33.19
N GLN C 696 -9.72 -23.06 34.35
CA GLN C 696 -10.90 -23.89 34.49
C GLN C 696 -12.05 -23.33 33.66
N LEU C 697 -12.15 -22.00 33.62
CA LEU C 697 -13.16 -21.35 32.80
C LEU C 697 -12.90 -21.64 31.33
N TYR C 698 -11.62 -21.59 30.93
CA TYR C 698 -11.20 -21.93 29.59
C TYR C 698 -11.69 -23.33 29.21
N ARG C 699 -11.58 -24.27 30.13
CA ARG C 699 -12.03 -25.63 29.91
C ARG C 699 -13.55 -25.69 29.79
N ALA C 700 -14.25 -24.96 30.67
CA ALA C 700 -15.71 -24.98 30.69
C ALA C 700 -16.28 -24.40 29.40
N VAL C 701 -15.70 -23.30 28.92
N VAL C 701 -15.69 -23.30 28.95
CA VAL C 701 -16.20 -22.69 27.70
CA VAL C 701 -16.10 -22.64 27.72
C VAL C 701 -15.79 -23.51 26.47
C VAL C 701 -15.81 -23.53 26.53
N SER C 702 -14.69 -24.24 26.58
CA SER C 702 -14.26 -25.13 25.51
C SER C 702 -15.28 -26.24 25.30
N SER C 703 -15.78 -26.81 26.41
CA SER C 703 -16.77 -27.87 26.35
C SER C 703 -18.08 -27.36 25.75
N MET C 704 -18.44 -26.13 26.08
N MET C 704 -18.45 -26.13 26.05
CA MET C 704 -19.67 -25.53 25.56
CA MET C 704 -19.69 -25.57 25.55
C MET C 704 -19.59 -25.34 24.05
C MET C 704 -19.60 -25.28 24.06
N ILE C 705 -18.44 -24.84 23.60
CA ILE C 705 -18.21 -24.62 22.17
C ILE C 705 -18.33 -25.94 21.43
N SER C 706 -17.65 -26.96 21.93
CA SER C 706 -17.71 -28.30 21.34
C SER C 706 -19.13 -28.85 21.34
N ALA C 707 -19.84 -28.64 22.45
CA ALA C 707 -21.21 -29.12 22.56
C ALA C 707 -22.12 -28.45 21.54
N GLN C 708 -21.90 -27.16 21.31
CA GLN C 708 -22.73 -26.40 20.37
C GLN C 708 -22.45 -26.82 18.93
N VAL C 709 -21.18 -27.05 18.61
CA VAL C 709 -20.80 -27.50 17.27
C VAL C 709 -21.40 -28.88 17.00
N ALA C 710 -21.41 -29.73 18.02
CA ALA C 710 -21.95 -31.07 17.89
C ALA C 710 -23.45 -31.03 17.62
N ALA C 711 -24.15 -30.12 18.29
CA ALA C 711 -25.60 -30.06 18.24
C ALA C 711 -26.13 -29.25 17.05
N GLU C 712 -25.37 -28.26 16.61
CA GLU C 712 -25.82 -27.33 15.58
C GLU C 712 -25.03 -27.44 14.27
N GLY C 713 -23.85 -28.07 14.34
CA GLY C 713 -22.98 -28.20 13.20
C GLY C 713 -21.91 -27.11 13.19
N LEU C 714 -21.12 -27.07 12.12
CA LEU C 714 -20.05 -26.09 11.99
C LEU C 714 -20.56 -24.66 11.98
N ILE C 715 -21.80 -24.47 11.50
CA ILE C 715 -22.38 -23.14 11.41
C ILE C 715 -22.44 -22.49 12.80
N ALA C 716 -22.41 -23.32 13.84
CA ALA C 716 -22.38 -22.84 15.22
C ALA C 716 -21.23 -21.85 15.44
N THR C 717 -20.11 -22.08 14.78
CA THR C 717 -18.92 -21.23 14.96
C THR C 717 -19.18 -19.80 14.49
N LYS C 718 -20.24 -19.61 13.71
CA LYS C 718 -20.59 -18.29 13.19
C LYS C 718 -21.55 -17.54 14.11
N THR C 719 -22.19 -18.26 15.02
CA THR C 719 -23.24 -17.68 15.84
C THR C 719 -22.67 -16.73 16.90
N PRO C 720 -23.44 -15.70 17.28
CA PRO C 720 -22.99 -14.78 18.33
C PRO C 720 -22.65 -15.49 19.64
N LYS C 721 -23.36 -16.57 19.96
CA LYS C 721 -23.11 -17.32 21.19
C LYS C 721 -21.69 -17.88 21.22
N VAL C 722 -21.33 -18.64 20.19
CA VAL C 722 -20.04 -19.31 20.14
C VAL C 722 -18.90 -18.31 19.94
N ARG C 723 -19.13 -17.30 19.11
CA ARG C 723 -18.14 -16.26 18.91
C ARG C 723 -17.83 -15.57 20.23
N GLY C 724 -18.87 -15.36 21.03
CA GLY C 724 -18.71 -14.81 22.36
C GLY C 724 -17.88 -15.72 23.25
N LEU C 725 -18.16 -17.01 23.18
CA LEU C 725 -17.40 -18.00 23.95
C LEU C 725 -15.94 -18.06 23.53
N ARG C 726 -15.68 -18.05 22.23
CA ARG C 726 -14.31 -18.12 21.74
C ARG C 726 -13.55 -16.84 22.06
N THR C 727 -14.27 -15.74 22.21
CA THR C 727 -13.64 -14.49 22.62
C THR C 727 -13.04 -14.66 24.01
N ILE C 728 -13.75 -15.37 24.89
CA ILE C 728 -13.24 -15.64 26.23
C ILE C 728 -11.93 -16.43 26.12
N LYS C 729 -11.91 -17.45 25.27
CA LYS C 729 -10.72 -18.27 25.10
C LYS C 729 -9.55 -17.46 24.55
N LYS C 730 -9.83 -16.63 23.54
CA LYS C 730 -8.78 -15.83 22.91
C LYS C 730 -8.20 -14.78 23.86
N GLU C 731 -9.07 -14.16 24.66
CA GLU C 731 -8.60 -13.17 25.63
C GLU C 731 -7.78 -13.82 26.74
N ILE C 732 -8.17 -15.02 27.16
CA ILE C 732 -7.40 -15.75 28.16
C ILE C 732 -6.00 -16.05 27.63
N LEU C 733 -5.93 -16.51 26.38
CA LEU C 733 -4.66 -16.79 25.74
C LEU C 733 -3.83 -15.51 25.62
N LYS C 734 -4.49 -14.43 25.24
CA LYS C 734 -3.83 -13.13 25.09
C LYS C 734 -3.25 -12.67 26.43
N LEU C 735 -4.01 -12.86 27.51
CA LEU C 735 -3.54 -12.45 28.83
C LEU C 735 -2.28 -13.21 29.23
N VAL C 736 -2.28 -14.52 29.01
CA VAL C 736 -1.14 -15.36 29.38
C VAL C 736 0.07 -15.02 28.51
N GLU C 737 -0.19 -14.87 27.22
CA GLU C 737 0.85 -14.50 26.26
C GLU C 737 1.49 -13.17 26.64
N THR C 738 0.63 -12.21 26.99
CA THR C 738 1.10 -10.87 27.35
C THR C 738 2.00 -10.92 28.58
N TYR C 739 1.58 -11.65 29.61
CA TYR C 739 2.39 -11.71 30.82
C TYR C 739 3.72 -12.43 30.57
N ILE C 740 3.66 -13.58 29.91
CA ILE C 740 4.85 -14.40 29.73
C ILE C 740 5.87 -13.68 28.86
N SER C 741 5.41 -12.92 27.88
CA SER C 741 6.32 -12.19 27.00
C SER C 741 7.10 -11.12 27.78
N LYS C 742 6.56 -10.71 28.93
CA LYS C 742 7.18 -9.66 29.74
C LYS C 742 7.69 -10.15 31.09
N ALA C 743 7.48 -11.43 31.39
CA ALA C 743 7.90 -11.99 32.68
C ALA C 743 9.41 -11.90 32.89
N ARG C 744 9.83 -11.56 34.11
CA ARG C 744 11.24 -11.51 34.47
C ARG C 744 11.62 -12.75 35.28
N ASN C 745 10.67 -13.28 36.03
CA ASN C 745 10.89 -14.51 36.79
C ASN C 745 10.45 -15.73 35.98
N LEU C 746 11.39 -16.34 35.28
CA LEU C 746 11.09 -17.44 34.38
C LEU C 746 10.92 -18.76 35.11
N ASP C 747 11.49 -18.85 36.32
CA ASP C 747 11.31 -20.03 37.16
C ASP C 747 9.83 -20.19 37.52
N ASP C 748 9.17 -19.08 37.84
CA ASP C 748 7.75 -19.11 38.19
C ASP C 748 6.92 -19.45 36.96
N VAL C 749 7.29 -18.91 35.81
CA VAL C 749 6.58 -19.21 34.56
C VAL C 749 6.59 -20.72 34.32
N VAL C 750 7.78 -21.31 34.44
CA VAL C 750 7.95 -22.74 34.19
C VAL C 750 7.26 -23.58 35.26
N LYS C 751 7.49 -23.24 36.53
CA LYS C 751 7.04 -24.07 37.65
C LYS C 751 5.56 -23.91 37.96
N VAL C 752 5.00 -22.75 37.68
CA VAL C 752 3.64 -22.43 38.09
C VAL C 752 2.67 -22.34 36.90
N LEU C 753 3.06 -21.60 35.87
CA LEU C 753 2.13 -21.28 34.78
C LEU C 753 2.05 -22.32 33.65
N VAL C 754 3.19 -22.83 33.21
CA VAL C 754 3.26 -23.57 31.96
C VAL C 754 2.47 -24.88 31.98
N GLU C 755 2.65 -25.70 33.01
CA GLU C 755 2.01 -27.02 33.02
C GLU C 755 0.48 -26.93 33.02
N PRO C 756 -0.10 -26.11 33.90
CA PRO C 756 -1.55 -25.93 33.82
C PRO C 756 -2.02 -25.38 32.47
N LEU C 757 -1.23 -24.48 31.89
CA LEU C 757 -1.56 -23.90 30.59
C LEU C 757 -1.63 -24.96 29.50
N LEU C 758 -0.58 -25.77 29.40
CA LEU C 758 -0.51 -26.80 28.37
C LEU C 758 -1.61 -27.83 28.53
N ASN C 759 -1.86 -28.23 29.77
CA ASN C 759 -2.94 -29.18 30.06
C ASN C 759 -4.29 -28.63 29.63
N ALA C 760 -4.44 -27.32 29.73
CA ALA C 760 -5.72 -26.68 29.46
C ALA C 760 -5.99 -26.45 27.97
N VAL C 761 -4.95 -26.18 27.18
CA VAL C 761 -5.16 -25.73 25.80
C VAL C 761 -4.80 -26.75 24.71
N LEU C 762 -3.83 -27.63 24.96
CA LEU C 762 -3.27 -28.46 23.89
C LEU C 762 -4.21 -29.56 23.39
N GLU C 763 -4.71 -30.40 24.28
N GLU C 763 -4.69 -30.40 24.30
CA GLU C 763 -5.59 -31.49 23.85
CA GLU C 763 -5.60 -31.48 23.94
C GLU C 763 -6.92 -30.95 23.34
C GLU C 763 -6.86 -30.91 23.31
N ASP C 764 -7.36 -29.81 23.89
CA ASP C 764 -8.55 -29.15 23.38
C ASP C 764 -8.37 -28.70 21.94
N TYR C 765 -7.20 -28.14 21.64
CA TYR C 765 -6.87 -27.73 20.28
C TYR C 765 -6.84 -28.94 19.36
N MET C 766 -6.10 -29.96 19.78
CA MET C 766 -5.89 -31.16 18.98
C MET C 766 -7.19 -31.89 18.66
N ASN C 767 -8.10 -31.93 19.63
CA ASN C 767 -9.29 -32.77 19.53
C ASN C 767 -10.55 -32.01 19.12
N ASN C 768 -10.40 -30.72 18.84
CA ASN C 768 -11.48 -29.96 18.19
C ASN C 768 -11.41 -30.15 16.69
N VAL C 769 -12.55 -30.02 16.01
CA VAL C 769 -12.55 -30.02 14.56
C VAL C 769 -11.82 -28.75 14.10
N PRO C 770 -11.24 -28.79 12.89
CA PRO C 770 -10.44 -27.67 12.37
C PRO C 770 -11.08 -26.28 12.53
N ASP C 771 -12.37 -26.17 12.23
CA ASP C 771 -13.06 -24.88 12.27
C ASP C 771 -13.23 -24.33 13.69
N ALA C 772 -12.98 -25.17 14.70
CA ALA C 772 -13.14 -24.76 16.09
C ALA C 772 -11.80 -24.49 16.77
N ARG C 773 -10.71 -24.71 16.05
CA ARG C 773 -9.38 -24.50 16.60
C ARG C 773 -8.98 -23.03 16.54
N ASP C 774 -8.48 -22.50 17.65
CA ASP C 774 -8.07 -21.11 17.72
C ASP C 774 -6.59 -20.96 17.38
N ALA C 775 -6.31 -20.21 16.33
CA ALA C 775 -4.94 -19.95 15.92
C ALA C 775 -4.16 -19.27 17.04
N GLU C 776 -4.88 -18.58 17.91
CA GLU C 776 -4.28 -17.89 19.05
C GLU C 776 -3.56 -18.86 19.98
N VAL C 777 -3.94 -20.15 19.95
CA VAL C 777 -3.24 -21.15 20.73
C VAL C 777 -1.80 -21.23 20.25
N LEU C 778 -1.62 -21.28 18.93
CA LEU C 778 -0.30 -21.36 18.34
C LEU C 778 0.53 -20.14 18.71
N ASN C 779 -0.09 -18.97 18.65
CA ASN C 779 0.58 -17.72 18.99
C ASN C 779 1.03 -17.71 20.45
N CYS C 780 0.18 -18.22 21.34
CA CYS C 780 0.52 -18.30 22.74
C CYS C 780 1.71 -19.24 22.95
N MET C 781 1.66 -20.39 22.29
CA MET C 781 2.72 -21.38 22.41
C MET C 781 4.06 -20.82 21.89
N THR C 782 3.98 -19.99 20.86
CA THR C 782 5.19 -19.39 20.29
C THR C 782 5.90 -18.55 21.36
N THR C 783 5.12 -17.74 22.08
CA THR C 783 5.68 -16.92 23.15
C THR C 783 6.24 -17.78 24.28
N VAL C 784 5.55 -18.86 24.60
CA VAL C 784 6.03 -19.77 25.64
C VAL C 784 7.37 -20.36 25.24
N VAL C 785 7.48 -20.86 24.01
CA VAL C 785 8.72 -21.46 23.55
C VAL C 785 9.82 -20.41 23.48
N GLU C 786 9.46 -19.22 23.02
CA GLU C 786 10.40 -18.11 22.90
C GLU C 786 11.07 -17.78 24.23
N LYS C 787 10.28 -17.72 25.30
N LYS C 787 10.26 -17.68 25.27
CA LYS C 787 10.75 -17.18 26.57
CA LYS C 787 10.71 -17.21 26.58
C LYS C 787 11.28 -18.23 27.55
C LYS C 787 11.41 -18.30 27.38
N VAL C 788 10.74 -19.45 27.51
CA VAL C 788 11.19 -20.51 28.41
C VAL C 788 11.36 -21.87 27.73
N GLY C 789 11.35 -21.87 26.40
CA GLY C 789 11.49 -23.10 25.63
C GLY C 789 12.70 -23.91 26.03
N HIS C 790 13.81 -23.23 26.27
CA HIS C 790 15.05 -23.90 26.67
C HIS C 790 14.93 -24.59 28.03
N MET C 791 13.90 -24.23 28.80
CA MET C 791 13.72 -24.79 30.14
C MET C 791 12.69 -25.91 30.20
N ILE C 792 11.89 -26.06 29.15
CA ILE C 792 10.81 -27.06 29.14
C ILE C 792 10.87 -27.98 27.91
N PRO C 793 11.97 -28.74 27.77
CA PRO C 793 12.14 -29.60 26.59
C PRO C 793 11.00 -30.59 26.39
N GLN C 794 10.49 -31.18 27.46
CA GLN C 794 9.37 -32.10 27.34
C GLN C 794 8.08 -31.36 27.01
N GLY C 795 7.98 -30.13 27.50
CA GLY C 795 6.85 -29.28 27.19
C GLY C 795 6.78 -28.94 25.72
N VAL C 796 7.93 -28.70 25.11
CA VAL C 796 7.97 -28.37 23.68
C VAL C 796 7.55 -29.58 22.86
N ILE C 797 8.03 -30.75 23.24
CA ILE C 797 7.65 -32.00 22.58
C ILE C 797 6.14 -32.15 22.61
N LEU C 798 5.55 -31.88 23.78
CA LEU C 798 4.10 -31.99 23.94
C LEU C 798 3.36 -31.01 23.03
N ILE C 799 3.90 -29.81 22.89
CA ILE C 799 3.33 -28.82 21.99
C ILE C 799 3.32 -29.34 20.56
N LEU C 800 4.46 -29.84 20.08
CA LEU C 800 4.56 -30.38 18.74
C LEU C 800 3.58 -31.53 18.52
N GLN C 801 3.55 -32.47 19.47
CA GLN C 801 2.68 -33.63 19.36
C GLN C 801 1.21 -33.21 19.19
N SER C 802 0.84 -32.11 19.84
CA SER C 802 -0.56 -31.72 19.90
C SER C 802 -1.01 -30.80 18.75
N VAL C 803 -0.09 -30.04 18.15
CA VAL C 803 -0.48 -29.06 17.13
C VAL C 803 0.15 -29.29 15.77
N PHE C 804 1.25 -30.02 15.69
CA PHE C 804 2.01 -30.07 14.44
C PHE C 804 1.24 -30.74 13.30
N GLU C 805 0.95 -32.03 13.44
CA GLU C 805 0.36 -32.77 12.34
C GLU C 805 -1.06 -32.32 12.02
N CYS C 806 -1.86 -32.01 13.03
CA CYS C 806 -3.25 -31.63 12.79
C CYS C 806 -3.35 -30.23 12.18
N THR C 807 -2.42 -29.34 12.53
CA THR C 807 -2.41 -28.02 11.90
C THR C 807 -1.88 -28.11 10.47
N LEU C 808 -0.84 -28.92 10.26
CA LEU C 808 -0.29 -29.11 8.93
C LEU C 808 -1.35 -29.61 7.95
N ASP C 809 -2.18 -30.55 8.41
CA ASP C 809 -3.23 -31.11 7.56
C ASP C 809 -4.31 -30.09 7.23
N MET C 810 -4.44 -29.05 8.05
CA MET C 810 -5.39 -27.97 7.76
C MET C 810 -4.92 -27.09 6.62
N ILE C 811 -3.60 -26.92 6.47
CA ILE C 811 -3.05 -25.89 5.60
C ILE C 811 -2.26 -26.41 4.39
N ASN C 812 -2.23 -27.72 4.20
CA ASN C 812 -1.41 -28.32 3.13
C ASN C 812 -2.22 -28.83 1.94
N LYS C 813 -3.46 -28.37 1.82
CA LYS C 813 -4.31 -28.72 0.68
C LYS C 813 -4.39 -27.56 -0.31
N ASP C 814 -4.15 -26.36 0.19
CA ASP C 814 -4.09 -25.16 -0.64
C ASP C 814 -3.34 -24.06 0.11
N PHE C 815 -3.25 -22.88 -0.49
CA PHE C 815 -2.47 -21.78 0.09
C PHE C 815 -3.36 -20.73 0.76
N THR C 816 -4.67 -20.91 0.71
CA THR C 816 -5.60 -19.86 1.12
C THR C 816 -6.36 -20.16 2.42
N GLU C 817 -6.71 -21.43 2.65
CA GLU C 817 -7.53 -21.78 3.81
C GLU C 817 -6.78 -21.59 5.13
N TYR C 818 -7.53 -21.19 6.15
CA TYR C 818 -6.98 -21.00 7.50
C TYR C 818 -5.74 -20.12 7.51
N PRO C 819 -5.88 -18.88 7.02
CA PRO C 819 -4.73 -17.97 6.87
C PRO C 819 -4.02 -17.64 8.18
N GLU C 820 -4.75 -17.50 9.28
CA GLU C 820 -4.14 -17.19 10.56
C GLU C 820 -3.36 -18.38 11.11
N HIS C 821 -3.95 -19.57 11.01
CA HIS C 821 -3.29 -20.79 11.47
C HIS C 821 -1.98 -20.98 10.70
N ARG C 822 -2.07 -20.75 9.40
CA ARG C 822 -0.93 -20.84 8.49
C ARG C 822 0.25 -20.00 8.97
N VAL C 823 -0.01 -18.74 9.26
CA VAL C 823 1.02 -17.80 9.68
C VAL C 823 1.59 -18.16 11.05
N GLU C 824 0.71 -18.42 12.01
CA GLU C 824 1.15 -18.73 13.37
C GLU C 824 1.89 -20.06 13.42
N PHE C 825 1.51 -20.98 12.52
CA PHE C 825 2.10 -22.31 12.45
C PHE C 825 3.61 -22.24 12.18
N TYR C 826 4.00 -21.44 11.21
CA TYR C 826 5.41 -21.35 10.84
C TYR C 826 6.21 -20.46 11.79
N LYS C 827 5.53 -19.53 12.43
CA LYS C 827 6.16 -18.76 13.49
C LYS C 827 6.52 -19.68 14.66
N LEU C 828 5.61 -20.62 14.96
CA LEU C 828 5.84 -21.57 16.03
C LEU C 828 6.98 -22.54 15.68
N LEU C 829 6.96 -23.07 14.46
CA LEU C 829 8.02 -23.98 14.03
C LEU C 829 9.36 -23.28 14.03
N LYS C 830 9.36 -22.01 13.61
CA LYS C 830 10.59 -21.24 13.57
C LYS C 830 11.23 -21.10 14.96
N VAL C 831 10.43 -20.77 15.96
CA VAL C 831 10.98 -20.58 17.30
C VAL C 831 11.37 -21.91 17.94
N ILE C 832 10.61 -22.97 17.65
CA ILE C 832 10.97 -24.30 18.14
C ILE C 832 12.29 -24.74 17.54
N ASN C 833 12.46 -24.50 16.26
CA ASN C 833 13.70 -24.82 15.57
C ASN C 833 14.86 -24.01 16.14
N GLU C 834 14.56 -22.79 16.57
CA GLU C 834 15.56 -21.90 17.17
C GLU C 834 15.90 -22.27 18.61
N LYS C 835 14.89 -22.48 19.44
CA LYS C 835 15.08 -22.59 20.89
C LYS C 835 15.18 -24.02 21.39
N SER C 836 14.50 -24.94 20.72
CA SER C 836 14.44 -26.33 21.19
CA SER C 836 14.40 -26.33 21.18
C SER C 836 14.50 -27.31 20.01
N PHE C 837 15.58 -27.21 19.25
CA PHE C 837 15.78 -28.08 18.09
C PHE C 837 15.71 -29.56 18.47
N ALA C 838 16.05 -29.87 19.71
CA ALA C 838 16.02 -31.24 20.19
C ALA C 838 14.64 -31.86 20.04
N ALA C 839 13.60 -31.03 20.05
CA ALA C 839 12.23 -31.53 19.90
C ALA C 839 12.03 -32.19 18.54
N PHE C 840 12.69 -31.65 17.52
CA PHE C 840 12.59 -32.21 16.17
C PHE C 840 13.43 -33.48 16.06
N LEU C 841 14.50 -33.56 16.83
CA LEU C 841 15.31 -34.77 16.88
C LEU C 841 14.53 -35.94 17.47
N GLU C 842 13.62 -35.65 18.40
CA GLU C 842 12.84 -36.70 19.05
C GLU C 842 11.70 -37.18 18.16
N LEU C 843 11.35 -36.42 17.13
CA LEU C 843 10.28 -36.81 16.22
C LEU C 843 10.58 -38.16 15.58
N PRO C 844 9.56 -39.01 15.43
CA PRO C 844 9.82 -40.23 14.65
C PRO C 844 10.08 -39.88 13.18
N PRO C 845 10.83 -40.74 12.46
CA PRO C 845 11.22 -40.48 11.07
C PRO C 845 10.11 -39.94 10.19
N ALA C 846 8.90 -40.50 10.29
CA ALA C 846 7.79 -40.07 9.46
C ALA C 846 7.40 -38.63 9.73
N ALA C 847 7.36 -38.26 11.02
CA ALA C 847 6.98 -36.90 11.40
C ALA C 847 8.05 -35.89 11.01
N PHE C 848 9.32 -36.29 11.08
CA PHE C 848 10.41 -35.41 10.65
C PHE C 848 10.32 -35.19 9.14
N LYS C 849 9.83 -36.19 8.41
CA LYS C 849 9.66 -36.04 6.98
C LYS C 849 8.55 -35.02 6.70
N LEU C 850 7.50 -35.04 7.52
CA LEU C 850 6.43 -34.06 7.40
C LEU C 850 6.95 -32.66 7.69
N PHE C 851 7.89 -32.57 8.63
CA PHE C 851 8.50 -31.30 8.99
C PHE C 851 9.23 -30.72 7.78
N VAL C 852 10.05 -31.53 7.12
CA VAL C 852 10.75 -31.11 5.91
C VAL C 852 9.75 -30.71 4.81
N ASP C 853 8.72 -31.52 4.63
CA ASP C 853 7.66 -31.21 3.67
C ASP C 853 7.00 -29.87 3.98
N ALA C 854 6.74 -29.63 5.26
CA ALA C 854 6.09 -28.40 5.70
C ALA C 854 6.94 -27.17 5.36
N ILE C 855 8.26 -27.29 5.54
CA ILE C 855 9.16 -26.18 5.25
C ILE C 855 9.15 -25.85 3.77
N CYS C 856 9.25 -26.87 2.92
CA CYS C 856 9.24 -26.68 1.47
C CYS C 856 7.88 -26.12 1.03
N TRP C 857 6.82 -26.61 1.66
CA TRP C 857 5.47 -26.08 1.43
C TRP C 857 5.45 -24.56 1.65
N ALA C 858 6.14 -24.11 2.69
CA ALA C 858 6.22 -22.68 2.98
C ALA C 858 6.97 -21.91 1.89
N PHE C 859 8.00 -22.53 1.29
CA PHE C 859 8.72 -21.91 0.17
C PHE C 859 7.76 -21.45 -0.91
N LYS C 860 6.75 -22.28 -1.18
CA LYS C 860 5.92 -22.13 -2.35
C LYS C 860 4.80 -21.12 -2.14
N HIS C 861 4.68 -20.59 -0.92
CA HIS C 861 3.71 -19.55 -0.64
C HIS C 861 4.13 -18.24 -1.28
N ASN C 862 3.16 -17.53 -1.84
CA ASN C 862 3.37 -16.16 -2.28
C ASN C 862 3.18 -15.22 -1.10
N ASN C 863 2.40 -15.70 -0.13
CA ASN C 863 2.25 -15.02 1.16
C ASN C 863 3.60 -14.80 1.81
N ARG C 864 3.97 -13.52 1.97
CA ARG C 864 5.25 -13.15 2.57
C ARG C 864 5.33 -13.60 4.03
N ASP C 865 4.21 -13.53 4.74
CA ASP C 865 4.17 -13.88 6.16
C ASP C 865 4.41 -15.38 6.39
N VAL C 866 4.49 -16.15 5.31
CA VAL C 866 4.78 -17.58 5.39
C VAL C 866 6.11 -17.90 4.71
N GLU C 867 6.28 -17.35 3.50
CA GLU C 867 7.46 -17.62 2.68
C GLU C 867 8.76 -17.29 3.41
N VAL C 868 8.79 -16.13 4.05
CA VAL C 868 9.99 -15.65 4.73
C VAL C 868 10.38 -16.58 5.87
N ASN C 869 9.41 -16.95 6.70
CA ASN C 869 9.68 -17.85 7.82
C ASN C 869 10.09 -19.23 7.33
N GLY C 870 9.45 -19.69 6.25
CA GLY C 870 9.80 -20.97 5.66
C GLY C 870 11.25 -21.00 5.22
N LEU C 871 11.70 -19.93 4.59
CA LEU C 871 13.07 -19.84 4.11
C LEU C 871 14.04 -19.72 5.29
N GLN C 872 13.60 -19.06 6.35
CA GLN C 872 14.44 -18.90 7.54
C GLN C 872 14.54 -20.22 8.31
N ILE C 873 13.44 -20.97 8.38
CA ILE C 873 13.46 -22.26 9.06
C ILE C 873 14.41 -23.22 8.36
N ALA C 874 14.39 -23.19 7.03
CA ALA C 874 15.25 -24.06 6.24
C ALA C 874 16.72 -23.74 6.52
N LEU C 875 17.03 -22.46 6.54
CA LEU C 875 18.40 -22.01 6.80
C LEU C 875 18.86 -22.39 8.20
N ASP C 876 18.03 -22.10 9.19
CA ASP C 876 18.34 -22.43 10.58
C ASP C 876 18.47 -23.93 10.78
N LEU C 877 17.67 -24.69 10.04
CA LEU C 877 17.68 -26.14 10.14
C LEU C 877 19.01 -26.71 9.63
N VAL C 878 19.43 -26.24 8.46
CA VAL C 878 20.71 -26.65 7.89
C VAL C 878 21.84 -26.33 8.86
N LYS C 879 21.77 -25.15 9.47
CA LYS C 879 22.73 -24.77 10.50
C LYS C 879 22.67 -25.71 11.70
N ASN C 880 21.46 -25.99 12.18
CA ASN C 880 21.27 -26.92 13.30
C ASN C 880 21.91 -28.26 13.01
N ILE C 881 21.68 -28.79 11.82
CA ILE C 881 22.25 -30.06 11.40
C ILE C 881 23.77 -29.97 11.32
N GLU C 882 24.28 -28.88 10.76
CA GLU C 882 25.70 -28.66 10.64
C GLU C 882 26.38 -28.68 12.02
N ARG C 883 25.76 -28.03 13.00
CA ARG C 883 26.29 -27.95 14.35
C ARG C 883 26.47 -29.32 15.00
N MET C 884 25.70 -30.31 14.52
CA MET C 884 25.74 -31.64 15.12
C MET C 884 27.04 -32.36 14.79
N GLY C 885 27.67 -31.96 13.69
CA GLY C 885 28.92 -32.57 13.28
C GLY C 885 28.71 -33.91 12.62
N ASN C 886 29.75 -34.74 12.62
CA ASN C 886 29.71 -36.03 11.96
C ASN C 886 29.05 -37.10 12.84
N VAL C 887 27.74 -37.01 12.98
CA VAL C 887 26.97 -37.99 13.73
C VAL C 887 25.90 -38.59 12.84
N PRO C 888 25.38 -39.78 13.20
CA PRO C 888 24.42 -40.51 12.35
C PRO C 888 23.21 -39.68 11.90
N PHE C 889 22.65 -38.86 12.79
CA PHE C 889 21.44 -38.11 12.45
C PHE C 889 21.72 -37.09 11.34
N ALA C 890 22.85 -36.39 11.45
CA ALA C 890 23.22 -35.40 10.46
C ALA C 890 23.51 -36.07 9.11
N ASN C 891 24.19 -37.21 9.16
CA ASN C 891 24.52 -37.94 7.94
C ASN C 891 23.27 -38.44 7.23
N GLU C 892 22.32 -38.95 8.01
CA GLU C 892 21.06 -39.41 7.44
C GLU C 892 20.25 -38.24 6.91
N PHE C 893 20.31 -37.11 7.60
CA PHE C 893 19.61 -35.92 7.16
C PHE C 893 20.05 -35.52 5.75
N HIS C 894 21.36 -35.45 5.55
CA HIS C 894 21.90 -35.05 4.25
C HIS C 894 21.54 -36.06 3.17
N LYS C 895 21.68 -37.34 3.50
CA LYS C 895 21.34 -38.41 2.57
C LYS C 895 19.89 -38.34 2.15
N ASN C 896 19.02 -37.97 3.09
CA ASN C 896 17.58 -37.95 2.84
C ASN C 896 17.07 -36.65 2.25
N TYR C 897 17.65 -35.53 2.66
CA TYR C 897 17.01 -34.23 2.44
C TYR C 897 17.88 -33.14 1.81
N PHE C 898 19.17 -33.38 1.62
CA PHE C 898 20.02 -32.34 1.05
C PHE C 898 19.55 -31.93 -0.34
N PHE C 899 19.37 -32.90 -1.23
CA PHE C 899 18.99 -32.59 -2.60
C PHE C 899 17.54 -32.15 -2.72
N ILE C 900 16.72 -32.55 -1.76
CA ILE C 900 15.35 -32.07 -1.70
C ILE C 900 15.34 -30.56 -1.46
N PHE C 901 16.17 -30.09 -0.53
CA PHE C 901 16.24 -28.66 -0.26
C PHE C 901 16.91 -27.90 -1.42
N VAL C 902 17.92 -28.50 -2.04
CA VAL C 902 18.59 -27.87 -3.17
C VAL C 902 17.60 -27.70 -4.34
N SER C 903 16.89 -28.77 -4.67
CA SER C 903 15.98 -28.75 -5.81
C SER C 903 14.77 -27.86 -5.56
N GLU C 904 14.20 -27.95 -4.36
CA GLU C 904 13.04 -27.12 -4.01
C GLU C 904 13.39 -25.64 -4.02
N THR C 905 14.58 -25.32 -3.51
CA THR C 905 15.03 -23.93 -3.50
C THR C 905 15.23 -23.43 -4.93
N PHE C 906 15.87 -24.26 -5.75
CA PHE C 906 16.07 -23.92 -7.16
C PHE C 906 14.74 -23.70 -7.87
N PHE C 907 13.74 -24.51 -7.52
CA PHE C 907 12.45 -24.42 -8.17
C PHE C 907 11.78 -23.06 -7.93
N VAL C 908 11.76 -22.59 -6.69
CA VAL C 908 11.11 -21.32 -6.39
C VAL C 908 11.95 -20.14 -6.90
N LEU C 909 13.26 -20.36 -7.00
CA LEU C 909 14.15 -19.35 -7.56
C LEU C 909 13.84 -19.07 -9.03
N THR C 910 13.51 -20.11 -9.78
CA THR C 910 13.45 -20.02 -11.24
C THR C 910 12.02 -20.01 -11.85
N ASP C 911 10.99 -20.11 -11.02
CA ASP C 911 9.63 -20.27 -11.56
C ASP C 911 8.88 -18.95 -11.74
N SER C 912 9.56 -17.84 -11.42
CA SER C 912 9.04 -16.50 -11.70
C SER C 912 7.78 -16.13 -10.93
N ASP C 913 7.42 -16.92 -9.92
CA ASP C 913 6.23 -16.65 -9.10
C ASP C 913 6.58 -16.43 -7.63
N HIS C 914 7.88 -16.34 -7.32
CA HIS C 914 8.33 -16.10 -5.95
C HIS C 914 9.49 -15.11 -5.94
N LYS C 915 9.37 -14.07 -6.77
CA LYS C 915 10.44 -13.08 -6.93
C LYS C 915 10.75 -12.36 -5.63
N SER C 916 9.76 -12.25 -4.75
CA SER C 916 9.91 -11.52 -3.49
C SER C 916 10.88 -12.19 -2.54
N GLY C 917 11.05 -13.51 -2.67
CA GLY C 917 11.90 -14.27 -1.77
C GLY C 917 13.30 -14.51 -2.29
N PHE C 918 13.66 -13.83 -3.39
CA PHE C 918 14.91 -14.10 -4.10
C PHE C 918 16.16 -14.05 -3.21
N SER C 919 16.29 -13.00 -2.42
CA SER C 919 17.48 -12.82 -1.59
C SER C 919 17.67 -13.96 -0.60
N LYS C 920 16.59 -14.37 0.06
CA LYS C 920 16.67 -15.44 1.05
C LYS C 920 16.79 -16.80 0.40
N GLN C 921 16.19 -16.95 -0.79
CA GLN C 921 16.37 -18.17 -1.57
C GLN C 921 17.83 -18.34 -1.95
N ALA C 922 18.44 -17.25 -2.39
CA ALA C 922 19.85 -17.26 -2.80
C ALA C 922 20.75 -17.59 -1.62
N LEU C 923 20.41 -17.04 -0.46
CA LEU C 923 21.19 -17.28 0.74
C LEU C 923 21.16 -18.76 1.10
N LEU C 924 19.96 -19.35 1.06
CA LEU C 924 19.79 -20.76 1.38
C LEU C 924 20.54 -21.65 0.39
N LEU C 925 20.44 -21.31 -0.90
CA LEU C 925 21.12 -22.10 -1.92
C LEU C 925 22.63 -22.01 -1.74
N MET C 926 23.12 -20.83 -1.42
CA MET C 926 24.55 -20.62 -1.23
C MET C 926 25.05 -21.43 -0.03
N LYS C 927 24.27 -21.44 1.05
CA LYS C 927 24.60 -22.21 2.23
C LYS C 927 24.70 -23.70 1.89
N LEU C 928 23.75 -24.19 1.11
CA LEU C 928 23.72 -25.60 0.73
C LEU C 928 24.92 -25.99 -0.13
N ILE C 929 25.23 -25.16 -1.12
CA ILE C 929 26.35 -25.44 -2.03
C ILE C 929 27.68 -25.35 -1.27
N SER C 930 27.77 -24.44 -0.31
CA SER C 930 29.01 -24.25 0.44
C SER C 930 29.31 -25.43 1.37
N LEU C 931 28.26 -26.11 1.82
CA LEU C 931 28.44 -27.31 2.64
C LEU C 931 29.25 -28.36 1.91
N VAL C 932 28.97 -28.54 0.63
CA VAL C 932 29.64 -29.57 -0.16
C VAL C 932 31.07 -29.15 -0.51
N TYR C 933 31.25 -27.88 -0.83
CA TYR C 933 32.56 -27.39 -1.25
C TYR C 933 33.43 -26.92 -0.08
N ASP C 934 32.95 -27.17 1.14
CA ASP C 934 33.79 -27.09 2.34
C ASP C 934 33.93 -28.48 2.96
N ASN C 935 33.43 -29.49 2.26
CA ASN C 935 33.43 -30.87 2.76
C ASN C 935 32.87 -30.98 4.17
N LYS C 936 31.74 -30.31 4.41
CA LYS C 936 31.09 -30.36 5.72
C LYS C 936 30.01 -31.44 5.75
N ILE C 937 29.89 -32.18 4.64
CA ILE C 937 29.05 -33.37 4.59
C ILE C 937 29.96 -34.59 4.50
N SER C 938 29.94 -35.40 5.55
CA SER C 938 30.91 -36.48 5.71
C SER C 938 30.64 -37.67 4.78
N VAL C 939 29.37 -38.02 4.63
CA VAL C 939 28.99 -39.20 3.86
C VAL C 939 28.74 -38.87 2.38
N PRO C 940 28.85 -39.88 1.50
CA PRO C 940 28.49 -39.67 0.09
C PRO C 940 27.02 -39.34 -0.09
N LEU C 941 26.73 -38.32 -0.89
CA LEU C 941 25.36 -37.90 -1.16
C LEU C 941 24.71 -38.80 -2.21
N TYR C 942 25.50 -39.69 -2.79
CA TYR C 942 25.04 -40.60 -3.84
C TYR C 942 24.97 -42.02 -3.32
N GLN C 943 24.15 -42.84 -3.97
CA GLN C 943 24.07 -44.26 -3.62
C GLN C 943 25.30 -44.99 -4.16
N GLU C 944 25.66 -46.08 -3.50
CA GLU C 944 26.91 -46.79 -3.76
C GLU C 944 27.07 -47.21 -5.23
N ALA C 945 25.95 -47.52 -5.88
CA ALA C 945 25.97 -48.00 -7.26
C ALA C 945 25.93 -46.86 -8.28
N GLU C 946 25.52 -45.67 -7.84
CA GLU C 946 25.23 -44.56 -8.74
C GLU C 946 26.46 -44.06 -9.52
N VAL C 947 27.46 -43.54 -8.80
CA VAL C 947 28.72 -43.10 -9.43
C VAL C 947 29.87 -43.95 -8.89
N PRO C 948 31.04 -43.91 -9.55
CA PRO C 948 32.14 -44.73 -9.05
C PRO C 948 32.54 -44.41 -7.61
N GLN C 949 33.11 -45.41 -6.94
CA GLN C 949 33.54 -45.28 -5.56
C GLN C 949 34.66 -44.24 -5.45
N GLY C 950 34.59 -43.42 -4.42
CA GLY C 950 35.61 -42.39 -4.19
C GLY C 950 35.26 -41.05 -4.83
N THR C 951 34.17 -41.00 -5.57
CA THR C 951 33.72 -39.74 -6.18
C THR C 951 33.39 -38.73 -5.08
N SER C 952 33.93 -37.51 -5.21
CA SER C 952 33.69 -36.47 -4.24
C SER C 952 32.26 -35.95 -4.36
N ASN C 953 31.71 -35.47 -3.25
CA ASN C 953 30.37 -34.88 -3.26
C ASN C 953 30.34 -33.65 -4.16
N GLN C 954 31.48 -32.98 -4.29
CA GLN C 954 31.61 -31.83 -5.19
C GLN C 954 31.28 -32.23 -6.62
N VAL C 955 31.95 -33.26 -7.11
CA VAL C 955 31.72 -33.75 -8.47
C VAL C 955 30.29 -34.20 -8.65
N TYR C 956 29.75 -34.92 -7.68
CA TYR C 956 28.40 -35.46 -7.80
C TYR C 956 27.36 -34.34 -7.75
N LEU C 957 27.62 -33.30 -6.99
CA LEU C 957 26.71 -32.15 -6.92
C LEU C 957 26.60 -31.47 -8.27
N SER C 958 27.74 -31.24 -8.92
CA SER C 958 27.75 -30.63 -10.25
C SER C 958 26.99 -31.51 -11.23
N GLN C 959 27.16 -32.81 -11.10
CA GLN C 959 26.52 -33.78 -11.97
C GLN C 959 25.01 -33.80 -11.74
N TYR C 960 24.61 -33.87 -10.48
CA TYR C 960 23.19 -33.83 -10.12
C TYR C 960 22.54 -32.55 -10.63
N LEU C 961 23.18 -31.42 -10.37
CA LEU C 961 22.63 -30.11 -10.74
C LEU C 961 22.56 -29.96 -12.26
N ALA C 962 23.59 -30.40 -12.96
CA ALA C 962 23.60 -30.32 -14.41
C ALA C 962 22.45 -31.11 -15.01
N ASN C 963 22.21 -32.30 -14.48
CA ASN C 963 21.11 -33.14 -14.93
C ASN C 963 19.76 -32.53 -14.60
N MET C 964 19.66 -31.94 -13.41
CA MET C 964 18.43 -31.30 -12.96
C MET C 964 18.04 -30.15 -13.88
N LEU C 965 19.01 -29.31 -14.22
CA LEU C 965 18.75 -28.13 -15.03
C LEU C 965 18.53 -28.49 -16.50
N SER C 966 19.16 -29.57 -16.94
CA SER C 966 18.98 -30.04 -18.31
C SER C 966 17.54 -30.49 -18.53
N ASN C 967 16.97 -31.19 -17.56
CA ASN C 967 15.61 -31.69 -17.67
C ASN C 967 14.57 -30.60 -17.43
N ALA C 968 14.88 -29.67 -16.53
CA ALA C 968 13.95 -28.59 -16.19
C ALA C 968 13.99 -27.47 -17.23
N PHE C 969 15.15 -27.28 -17.85
CA PHE C 969 15.33 -26.22 -18.84
C PHE C 969 16.00 -26.79 -20.09
N PRO C 970 15.27 -27.63 -20.84
CA PRO C 970 15.83 -28.37 -21.98
C PRO C 970 16.32 -27.49 -23.13
N HIS C 971 15.94 -26.21 -23.14
CA HIS C 971 16.36 -25.32 -24.23
C HIS C 971 17.73 -24.70 -23.99
N LEU C 972 18.29 -24.94 -22.80
CA LEU C 972 19.66 -24.50 -22.51
C LEU C 972 20.66 -25.49 -23.06
N THR C 973 21.81 -24.99 -23.52
CA THR C 973 22.88 -25.87 -23.97
C THR C 973 23.62 -26.42 -22.77
N SER C 974 24.29 -27.56 -22.96
CA SER C 974 25.07 -28.18 -21.90
C SER C 974 26.16 -27.22 -21.41
N GLU C 975 26.68 -26.40 -22.31
CA GLU C 975 27.74 -25.46 -21.99
C GLU C 975 27.23 -24.32 -21.11
N GLN C 976 26.02 -23.85 -21.40
CA GLN C 976 25.36 -22.84 -20.57
C GLN C 976 25.24 -23.35 -19.14
N ILE C 977 24.69 -24.54 -19.00
CA ILE C 977 24.47 -25.16 -17.69
C ILE C 977 25.80 -25.36 -16.98
N ALA C 978 26.80 -25.86 -17.69
CA ALA C 978 28.11 -26.11 -17.09
C ALA C 978 28.79 -24.81 -16.64
N SER C 979 28.72 -23.79 -17.49
CA SER C 979 29.33 -22.50 -17.18
C SER C 979 28.64 -21.85 -15.99
N PHE C 980 27.30 -21.92 -15.99
CA PHE C 980 26.51 -21.38 -14.89
C PHE C 980 26.88 -22.03 -13.56
N LEU C 981 26.91 -23.36 -13.53
CA LEU C 981 27.21 -24.08 -12.30
C LEU C 981 28.65 -23.89 -11.84
N SER C 982 29.58 -23.75 -12.79
CA SER C 982 30.97 -23.52 -12.45
CA SER C 982 30.97 -23.51 -12.46
C SER C 982 31.13 -22.15 -11.77
N ALA C 983 30.46 -21.15 -12.33
CA ALA C 983 30.48 -19.81 -11.75
C ALA C 983 29.82 -19.81 -10.38
N LEU C 984 28.61 -20.36 -10.33
CA LEU C 984 27.82 -20.39 -9.10
C LEU C 984 28.60 -21.07 -7.97
N THR C 985 29.24 -22.18 -8.30
CA THR C 985 30.03 -22.94 -7.35
C THR C 985 31.22 -22.14 -6.83
N LYS C 986 31.96 -21.52 -7.75
CA LYS C 986 33.13 -20.72 -7.40
C LYS C 986 32.77 -19.56 -6.47
N GLN C 987 31.53 -19.08 -6.59
CA GLN C 987 31.12 -17.84 -5.96
C GLN C 987 30.29 -18.06 -4.69
N CYS C 988 30.34 -19.27 -4.13
CA CYS C 988 29.44 -19.62 -3.02
C CYS C 988 29.91 -19.05 -1.68
N LYS C 989 30.90 -18.15 -1.71
CA LYS C 989 31.30 -17.42 -0.51
C LYS C 989 30.97 -15.92 -0.63
N ASP C 990 30.67 -15.49 -1.86
CA ASP C 990 30.37 -14.07 -2.13
C ASP C 990 28.91 -13.93 -2.56
N LEU C 991 28.05 -13.57 -1.62
CA LEU C 991 26.61 -13.52 -1.85
C LEU C 991 26.21 -12.56 -2.97
N VAL C 992 26.79 -11.36 -2.97
CA VAL C 992 26.45 -10.36 -3.98
C VAL C 992 26.73 -10.86 -5.39
N VAL C 993 27.90 -11.46 -5.58
CA VAL C 993 28.28 -11.99 -6.89
C VAL C 993 27.43 -13.21 -7.23
N PHE C 994 27.26 -14.09 -6.25
CA PHE C 994 26.42 -15.28 -6.34
C PHE C 994 25.02 -14.92 -6.86
N LYS C 995 24.42 -13.89 -6.27
CA LYS C 995 23.09 -13.44 -6.66
C LYS C 995 23.10 -12.88 -8.07
N GLY C 996 24.19 -12.21 -8.45
CA GLY C 996 24.35 -11.69 -9.78
C GLY C 996 24.33 -12.81 -10.80
N THR C 997 25.00 -13.92 -10.47
CA THR C 997 25.05 -15.08 -11.35
C THR C 997 23.69 -15.74 -11.47
N LEU C 998 22.94 -15.77 -10.36
CA LEU C 998 21.59 -16.31 -10.38
C LEU C 998 20.68 -15.46 -11.27
N ARG C 999 20.80 -14.14 -11.14
CA ARG C 999 19.99 -13.23 -11.95
C ARG C 999 20.31 -13.38 -13.44
N ASP C 1000 21.59 -13.59 -13.76
CA ASP C 1000 21.99 -13.83 -15.14
C ASP C 1000 21.34 -15.11 -15.67
N PHE C 1001 21.28 -16.12 -14.83
CA PHE C 1001 20.65 -17.39 -15.19
C PHE C 1001 19.16 -17.19 -15.44
N LEU C 1002 18.51 -16.38 -14.62
CA LEU C 1002 17.08 -16.13 -14.77
C LEU C 1002 16.80 -15.40 -16.08
N VAL C 1003 17.74 -14.57 -16.52
CA VAL C 1003 17.61 -13.92 -17.83
C VAL C 1003 17.74 -14.94 -18.95
N GLN C 1004 18.75 -15.81 -18.86
CA GLN C 1004 19.06 -16.72 -19.95
C GLN C 1004 18.00 -17.80 -20.17
N ILE C 1005 17.31 -18.24 -19.12
CA ILE C 1005 16.28 -19.27 -19.29
C ILE C 1005 15.03 -18.71 -19.97
N LYS C 1006 14.96 -17.38 -20.09
CA LYS C 1006 13.84 -16.74 -20.76
C LYS C 1006 14.01 -16.67 -22.28
N GLU C 1007 15.18 -17.08 -22.76
CA GLU C 1007 15.49 -17.00 -24.18
C GLU C 1007 16.30 -18.20 -24.64
N VAL C 1008 16.52 -18.28 -25.94
CA VAL C 1008 17.34 -19.33 -26.52
C VAL C 1008 18.70 -18.77 -26.96
N GLY C 1009 19.76 -19.53 -26.71
CA GLY C 1009 21.07 -19.19 -27.23
C GLY C 1009 21.85 -18.20 -26.41
N GLY C 1010 21.59 -18.18 -25.10
CA GLY C 1010 22.36 -17.34 -24.19
C GLY C 1010 23.83 -17.70 -24.24
N ASP C 1011 24.68 -16.70 -24.04
CA ASP C 1011 26.12 -16.90 -24.14
C ASP C 1011 26.68 -17.47 -22.83
N PRO C 1012 27.32 -18.66 -22.89
CA PRO C 1012 27.85 -19.23 -21.64
C PRO C 1012 28.95 -18.40 -21.00
N THR C 1013 29.63 -17.57 -21.77
CA THR C 1013 30.73 -16.78 -21.23
C THR C 1013 30.23 -15.61 -20.38
N ASP C 1014 28.92 -15.35 -20.42
CA ASP C 1014 28.32 -14.34 -19.56
C ASP C 1014 28.60 -14.62 -18.09
N TYR C 1015 28.72 -15.91 -17.75
CA TYR C 1015 28.92 -16.31 -16.37
C TYR C 1015 30.35 -16.09 -15.89
N LEU C 1016 31.20 -15.61 -16.79
CA LEU C 1016 32.55 -15.21 -16.43
C LEU C 1016 32.62 -13.73 -16.06
N PHE C 1017 31.47 -13.08 -15.97
CA PHE C 1017 31.43 -11.63 -15.78
C PHE C 1017 32.19 -11.21 -14.51
N ALA C 1018 31.94 -11.90 -13.41
CA ALA C 1018 32.63 -11.60 -12.17
C ALA C 1018 34.13 -11.73 -12.37
N GLU C 1019 34.59 -12.97 -12.60
CA GLU C 1019 35.98 -13.22 -12.93
C GLU C 1019 36.17 -14.64 -13.44
N ARG D 5 -21.93 23.94 31.82
CA ARG D 5 -21.47 23.38 33.09
C ARG D 5 -20.36 22.35 32.84
N THR D 6 -20.63 21.43 31.94
CA THR D 6 -19.66 20.38 31.60
C THR D 6 -18.41 20.98 30.98
N PHE D 7 -18.59 21.92 30.06
CA PHE D 7 -17.48 22.55 29.34
C PHE D 7 -17.08 23.88 29.97
N ASP D 8 -17.39 24.06 31.25
CA ASP D 8 -16.95 25.24 31.98
C ASP D 8 -15.52 25.04 32.43
N MET D 9 -14.60 25.80 31.84
CA MET D 9 -13.17 25.61 32.06
C MET D 9 -12.61 26.57 33.10
N HIS D 10 -13.49 27.18 33.89
CA HIS D 10 -13.05 28.17 34.87
C HIS D 10 -12.07 27.58 35.87
N SER D 11 -12.24 26.29 36.14
CA SER D 11 -11.32 25.57 37.02
C SER D 11 -9.89 25.64 36.48
N LEU D 12 -9.76 25.49 35.16
CA LEU D 12 -8.44 25.59 34.52
C LEU D 12 -7.90 27.00 34.63
N GLU D 13 -8.75 27.99 34.43
CA GLU D 13 -8.35 29.40 34.53
C GLU D 13 -7.77 29.71 35.90
N SER D 14 -8.53 29.39 36.95
CA SER D 14 -8.14 29.71 38.32
C SER D 14 -6.80 29.07 38.68
N SER D 15 -6.60 27.84 38.22
CA SER D 15 -5.37 27.12 38.50
C SER D 15 -4.19 27.74 37.75
N LEU D 16 -4.49 28.36 36.61
CA LEU D 16 -3.46 28.93 35.77
C LEU D 16 -3.10 30.35 36.23
N ILE D 17 -4.10 31.09 36.69
CA ILE D 17 -3.86 32.41 37.29
C ILE D 17 -3.07 32.26 38.58
N ASP D 18 -3.34 31.19 39.32
CA ASP D 18 -2.69 30.93 40.60
C ASP D 18 -1.17 30.80 40.46
N ILE D 19 -0.71 30.56 39.24
CA ILE D 19 0.72 30.38 38.99
C ILE D 19 1.51 31.61 39.41
PG GNP E . -4.49 -10.09 -11.65
O1G GNP E . -3.76 -11.40 -11.76
O2G GNP E . -3.65 -9.02 -12.30
O3G GNP E . -5.81 -10.17 -12.38
N3B GNP E . -4.76 -9.77 -10.05
PB GNP E . -5.57 -8.42 -9.52
O1B GNP E . -6.82 -8.20 -10.33
O2B GNP E . -4.68 -7.20 -9.63
O3A GNP E . -5.93 -8.64 -8.00
PA GNP E . -7.33 -9.16 -7.46
O1A GNP E . -7.72 -10.43 -8.16
O2A GNP E . -8.37 -8.08 -7.68
O5' GNP E . -7.22 -9.42 -5.90
C5' GNP E . -6.18 -10.23 -5.42
C4' GNP E . -6.35 -10.43 -3.89
O4' GNP E . -6.12 -9.30 -3.28
C3' GNP E . -7.79 -10.82 -3.56
O3' GNP E . -7.83 -11.82 -2.65
C2' GNP E . -8.41 -9.54 -2.97
O2' GNP E . -9.49 -9.89 -2.00
C1' GNP E . -7.40 -8.99 -2.37
N9 GNP E . -7.54 -7.58 -2.20
C8 GNP E . -7.83 -6.68 -3.17
N7 GNP E . -7.86 -5.45 -2.62
C5 GNP E . -7.59 -5.58 -1.30
C6 GNP E . -7.51 -4.64 -0.28
O6 GNP E . -7.69 -3.47 -0.50
N1 GNP E . -7.22 -5.05 0.97
C2 GNP E . -7.02 -6.37 1.23
N2 GNP E . -6.72 -6.82 2.55
N3 GNP E . -7.10 -7.29 0.23
C4 GNP E . -7.39 -6.88 -1.04
MG MG F . -7.50 -9.17 -12.10
C1 GOL G . 5.68 -4.69 -16.80
O1 GOL G . 5.26 -4.15 -18.03
C2 GOL G . 6.49 -5.96 -17.04
O2 GOL G . 5.66 -7.10 -16.96
C3 GOL G . 7.62 -6.07 -16.02
O3 GOL G . 7.10 -5.85 -14.73
CL CL H . 32.81 17.17 -26.12
C1 GOL I . 1.54 -30.64 1.01
O1 GOL I . 1.67 -30.52 -0.39
C2 GOL I . 2.85 -31.15 1.60
O2 GOL I . 3.90 -30.93 0.70
C3 GOL I . 3.14 -30.46 2.93
O3 GOL I . 2.34 -31.02 3.94
C1 GOL J . -10.88 0.61 49.43
O1 GOL J . -10.11 -0.52 49.75
C2 GOL J . -10.80 0.87 47.93
O2 GOL J . -9.82 1.86 47.66
C3 GOL J . -12.15 1.35 47.41
O3 GOL J . -13.11 0.33 47.59
C1 GOL K . 15.81 -11.06 -10.90
O1 GOL K . 15.27 -12.01 -11.80
C2 GOL K . 15.03 -11.12 -9.59
O2 GOL K . 14.35 -12.34 -9.49
C3 GOL K . 15.98 -10.97 -8.42
O3 GOL K . 16.54 -9.67 -8.41
C1 GOL L . 8.78 -11.69 -40.66
O1 GOL L . 7.55 -12.36 -40.78
C2 GOL L . 9.23 -11.20 -42.03
O2 GOL L . 9.44 -9.81 -41.99
C3 GOL L . 10.50 -11.92 -42.47
O3 GOL L . 10.25 -13.31 -42.55
C1 GOL M . 9.73 25.85 -30.87
O1 GOL M . 8.85 24.94 -30.24
C2 GOL M . 10.98 25.11 -31.33
O2 GOL M . 11.18 25.34 -32.70
C3 GOL M . 12.19 25.60 -30.54
O3 GOL M . 12.97 26.44 -31.35
C1 GOL N . -2.03 19.38 1.90
O1 GOL N . -0.63 19.27 1.90
C2 GOL N . -2.48 20.23 0.72
O2 GOL N . -1.39 20.54 -0.10
C3 GOL N . -3.54 19.50 -0.09
O3 GOL N . -4.70 19.30 0.69
#